data_2Z14
# 
_entry.id   2Z14 
# 
_audit_conform.dict_name       mmcif_pdbx.dic 
_audit_conform.dict_version    5.380 
_audit_conform.dict_location   http://mmcif.pdb.org/dictionaries/ascii/mmcif_pdbx.dic 
# 
loop_
_database_2.database_id 
_database_2.database_code 
_database_2.pdbx_database_accession 
_database_2.pdbx_DOI 
PDB   2Z14         pdb_00002z14 10.2210/pdb2z14/pdb 
RCSB  RCSB027388   ?            ?                   
WWPDB D_1000027388 ?            ?                   
# 
loop_
_pdbx_database_related.db_name 
_pdbx_database_related.db_id 
_pdbx_database_related.details 
_pdbx_database_related.content_type 
PDB      2Z13           '2Z13 is Met-containing mutant for SeMet phasing.' unspecified 
TargetDB hsi002022525.2 .                                                  unspecified 
# 
_pdbx_database_status.status_code                     REL 
_pdbx_database_status.entry_id                        2Z14 
_pdbx_database_status.recvd_initial_deposition_date   2007-05-08 
_pdbx_database_status.deposit_site                    PDBJ 
_pdbx_database_status.process_site                    PDBJ 
_pdbx_database_status.status_code_sf                  REL 
_pdbx_database_status.status_code_mr                  ? 
_pdbx_database_status.SG_entry                        Y 
_pdbx_database_status.pdb_format_compatible           Y 
_pdbx_database_status.status_code_cs                  ? 
_pdbx_database_status.status_code_nmr_data            ? 
_pdbx_database_status.methods_development_category    ? 
# 
loop_
_audit_author.name 
_audit_author.pdbx_ordinal 
'Saito, K.'                                              1  
'Olsen, S.'                                              2  
'Kishishita, S.'                                         3  
'Nishino, A.'                                            4  
'Murayama, K.'                                           5  
'Terada, T.'                                             6  
'Shirouzu, M.'                                           7  
'Kigawa, T.'                                             8  
'Yokoyama, S.'                                           9  
'RIKEN Structural Genomics/Proteomics Initiative (RSGI)' 10 
# 
_citation.id                        primary 
_citation.title                     'Crystal structure of the N-terminal DUF1126 in human ef-hand domain containing 2 protein' 
_citation.journal_abbrev            'To be Published' 
_citation.journal_volume            ? 
_citation.page_first                ? 
_citation.page_last                 ? 
_citation.year                      ? 
_citation.journal_id_ASTM           ? 
_citation.country                   ? 
_citation.journal_id_ISSN           ? 
_citation.journal_id_CSD            0353 
_citation.book_publisher            ? 
_citation.pdbx_database_id_PubMed   ? 
_citation.pdbx_database_id_DOI      ? 
# 
loop_
_citation_author.citation_id 
_citation_author.name 
_citation_author.ordinal 
_citation_author.identifier_ORCID 
primary 'Saito, K.'      1 ? 
primary 'Olsen, S.'      2 ? 
primary 'Kishishita, S.' 3 ? 
primary 'Nishino, A.'    4 ? 
primary 'Murayama, K.'   5 ? 
primary 'Terada, T.'     6 ? 
primary 'Shirouzu, M.'   7 ? 
primary 'Kigawa, T.'     8 ? 
primary 'Yokoyama, S.'   9 ? 
# 
_cell.entry_id           2Z14 
_cell.length_a           95.455 
_cell.length_b           35.279 
_cell.length_c           39.150 
_cell.angle_alpha        90.00 
_cell.angle_beta         112.64 
_cell.angle_gamma        90.00 
_cell.Z_PDB              4 
_cell.pdbx_unique_axis   ? 
_cell.length_a_esd       ? 
_cell.length_b_esd       ? 
_cell.length_c_esd       ? 
_cell.angle_alpha_esd    ? 
_cell.angle_beta_esd     ? 
_cell.angle_gamma_esd    ? 
# 
_symmetry.entry_id                         2Z14 
_symmetry.space_group_name_H-M             'C 1 2 1' 
_symmetry.pdbx_full_space_group_name_H-M   ? 
_symmetry.cell_setting                     ? 
_symmetry.Int_Tables_number                5 
_symmetry.space_group_name_Hall            ? 
# 
loop_
_entity.id 
_entity.type 
_entity.src_method 
_entity.pdbx_description 
_entity.formula_weight 
_entity.pdbx_number_of_molecules 
_entity.pdbx_ec 
_entity.pdbx_mutation 
_entity.pdbx_fragment 
_entity.details 
1 polymer man 'EF-hand domain-containing family member C2' 15325.007 1   ? ? 'N-terminal DUF1126' ? 
2 water   nat water                                        18.015    197 ? ? ?                    ? 
# 
_entity_poly.entity_id                      1 
_entity_poly.type                           'polypeptide(L)' 
_entity_poly.nstd_linkage                   no 
_entity_poly.nstd_monomer                   no 
_entity_poly.pdbx_seq_one_letter_code       
;GSSGSSGWVAFDKQVLSFDAYLEEEVLDKSQTNYRIRYYKIYFYPEDDTIQVNEPEVKNSGLLQGTSIRRHRITLPPPDE
DQFYTVYHFNVGTEVVFYGRTFKIYDCDAFTRNFLRKIGVKVNPPVQSGPSSG
;
_entity_poly.pdbx_seq_one_letter_code_can   
;GSSGSSGWVAFDKQVLSFDAYLEEEVLDKSQTNYRIRYYKIYFYPEDDTIQVNEPEVKNSGLLQGTSIRRHRITLPPPDE
DQFYTVYHFNVGTEVVFYGRTFKIYDCDAFTRNFLRKIGVKVNPPVQSGPSSG
;
_entity_poly.pdbx_strand_id                 A 
_entity_poly.pdbx_target_identifier         hsi002022525.2 
# 
loop_
_entity_poly_seq.entity_id 
_entity_poly_seq.num 
_entity_poly_seq.mon_id 
_entity_poly_seq.hetero 
1 1   GLY n 
1 2   SER n 
1 3   SER n 
1 4   GLY n 
1 5   SER n 
1 6   SER n 
1 7   GLY n 
1 8   TRP n 
1 9   VAL n 
1 10  ALA n 
1 11  PHE n 
1 12  ASP n 
1 13  LYS n 
1 14  GLN n 
1 15  VAL n 
1 16  LEU n 
1 17  SER n 
1 18  PHE n 
1 19  ASP n 
1 20  ALA n 
1 21  TYR n 
1 22  LEU n 
1 23  GLU n 
1 24  GLU n 
1 25  GLU n 
1 26  VAL n 
1 27  LEU n 
1 28  ASP n 
1 29  LYS n 
1 30  SER n 
1 31  GLN n 
1 32  THR n 
1 33  ASN n 
1 34  TYR n 
1 35  ARG n 
1 36  ILE n 
1 37  ARG n 
1 38  TYR n 
1 39  TYR n 
1 40  LYS n 
1 41  ILE n 
1 42  TYR n 
1 43  PHE n 
1 44  TYR n 
1 45  PRO n 
1 46  GLU n 
1 47  ASP n 
1 48  ASP n 
1 49  THR n 
1 50  ILE n 
1 51  GLN n 
1 52  VAL n 
1 53  ASN n 
1 54  GLU n 
1 55  PRO n 
1 56  GLU n 
1 57  VAL n 
1 58  LYS n 
1 59  ASN n 
1 60  SER n 
1 61  GLY n 
1 62  LEU n 
1 63  LEU n 
1 64  GLN n 
1 65  GLY n 
1 66  THR n 
1 67  SER n 
1 68  ILE n 
1 69  ARG n 
1 70  ARG n 
1 71  HIS n 
1 72  ARG n 
1 73  ILE n 
1 74  THR n 
1 75  LEU n 
1 76  PRO n 
1 77  PRO n 
1 78  PRO n 
1 79  ASP n 
1 80  GLU n 
1 81  ASP n 
1 82  GLN n 
1 83  PHE n 
1 84  TYR n 
1 85  THR n 
1 86  VAL n 
1 87  TYR n 
1 88  HIS n 
1 89  PHE n 
1 90  ASN n 
1 91  VAL n 
1 92  GLY n 
1 93  THR n 
1 94  GLU n 
1 95  VAL n 
1 96  VAL n 
1 97  PHE n 
1 98  TYR n 
1 99  GLY n 
1 100 ARG n 
1 101 THR n 
1 102 PHE n 
1 103 LYS n 
1 104 ILE n 
1 105 TYR n 
1 106 ASP n 
1 107 CYS n 
1 108 ASP n 
1 109 ALA n 
1 110 PHE n 
1 111 THR n 
1 112 ARG n 
1 113 ASN n 
1 114 PHE n 
1 115 LEU n 
1 116 ARG n 
1 117 LYS n 
1 118 ILE n 
1 119 GLY n 
1 120 VAL n 
1 121 LYS n 
1 122 VAL n 
1 123 ASN n 
1 124 PRO n 
1 125 PRO n 
1 126 VAL n 
1 127 GLN n 
1 128 SER n 
1 129 GLY n 
1 130 PRO n 
1 131 SER n 
1 132 SER n 
1 133 GLY n 
# 
_entity_src_gen.entity_id                          1 
_entity_src_gen.pdbx_src_id                        1 
_entity_src_gen.pdbx_alt_source_flag               sample 
_entity_src_gen.pdbx_seq_type                      ? 
_entity_src_gen.pdbx_beg_seq_num                   ? 
_entity_src_gen.pdbx_end_seq_num                   ? 
_entity_src_gen.gene_src_common_name               human 
_entity_src_gen.gene_src_genus                     Homo 
_entity_src_gen.pdbx_gene_src_gene                 ? 
_entity_src_gen.gene_src_species                   ? 
_entity_src_gen.gene_src_strain                    ? 
_entity_src_gen.gene_src_tissue                    ? 
_entity_src_gen.gene_src_tissue_fraction           ? 
_entity_src_gen.gene_src_details                   ? 
_entity_src_gen.pdbx_gene_src_fragment             ? 
_entity_src_gen.pdbx_gene_src_scientific_name      'Homo sapiens' 
_entity_src_gen.pdbx_gene_src_ncbi_taxonomy_id     9606 
_entity_src_gen.pdbx_gene_src_variant              ? 
_entity_src_gen.pdbx_gene_src_cell_line            ? 
_entity_src_gen.pdbx_gene_src_atcc                 ? 
_entity_src_gen.pdbx_gene_src_organ                ? 
_entity_src_gen.pdbx_gene_src_organelle            ? 
_entity_src_gen.pdbx_gene_src_cell                 ? 
_entity_src_gen.pdbx_gene_src_cellular_location    ? 
_entity_src_gen.host_org_common_name               ? 
_entity_src_gen.pdbx_host_org_scientific_name      ? 
_entity_src_gen.pdbx_host_org_ncbi_taxonomy_id     ? 
_entity_src_gen.host_org_genus                     ? 
_entity_src_gen.pdbx_host_org_gene                 ? 
_entity_src_gen.pdbx_host_org_organ                ? 
_entity_src_gen.host_org_species                   ? 
_entity_src_gen.pdbx_host_org_tissue               ? 
_entity_src_gen.pdbx_host_org_tissue_fraction      ? 
_entity_src_gen.pdbx_host_org_strain               ? 
_entity_src_gen.pdbx_host_org_variant              ? 
_entity_src_gen.pdbx_host_org_cell_line            ? 
_entity_src_gen.pdbx_host_org_atcc                 ? 
_entity_src_gen.pdbx_host_org_culture_collection   ? 
_entity_src_gen.pdbx_host_org_cell                 ? 
_entity_src_gen.pdbx_host_org_organelle            ? 
_entity_src_gen.pdbx_host_org_cellular_location    ? 
_entity_src_gen.pdbx_host_org_vector_type          Plasmid 
_entity_src_gen.pdbx_host_org_vector               ? 
_entity_src_gen.host_org_details                   ? 
_entity_src_gen.expression_system_id               ? 
_entity_src_gen.plasmid_name                       PK051025-13 
_entity_src_gen.plasmid_details                    ? 
_entity_src_gen.pdbx_description                   'Cell-free protein synthesis' 
# 
_struct_ref.id                         1 
_struct_ref.db_name                    UNP 
_struct_ref.db_code                    EFHC2_HUMAN 
_struct_ref.pdbx_db_accession          Q5JST6 
_struct_ref.entity_id                  1 
_struct_ref.pdbx_seq_one_letter_code   
;WVAFDKQVLSFDAYLEEEVLDKSQTNYRIRYYKIYFYPEDDTIQVNEPEVKNSGLLQGTSIRRHRITLPPPDEDQFYTVY
HFNVGTEVVFYGRTFKIYDCDAFTRNFLRKIGVKVNPPVQ
;
_struct_ref.pdbx_align_begin           71 
_struct_ref.pdbx_db_isoform            ? 
# 
_struct_ref_seq.align_id                      1 
_struct_ref_seq.ref_id                        1 
_struct_ref_seq.pdbx_PDB_id_code              2Z14 
_struct_ref_seq.pdbx_strand_id                A 
_struct_ref_seq.seq_align_beg                 8 
_struct_ref_seq.pdbx_seq_align_beg_ins_code   ? 
_struct_ref_seq.seq_align_end                 127 
_struct_ref_seq.pdbx_seq_align_end_ins_code   ? 
_struct_ref_seq.pdbx_db_accession             Q5JST6 
_struct_ref_seq.db_align_beg                  71 
_struct_ref_seq.pdbx_db_align_beg_ins_code    ? 
_struct_ref_seq.db_align_end                  190 
_struct_ref_seq.pdbx_db_align_end_ins_code    ? 
_struct_ref_seq.pdbx_auth_seq_align_beg       8 
_struct_ref_seq.pdbx_auth_seq_align_end       127 
# 
loop_
_struct_ref_seq_dif.align_id 
_struct_ref_seq_dif.pdbx_pdb_id_code 
_struct_ref_seq_dif.mon_id 
_struct_ref_seq_dif.pdbx_pdb_strand_id 
_struct_ref_seq_dif.seq_num 
_struct_ref_seq_dif.pdbx_pdb_ins_code 
_struct_ref_seq_dif.pdbx_seq_db_name 
_struct_ref_seq_dif.pdbx_seq_db_accession_code 
_struct_ref_seq_dif.db_mon_id 
_struct_ref_seq_dif.pdbx_seq_db_seq_num 
_struct_ref_seq_dif.details 
_struct_ref_seq_dif.pdbx_auth_seq_num 
_struct_ref_seq_dif.pdbx_ordinal 
1 2Z14 GLY A 1   ? UNP Q5JST6 ? ? 'expression tag' 1   1  
1 2Z14 SER A 2   ? UNP Q5JST6 ? ? 'expression tag' 2   2  
1 2Z14 SER A 3   ? UNP Q5JST6 ? ? 'expression tag' 3   3  
1 2Z14 GLY A 4   ? UNP Q5JST6 ? ? 'expression tag' 4   4  
1 2Z14 SER A 5   ? UNP Q5JST6 ? ? 'expression tag' 5   5  
1 2Z14 SER A 6   ? UNP Q5JST6 ? ? 'expression tag' 6   6  
1 2Z14 GLY A 7   ? UNP Q5JST6 ? ? 'expression tag' 7   7  
1 2Z14 SER A 128 ? UNP Q5JST6 ? ? 'expression tag' 128 8  
1 2Z14 GLY A 129 ? UNP Q5JST6 ? ? 'expression tag' 129 9  
1 2Z14 PRO A 130 ? UNP Q5JST6 ? ? 'expression tag' 130 10 
1 2Z14 SER A 131 ? UNP Q5JST6 ? ? 'expression tag' 131 11 
1 2Z14 SER A 132 ? UNP Q5JST6 ? ? 'expression tag' 132 12 
1 2Z14 GLY A 133 ? UNP Q5JST6 ? ? 'expression tag' 133 13 
# 
loop_
_chem_comp.id 
_chem_comp.type 
_chem_comp.mon_nstd_flag 
_chem_comp.name 
_chem_comp.pdbx_synonyms 
_chem_comp.formula 
_chem_comp.formula_weight 
ALA 'L-peptide linking' y ALANINE         ? 'C3 H7 N O2'     89.093  
ARG 'L-peptide linking' y ARGININE        ? 'C6 H15 N4 O2 1' 175.209 
ASN 'L-peptide linking' y ASPARAGINE      ? 'C4 H8 N2 O3'    132.118 
ASP 'L-peptide linking' y 'ASPARTIC ACID' ? 'C4 H7 N O4'     133.103 
CYS 'L-peptide linking' y CYSTEINE        ? 'C3 H7 N O2 S'   121.158 
GLN 'L-peptide linking' y GLUTAMINE       ? 'C5 H10 N2 O3'   146.144 
GLU 'L-peptide linking' y 'GLUTAMIC ACID' ? 'C5 H9 N O4'     147.129 
GLY 'peptide linking'   y GLYCINE         ? 'C2 H5 N O2'     75.067  
HIS 'L-peptide linking' y HISTIDINE       ? 'C6 H10 N3 O2 1' 156.162 
HOH non-polymer         . WATER           ? 'H2 O'           18.015  
ILE 'L-peptide linking' y ISOLEUCINE      ? 'C6 H13 N O2'    131.173 
LEU 'L-peptide linking' y LEUCINE         ? 'C6 H13 N O2'    131.173 
LYS 'L-peptide linking' y LYSINE          ? 'C6 H15 N2 O2 1' 147.195 
PHE 'L-peptide linking' y PHENYLALANINE   ? 'C9 H11 N O2'    165.189 
PRO 'L-peptide linking' y PROLINE         ? 'C5 H9 N O2'     115.130 
SER 'L-peptide linking' y SERINE          ? 'C3 H7 N O3'     105.093 
THR 'L-peptide linking' y THREONINE       ? 'C4 H9 N O3'     119.119 
TRP 'L-peptide linking' y TRYPTOPHAN      ? 'C11 H12 N2 O2'  204.225 
TYR 'L-peptide linking' y TYROSINE        ? 'C9 H11 N O3'    181.189 
VAL 'L-peptide linking' y VALINE          ? 'C5 H11 N O2'    117.146 
# 
_exptl.entry_id          2Z14 
_exptl.method            'X-RAY DIFFRACTION' 
_exptl.crystals_number   1 
# 
_exptl_crystal.id                    1 
_exptl_crystal.density_meas          ? 
_exptl_crystal.density_Matthews      1.98 
_exptl_crystal.density_percent_sol   38.03 
_exptl_crystal.description           ? 
_exptl_crystal.F_000                 ? 
_exptl_crystal.preparation           ? 
# 
_exptl_crystal_grow.crystal_id      1 
_exptl_crystal_grow.method          'VAPOR DIFFUSION, HANGING DROP' 
_exptl_crystal_grow.temp            293 
_exptl_crystal_grow.temp_details    ? 
_exptl_crystal_grow.pH              4.6 
_exptl_crystal_grow.pdbx_details    
'0.1M Sodium acetate trihydrate, 2.0M Ammonium Sulfate, pH 4.6, VAPOR DIFFUSION, HANGING DROP, temperature 293K' 
_exptl_crystal_grow.pdbx_pH_range   . 
# 
_diffrn.id                     1 
_diffrn.ambient_temp           100 
_diffrn.ambient_temp_details   ? 
_diffrn.crystal_id             1 
# 
_diffrn_detector.diffrn_id              1 
_diffrn_detector.detector               CCD 
_diffrn_detector.type                   'RIGAKU JUPITER 210' 
_diffrn_detector.pdbx_collection_date   2006-04-17 
_diffrn_detector.details                mirrors 
# 
_diffrn_radiation.diffrn_id                        1 
_diffrn_radiation.wavelength_id                    1 
_diffrn_radiation.pdbx_monochromatic_or_laue_m_l   M 
_diffrn_radiation.monochromator                    'Si II' 
_diffrn_radiation.pdbx_diffrn_protocol             'SINGLE WAVELENGTH' 
_diffrn_radiation.pdbx_scattering_type             x-ray 
# 
_diffrn_radiation_wavelength.id           1 
_diffrn_radiation_wavelength.wavelength   1.0 
_diffrn_radiation_wavelength.wt           1.0 
# 
_diffrn_source.diffrn_id                   1 
_diffrn_source.source                      SYNCHROTRON 
_diffrn_source.type                        'SPRING-8 BEAMLINE BL26B2' 
_diffrn_source.pdbx_synchrotron_site       SPring-8 
_diffrn_source.pdbx_synchrotron_beamline   BL26B2 
_diffrn_source.pdbx_wavelength             ? 
_diffrn_source.pdbx_wavelength_list        1.0 
# 
_reflns.entry_id                     2Z14 
_reflns.observed_criterion_sigma_I   -3 
_reflns.observed_criterion_sigma_F   ? 
_reflns.d_resolution_low             50 
_reflns.d_resolution_high            1.64 
_reflns.number_obs                   14045 
_reflns.number_all                   ? 
_reflns.percent_possible_obs         94.2 
_reflns.pdbx_Rmerge_I_obs            ? 
_reflns.pdbx_Rsym_value              0.033 
_reflns.pdbx_netI_over_sigmaI        36.1 
_reflns.B_iso_Wilson_estimate        10.4 
_reflns.pdbx_redundancy              3.54 
_reflns.R_free_details               ? 
_reflns.limit_h_max                  ? 
_reflns.limit_h_min                  ? 
_reflns.limit_k_max                  ? 
_reflns.limit_k_min                  ? 
_reflns.limit_l_max                  ? 
_reflns.limit_l_min                  ? 
_reflns.observed_criterion_F_max     ? 
_reflns.observed_criterion_F_min     ? 
_reflns.pdbx_chi_squared             ? 
_reflns.pdbx_scaling_rejects         ? 
_reflns.pdbx_diffrn_id               1 
_reflns.pdbx_ordinal                 1 
# 
_reflns_shell.d_res_high             1.64 
_reflns_shell.d_res_low              1.73 
_reflns_shell.percent_possible_all   91.5 
_reflns_shell.Rmerge_I_obs           ? 
_reflns_shell.pdbx_Rsym_value        0.066 
_reflns_shell.meanI_over_sigI_obs    20.9 
_reflns_shell.pdbx_redundancy        ? 
_reflns_shell.percent_possible_obs   ? 
_reflns_shell.number_unique_all      ? 
_reflns_shell.number_measured_all    ? 
_reflns_shell.number_measured_obs    ? 
_reflns_shell.number_unique_obs      ? 
_reflns_shell.pdbx_chi_squared       ? 
_reflns_shell.pdbx_diffrn_id         ? 
_reflns_shell.pdbx_ordinal           1 
# 
_refine.entry_id                                 2Z14 
_refine.ls_number_reflns_obs                     13058 
_refine.ls_number_reflns_all                     ? 
_refine.pdbx_ls_sigma_I                          ? 
_refine.pdbx_ls_sigma_F                          0.0 
_refine.pdbx_data_cutoff_high_absF               578761.83 
_refine.pdbx_data_cutoff_low_absF                0.000000 
_refine.pdbx_data_cutoff_high_rms_absF           ? 
_refine.ls_d_res_low                             36.13 
_refine.ls_d_res_high                            1.68 
_refine.ls_percent_reflns_obs                    93.8 
_refine.ls_R_factor_obs                          0.190 
_refine.ls_R_factor_all                          ? 
_refine.ls_R_factor_R_work                       0.190 
_refine.ls_R_factor_R_free                       0.223 
_refine.ls_R_factor_R_free_error                 0.009 
_refine.ls_R_factor_R_free_error_details         ? 
_refine.ls_percent_reflns_R_free                 5.1 
_refine.ls_number_reflns_R_free                  668 
_refine.ls_number_parameters                     ? 
_refine.ls_number_restraints                     ? 
_refine.occupancy_min                            ? 
_refine.occupancy_max                            ? 
_refine.correlation_coeff_Fo_to_Fc               ? 
_refine.correlation_coeff_Fo_to_Fc_free          ? 
_refine.B_iso_mean                               11.3 
_refine.aniso_B[1][1]                            0.40 
_refine.aniso_B[2][2]                            0.13 
_refine.aniso_B[3][3]                            -0.54 
_refine.aniso_B[1][2]                            0.00 
_refine.aniso_B[1][3]                            0.25 
_refine.aniso_B[2][3]                            0.00 
_refine.solvent_model_details                    'FLAT MODEL' 
_refine.solvent_model_param_ksol                 0.441621 
_refine.solvent_model_param_bsol                 45.5618 
_refine.pdbx_solvent_vdw_probe_radii             ? 
_refine.pdbx_solvent_ion_probe_radii             ? 
_refine.pdbx_solvent_shrinkage_radii             ? 
_refine.pdbx_ls_cross_valid_method               THROUGHOUT 
_refine.details                                  ? 
_refine.pdbx_starting_model                      'PDB ENTRY 2Z13' 
_refine.pdbx_method_to_determine_struct          'MOLECULAR REPLACEMENT' 
_refine.pdbx_isotropic_thermal_model             RESTRAINED 
_refine.pdbx_stereochemistry_target_values       ? 
_refine.pdbx_stereochem_target_val_spec_case     ? 
_refine.pdbx_R_Free_selection_details            RANDOM 
_refine.pdbx_overall_ESU_R                       ? 
_refine.pdbx_overall_ESU_R_Free                  ? 
_refine.overall_SU_ML                            ? 
_refine.overall_SU_B                             ? 
_refine.ls_redundancy_reflns_obs                 ? 
_refine.B_iso_min                                ? 
_refine.B_iso_max                                ? 
_refine.overall_SU_R_Cruickshank_DPI             ? 
_refine.overall_SU_R_free                        ? 
_refine.ls_wR_factor_R_free                      ? 
_refine.ls_wR_factor_R_work                      ? 
_refine.overall_FOM_free_R_set                   ? 
_refine.overall_FOM_work_R_set                   ? 
_refine.pdbx_refine_id                           'X-RAY DIFFRACTION' 
_refine.pdbx_diffrn_id                           1 
_refine.pdbx_TLS_residual_ADP_flag               ? 
_refine.pdbx_overall_phase_error                 ? 
_refine.pdbx_overall_SU_R_free_Cruickshank_DPI   ? 
_refine.pdbx_overall_SU_R_Blow_DPI               ? 
_refine.pdbx_overall_SU_R_free_Blow_DPI          ? 
# 
_refine_analyze.entry_id                        2Z14 
_refine_analyze.Luzzati_coordinate_error_obs    0.17 
_refine_analyze.Luzzati_sigma_a_obs             -0.01 
_refine_analyze.Luzzati_d_res_low_obs           5.00 
_refine_analyze.Luzzati_coordinate_error_free   0.20 
_refine_analyze.Luzzati_sigma_a_free            0.10 
_refine_analyze.Luzzati_d_res_low_free          ? 
_refine_analyze.number_disordered_residues      ? 
_refine_analyze.occupancy_sum_hydrogen          ? 
_refine_analyze.occupancy_sum_non_hydrogen      ? 
_refine_analyze.pdbx_Luzzati_d_res_high_obs     ? 
_refine_analyze.pdbx_refine_id                  'X-RAY DIFFRACTION' 
# 
_refine_hist.pdbx_refine_id                   'X-RAY DIFFRACTION' 
_refine_hist.cycle_id                         LAST 
_refine_hist.pdbx_number_atoms_protein        983 
_refine_hist.pdbx_number_atoms_nucleic_acid   0 
_refine_hist.pdbx_number_atoms_ligand         0 
_refine_hist.number_atoms_solvent             197 
_refine_hist.number_atoms_total               1180 
_refine_hist.d_res_high                       1.68 
_refine_hist.d_res_low                        36.13 
# 
loop_
_refine_ls_restr.type 
_refine_ls_restr.dev_ideal 
_refine_ls_restr.dev_ideal_target 
_refine_ls_restr.weight 
_refine_ls_restr.number 
_refine_ls_restr.pdbx_refine_id 
_refine_ls_restr.pdbx_restraint_function 
c_bond_d                0.005 ? ? ? 'X-RAY DIFFRACTION' ? 
c_bond_d_na             ?     ? ? ? 'X-RAY DIFFRACTION' ? 
c_bond_d_prot           ?     ? ? ? 'X-RAY DIFFRACTION' ? 
c_angle_d               ?     ? ? ? 'X-RAY DIFFRACTION' ? 
c_angle_d_na            ?     ? ? ? 'X-RAY DIFFRACTION' ? 
c_angle_d_prot          ?     ? ? ? 'X-RAY DIFFRACTION' ? 
c_angle_deg             1.3   ? ? ? 'X-RAY DIFFRACTION' ? 
c_angle_deg_na          ?     ? ? ? 'X-RAY DIFFRACTION' ? 
c_angle_deg_prot        ?     ? ? ? 'X-RAY DIFFRACTION' ? 
c_dihedral_angle_d      25.8  ? ? ? 'X-RAY DIFFRACTION' ? 
c_dihedral_angle_d_na   ?     ? ? ? 'X-RAY DIFFRACTION' ? 
c_dihedral_angle_d_prot ?     ? ? ? 'X-RAY DIFFRACTION' ? 
c_improper_angle_d      0.74  ? ? ? 'X-RAY DIFFRACTION' ? 
c_improper_angle_d_na   ?     ? ? ? 'X-RAY DIFFRACTION' ? 
c_improper_angle_d_prot ?     ? ? ? 'X-RAY DIFFRACTION' ? 
c_mcbond_it             ?     ? ? ? 'X-RAY DIFFRACTION' ? 
c_mcangle_it            ?     ? ? ? 'X-RAY DIFFRACTION' ? 
c_scbond_it             ?     ? ? ? 'X-RAY DIFFRACTION' ? 
c_scangle_it            ?     ? ? ? 'X-RAY DIFFRACTION' ? 
# 
_refine_ls_shell.pdbx_total_number_of_bins_used   6 
_refine_ls_shell.d_res_high                       1.68 
_refine_ls_shell.d_res_low                        1.79 
_refine_ls_shell.number_reflns_R_work             2059 
_refine_ls_shell.R_factor_R_work                  0.203 
_refine_ls_shell.percent_reflns_obs               93.9 
_refine_ls_shell.R_factor_R_free                  0.273 
_refine_ls_shell.R_factor_R_free_error            0.028 
_refine_ls_shell.percent_reflns_R_free            4.4 
_refine_ls_shell.number_reflns_R_free             94 
_refine_ls_shell.number_reflns_all                ? 
_refine_ls_shell.R_factor_all                     ? 
_refine_ls_shell.number_reflns_obs                ? 
_refine_ls_shell.redundancy_reflns_obs            ? 
_refine_ls_shell.pdbx_refine_id                   'X-RAY DIFFRACTION' 
# 
loop_
_pdbx_xplor_file.serial_no 
_pdbx_xplor_file.param_file 
_pdbx_xplor_file.topol_file 
_pdbx_xplor_file.pdbx_refine_id 
1 protein_rep.param protein.top 'X-RAY DIFFRACTION' 
2 water_rep.param   water.top   'X-RAY DIFFRACTION' 
# 
_struct.entry_id                  2Z14 
_struct.title                     'Crystal structure of the N-terminal DUF1126 in human ef-hand domain containing 2 protein' 
_struct.pdbx_model_details        ? 
_struct.pdbx_CASP_flag            ? 
_struct.pdbx_model_type_details   ? 
# 
_struct_keywords.entry_id        2Z14 
_struct_keywords.pdbx_keywords   'SIGNALING PROTEIN' 
_struct_keywords.text            
;DUF1126, human ef-hand domain, Alternative splicing, Polymorphism, SIGNALING PROTEIN, Structural Genomics, NPPSFA, National Project on Protein Structural and Functional Analyses, RIKEN Structural Genomics/Proteomics Initiative, RSGI
;
# 
loop_
_struct_asym.id 
_struct_asym.pdbx_blank_PDB_chainid_flag 
_struct_asym.pdbx_modified 
_struct_asym.entity_id 
_struct_asym.details 
A N N 1 ? 
B N N 2 ? 
# 
_struct_biol.id   1 
# 
loop_
_struct_conf.conf_type_id 
_struct_conf.id 
_struct_conf.pdbx_PDB_helix_id 
_struct_conf.beg_label_comp_id 
_struct_conf.beg_label_asym_id 
_struct_conf.beg_label_seq_id 
_struct_conf.pdbx_beg_PDB_ins_code 
_struct_conf.end_label_comp_id 
_struct_conf.end_label_asym_id 
_struct_conf.end_label_seq_id 
_struct_conf.pdbx_end_PDB_ins_code 
_struct_conf.beg_auth_comp_id 
_struct_conf.beg_auth_asym_id 
_struct_conf.beg_auth_seq_id 
_struct_conf.end_auth_comp_id 
_struct_conf.end_auth_asym_id 
_struct_conf.end_auth_seq_id 
_struct_conf.pdbx_PDB_helix_class 
_struct_conf.details 
_struct_conf.pdbx_PDB_helix_length 
HELX_P HELX_P1 1 THR A 85  ? PHE A 89  ? THR A 85  PHE A 89  5 ? 5  
HELX_P HELX_P2 2 ASP A 108 ? ILE A 118 ? ASP A 108 ILE A 118 1 ? 11 
# 
_struct_conf_type.id          HELX_P 
_struct_conf_type.criteria    ? 
_struct_conf_type.reference   ? 
# 
_struct_mon_prot_cis.pdbx_id                1 
_struct_mon_prot_cis.label_comp_id          PRO 
_struct_mon_prot_cis.label_seq_id           77 
_struct_mon_prot_cis.label_asym_id          A 
_struct_mon_prot_cis.label_alt_id           . 
_struct_mon_prot_cis.pdbx_PDB_ins_code      ? 
_struct_mon_prot_cis.auth_comp_id           PRO 
_struct_mon_prot_cis.auth_seq_id            77 
_struct_mon_prot_cis.auth_asym_id           A 
_struct_mon_prot_cis.pdbx_label_comp_id_2   PRO 
_struct_mon_prot_cis.pdbx_label_seq_id_2    78 
_struct_mon_prot_cis.pdbx_label_asym_id_2   A 
_struct_mon_prot_cis.pdbx_PDB_ins_code_2    ? 
_struct_mon_prot_cis.pdbx_auth_comp_id_2    PRO 
_struct_mon_prot_cis.pdbx_auth_seq_id_2     78 
_struct_mon_prot_cis.pdbx_auth_asym_id_2    A 
_struct_mon_prot_cis.pdbx_PDB_model_num     1 
_struct_mon_prot_cis.pdbx_omega_angle       0.45 
# 
_struct_sheet.id               A 
_struct_sheet.type             ? 
_struct_sheet.number_strands   6 
_struct_sheet.details          ? 
# 
loop_
_struct_sheet_order.sheet_id 
_struct_sheet_order.range_id_1 
_struct_sheet_order.range_id_2 
_struct_sheet_order.offset 
_struct_sheet_order.sense 
A 1 2 ? anti-parallel 
A 2 3 ? anti-parallel 
A 3 4 ? anti-parallel 
A 4 5 ? anti-parallel 
A 5 6 ? anti-parallel 
# 
loop_
_struct_sheet_range.sheet_id 
_struct_sheet_range.id 
_struct_sheet_range.beg_label_comp_id 
_struct_sheet_range.beg_label_asym_id 
_struct_sheet_range.beg_label_seq_id 
_struct_sheet_range.pdbx_beg_PDB_ins_code 
_struct_sheet_range.end_label_comp_id 
_struct_sheet_range.end_label_asym_id 
_struct_sheet_range.end_label_seq_id 
_struct_sheet_range.pdbx_end_PDB_ins_code 
_struct_sheet_range.beg_auth_comp_id 
_struct_sheet_range.beg_auth_asym_id 
_struct_sheet_range.beg_auth_seq_id 
_struct_sheet_range.end_auth_comp_id 
_struct_sheet_range.end_auth_asym_id 
_struct_sheet_range.end_auth_seq_id 
A 1 SER A 67  ? HIS A 71  ? SER A 67  HIS A 71  
A 2 THR A 49  ? ASN A 53  ? THR A 49  ASN A 53  
A 3 GLN A 31  ? TYR A 44  ? GLN A 31  TYR A 44  
A 4 LEU A 16  ? ASP A 28  ? LEU A 16  ASP A 28  
A 5 ARG A 100 ? CYS A 107 ? ARG A 100 CYS A 107 
A 6 GLU A 94  ? PHE A 97  ? GLU A 94  PHE A 97  
# 
loop_
_pdbx_struct_sheet_hbond.sheet_id 
_pdbx_struct_sheet_hbond.range_id_1 
_pdbx_struct_sheet_hbond.range_id_2 
_pdbx_struct_sheet_hbond.range_1_label_atom_id 
_pdbx_struct_sheet_hbond.range_1_label_comp_id 
_pdbx_struct_sheet_hbond.range_1_label_asym_id 
_pdbx_struct_sheet_hbond.range_1_label_seq_id 
_pdbx_struct_sheet_hbond.range_1_PDB_ins_code 
_pdbx_struct_sheet_hbond.range_1_auth_atom_id 
_pdbx_struct_sheet_hbond.range_1_auth_comp_id 
_pdbx_struct_sheet_hbond.range_1_auth_asym_id 
_pdbx_struct_sheet_hbond.range_1_auth_seq_id 
_pdbx_struct_sheet_hbond.range_2_label_atom_id 
_pdbx_struct_sheet_hbond.range_2_label_comp_id 
_pdbx_struct_sheet_hbond.range_2_label_asym_id 
_pdbx_struct_sheet_hbond.range_2_label_seq_id 
_pdbx_struct_sheet_hbond.range_2_PDB_ins_code 
_pdbx_struct_sheet_hbond.range_2_auth_atom_id 
_pdbx_struct_sheet_hbond.range_2_auth_comp_id 
_pdbx_struct_sheet_hbond.range_2_auth_asym_id 
_pdbx_struct_sheet_hbond.range_2_auth_seq_id 
A 1 2 O HIS A 71  ? O HIS A 71  N ILE A 50  ? N ILE A 50  
A 2 3 O GLN A 51  ? O GLN A 51  N TYR A 42  ? N TYR A 42  
A 3 4 O GLN A 31  ? O GLN A 31  N ASP A 28  ? N ASP A 28  
A 4 5 N TYR A 21  ? N TYR A 21  O LYS A 103 ? O LYS A 103 
A 5 6 O PHE A 102 ? O PHE A 102 N VAL A 95  ? N VAL A 95  
# 
_atom_sites.entry_id                    2Z14 
_atom_sites.fract_transf_matrix[1][1]   -0.00904202 
_atom_sites.fract_transf_matrix[1][2]   0.00675169 
_atom_sites.fract_transf_matrix[1][3]   0.00122120 
_atom_sites.fract_transf_matrix[2][1]   -0.00416961 
_atom_sites.fract_transf_matrix[2][2]   -0.01030047 
_atom_sites.fract_transf_matrix[2][3]   0.02607592 
_atom_sites.fract_transf_matrix[3][1]   0.00649005 
_atom_sites.fract_transf_matrix[3][2]   0.02465107 
_atom_sites.fract_transf_matrix[3][3]   0.01077541 
_atom_sites.fract_transf_vector[1]      0.329953 
_atom_sites.fract_transf_vector[2]      0.279881 
_atom_sites.fract_transf_vector[3]      0.409186 
# 
loop_
_atom_type.symbol 
C 
N 
O 
S 
# 
loop_
_atom_site.group_PDB 
_atom_site.id 
_atom_site.type_symbol 
_atom_site.label_atom_id 
_atom_site.label_alt_id 
_atom_site.label_comp_id 
_atom_site.label_asym_id 
_atom_site.label_entity_id 
_atom_site.label_seq_id 
_atom_site.pdbx_PDB_ins_code 
_atom_site.Cartn_x 
_atom_site.Cartn_y 
_atom_site.Cartn_z 
_atom_site.occupancy 
_atom_site.B_iso_or_equiv 
_atom_site.pdbx_formal_charge 
_atom_site.auth_seq_id 
_atom_site.auth_comp_id 
_atom_site.auth_asym_id 
_atom_site.auth_atom_id 
_atom_site.pdbx_PDB_model_num 
ATOM   1    N N   . SER A 1 6   ? 28.490  -16.076 -8.676  1.00 21.60 ? 6   SER A N   1 
ATOM   2    C CA  . SER A 1 6   ? 27.670  -14.987 -8.070  1.00 21.04 ? 6   SER A CA  1 
ATOM   3    C C   . SER A 1 6   ? 28.116  -13.628 -8.594  1.00 20.23 ? 6   SER A C   1 
ATOM   4    O O   . SER A 1 6   ? 29.230  -13.489 -9.101  1.00 19.82 ? 6   SER A O   1 
ATOM   5    C CB  . SER A 1 6   ? 27.804  -15.014 -6.544  1.00 21.52 ? 6   SER A CB  1 
ATOM   6    O OG  . SER A 1 6   ? 29.152  -14.825 -6.144  1.00 23.60 ? 6   SER A OG  1 
ATOM   7    N N   . GLY A 1 7   ? 27.241  -12.632 -8.476  1.00 18.08 ? 7   GLY A N   1 
ATOM   8    C CA  . GLY A 1 7   ? 27.571  -11.292 -8.936  1.00 16.08 ? 7   GLY A CA  1 
ATOM   9    C C   . GLY A 1 7   ? 26.805  -10.844 -10.169 1.00 14.45 ? 7   GLY A C   1 
ATOM   10   O O   . GLY A 1 7   ? 26.936  -9.698  -10.599 1.00 13.95 ? 7   GLY A O   1 
ATOM   11   N N   . TRP A 1 8   ? 26.002  -11.737 -10.737 1.00 13.17 ? 8   TRP A N   1 
ATOM   12   C CA  . TRP A 1 8   ? 25.226  -11.417 -11.931 1.00 12.72 ? 8   TRP A CA  1 
ATOM   13   C C   . TRP A 1 8   ? 24.267  -10.253 -11.713 1.00 11.39 ? 8   TRP A C   1 
ATOM   14   O O   . TRP A 1 8   ? 23.591  -10.177 -10.687 1.00 12.37 ? 8   TRP A O   1 
ATOM   15   C CB  . TRP A 1 8   ? 24.445  -12.646 -12.399 1.00 14.70 ? 8   TRP A CB  1 
ATOM   16   C CG  . TRP A 1 8   ? 25.334  -13.796 -12.732 1.00 14.94 ? 8   TRP A CG  1 
ATOM   17   C CD1 . TRP A 1 8   ? 25.713  -14.811 -11.901 1.00 15.72 ? 8   TRP A CD1 1 
ATOM   18   C CD2 . TRP A 1 8   ? 26.016  -14.017 -13.972 1.00 15.52 ? 8   TRP A CD2 1 
ATOM   19   N NE1 . TRP A 1 8   ? 26.592  -15.649 -12.547 1.00 17.37 ? 8   TRP A NE1 1 
ATOM   20   C CE2 . TRP A 1 8   ? 26.795  -15.184 -13.820 1.00 16.45 ? 8   TRP A CE2 1 
ATOM   21   C CE3 . TRP A 1 8   ? 26.045  -13.337 -15.197 1.00 16.19 ? 8   TRP A CE3 1 
ATOM   22   C CZ2 . TRP A 1 8   ? 27.597  -15.690 -14.850 1.00 17.17 ? 8   TRP A CZ2 1 
ATOM   23   C CZ3 . TRP A 1 8   ? 26.843  -13.839 -16.221 1.00 16.32 ? 8   TRP A CZ3 1 
ATOM   24   C CH2 . TRP A 1 8   ? 27.607  -15.005 -16.039 1.00 15.98 ? 8   TRP A CH2 1 
ATOM   25   N N   . VAL A 1 9   ? 24.211  -9.353  -12.690 1.00 9.27  ? 9   VAL A N   1 
ATOM   26   C CA  . VAL A 1 9   ? 23.341  -8.186  -12.611 1.00 8.89  ? 9   VAL A CA  1 
ATOM   27   C C   . VAL A 1 9   ? 21.919  -8.522  -13.034 1.00 8.44  ? 9   VAL A C   1 
ATOM   28   O O   . VAL A 1 9   ? 21.670  -8.909  -14.175 1.00 8.08  ? 9   VAL A O   1 
ATOM   29   C CB  . VAL A 1 9   ? 23.859  -7.037  -13.500 1.00 9.47  ? 9   VAL A CB  1 
ATOM   30   C CG1 . VAL A 1 9   ? 22.917  -5.839  -13.415 1.00 10.69 ? 9   VAL A CG1 1 
ATOM   31   C CG2 . VAL A 1 9   ? 25.257  -6.637  -13.063 1.00 9.89  ? 9   VAL A CG2 1 
ATOM   32   N N   . ALA A 1 10  ? 20.988  -8.368  -12.104 1.00 7.32  ? 10  ALA A N   1 
ATOM   33   C CA  . ALA A 1 10  ? 19.590  -8.640  -12.378 1.00 8.57  ? 10  ALA A CA  1 
ATOM   34   C C   . ALA A 1 10  ? 18.735  -7.732  -11.517 1.00 9.03  ? 10  ALA A C   1 
ATOM   35   O O   . ALA A 1 10  ? 18.969  -7.597  -10.315 1.00 12.96 ? 10  ALA A O   1 
ATOM   36   C CB  . ALA A 1 10  ? 19.268  -10.103 -12.083 1.00 9.07  ? 10  ALA A CB  1 
ATOM   37   N N   . PHE A 1 11  ? 17.756  -7.092  -12.142 1.00 8.88  ? 11  PHE A N   1 
ATOM   38   C CA  . PHE A 1 11  ? 16.847  -6.211  -11.424 1.00 8.12  ? 11  PHE A CA  1 
ATOM   39   C C   . PHE A 1 11  ? 15.491  -6.896  -11.487 1.00 8.41  ? 11  PHE A C   1 
ATOM   40   O O   . PHE A 1 11  ? 14.534  -6.400  -12.083 1.00 7.93  ? 11  PHE A O   1 
ATOM   41   C CB  . PHE A 1 11  ? 16.836  -4.832  -12.087 1.00 7.90  ? 11  PHE A CB  1 
ATOM   42   C CG  . PHE A 1 11  ? 18.191  -4.172  -12.104 1.00 7.33  ? 11  PHE A CG  1 
ATOM   43   C CD1 . PHE A 1 11  ? 18.854  -3.933  -13.303 1.00 5.30  ? 11  PHE A CD1 1 
ATOM   44   C CD2 . PHE A 1 11  ? 18.826  -3.838  -10.912 1.00 7.74  ? 11  PHE A CD2 1 
ATOM   45   C CE1 . PHE A 1 11  ? 20.134  -3.372  -13.311 1.00 7.23  ? 11  PHE A CE1 1 
ATOM   46   C CE2 . PHE A 1 11  ? 20.103  -3.278  -10.910 1.00 5.38  ? 11  PHE A CE2 1 
ATOM   47   C CZ  . PHE A 1 11  ? 20.757  -3.046  -12.112 1.00 8.21  ? 11  PHE A CZ  1 
ATOM   48   N N   . ASP A 1 12  ? 15.447  -8.064  -10.855 1.00 8.80  ? 12  ASP A N   1 
ATOM   49   C CA  . ASP A 1 12  ? 14.272  -8.918  -10.816 1.00 11.49 ? 12  ASP A CA  1 
ATOM   50   C C   . ASP A 1 12  ? 13.479  -8.794  -9.523  1.00 11.05 ? 12  ASP A C   1 
ATOM   51   O O   . ASP A 1 12  ? 12.630  -9.634  -9.228  1.00 13.36 ? 12  ASP A O   1 
ATOM   52   C CB  . ASP A 1 12  ? 14.716  -10.371 -11.019 1.00 13.39 ? 12  ASP A CB  1 
ATOM   53   C CG  . ASP A 1 12  ? 15.785  -10.802 -10.020 1.00 17.84 ? 12  ASP A CG  1 
ATOM   54   O OD1 . ASP A 1 12  ? 16.532  -9.933  -9.522  1.00 19.93 ? 12  ASP A OD1 1 
ATOM   55   O OD2 . ASP A 1 12  ? 15.892  -12.014 -9.741  1.00 21.95 ? 12  ASP A OD2 1 
ATOM   56   N N   . LYS A 1 13  ? 13.754  -7.748  -8.757  1.00 9.64  ? 13  LYS A N   1 
ATOM   57   C CA  . LYS A 1 13  ? 13.052  -7.519  -7.504  1.00 9.66  ? 13  LYS A CA  1 
ATOM   58   C C   . LYS A 1 13  ? 12.645  -6.053  -7.409  1.00 7.39  ? 13  LYS A C   1 
ATOM   59   O O   . LYS A 1 13  ? 12.666  -5.451  -6.336  1.00 7.24  ? 13  LYS A O   1 
ATOM   60   C CB  . LYS A 1 13  ? 13.945  -7.912  -6.324  1.00 11.76 ? 13  LYS A CB  1 
ATOM   61   C CG  . LYS A 1 13  ? 14.342  -9.383  -6.355  1.00 16.54 ? 13  LYS A CG  1 
ATOM   62   C CD  . LYS A 1 13  ? 15.228  -9.776  -5.189  1.00 20.89 ? 13  LYS A CD  1 
ATOM   63   C CE  . LYS A 1 13  ? 15.614  -11.247 -5.293  1.00 22.88 ? 13  LYS A CE  1 
ATOM   64   N NZ  . LYS A 1 13  ? 16.485  -11.691 -4.171  1.00 26.46 ? 13  LYS A NZ  1 
ATOM   65   N N   . GLN A 1 14  ? 12.270  -5.481  -8.547  1.00 5.96  ? 14  GLN A N   1 
ATOM   66   C CA  . GLN A 1 14  ? 11.860  -4.086  -8.573  1.00 4.12  ? 14  GLN A CA  1 
ATOM   67   C C   . GLN A 1 14  ? 10.559  -3.901  -7.807  1.00 4.90  ? 14  GLN A C   1 
ATOM   68   O O   . GLN A 1 14  ? 9.704   -4.787  -7.770  1.00 7.38  ? 14  GLN A O   1 
ATOM   69   C CB  . GLN A 1 14  ? 11.715  -3.605  -10.015 1.00 5.35  ? 14  GLN A CB  1 
ATOM   70   C CG  . GLN A 1 14  ? 13.041  -3.578  -10.756 1.00 6.52  ? 14  GLN A CG  1 
ATOM   71   C CD  . GLN A 1 14  ? 12.914  -2.996  -12.146 1.00 6.94  ? 14  GLN A CD  1 
ATOM   72   O OE1 . GLN A 1 14  ? 12.427  -1.877  -12.320 1.00 6.61  ? 14  GLN A OE1 1 
ATOM   73   N NE2 . GLN A 1 14  ? 13.358  -3.752  -13.146 1.00 6.93  ? 14  GLN A NE2 1 
ATOM   74   N N   . VAL A 1 15  ? 10.421  -2.738  -7.189  1.00 5.26  ? 15  VAL A N   1 
ATOM   75   C CA  . VAL A 1 15  ? 9.245   -2.436  -6.394  1.00 6.33  ? 15  VAL A CA  1 
ATOM   76   C C   . VAL A 1 15  ? 7.935   -2.513  -7.173  1.00 6.90  ? 15  VAL A C   1 
ATOM   77   O O   . VAL A 1 15  ? 7.890   -2.246  -8.376  1.00 6.55  ? 15  VAL A O   1 
ATOM   78   C CB  . VAL A 1 15  ? 9.366   -1.028  -5.775  1.00 8.20  ? 15  VAL A CB  1 
ATOM   79   C CG1 . VAL A 1 15  ? 9.213   0.024   -6.856  1.00 9.04  ? 15  VAL A CG1 1 
ATOM   80   C CG2 . VAL A 1 15  ? 8.327   -0.846  -4.684  1.00 11.11 ? 15  VAL A CG2 1 
ATOM   81   N N   . LEU A 1 16  ? 6.875   -2.909  -6.475  1.00 3.75  ? 16  LEU A N   1 
ATOM   82   C CA  . LEU A 1 16  ? 5.541   -2.964  -7.059  1.00 5.58  ? 16  LEU A CA  1 
ATOM   83   C C   . LEU A 1 16  ? 4.890   -1.705  -6.506  1.00 5.22  ? 16  LEU A C   1 
ATOM   84   O O   . LEU A 1 16  ? 5.133   -1.337  -5.356  1.00 8.73  ? 16  LEU A O   1 
ATOM   85   C CB  . LEU A 1 16  ? 4.766   -4.199  -6.589  1.00 5.63  ? 16  LEU A CB  1 
ATOM   86   C CG  . LEU A 1 16  ? 5.210   -5.578  -7.096  1.00 7.63  ? 16  LEU A CG  1 
ATOM   87   C CD1 . LEU A 1 16  ? 5.515   -5.512  -8.587  1.00 10.15 ? 16  LEU A CD1 1 
ATOM   88   C CD2 . LEU A 1 16  ? 6.429   -6.033  -6.344  1.00 10.18 ? 16  LEU A CD2 1 
ATOM   89   N N   . SER A 1 17  ? 4.074   -1.036  -7.307  1.00 4.58  ? 17  SER A N   1 
ATOM   90   C CA  . SER A 1 17  ? 3.452   0.193   -6.836  1.00 6.10  ? 17  SER A CA  1 
ATOM   91   C C   . SER A 1 17  ? 1.940   0.183   -6.944  1.00 5.71  ? 17  SER A C   1 
ATOM   92   O O   . SER A 1 17  ? 1.379   -0.215  -7.961  1.00 6.97  ? 17  SER A O   1 
ATOM   93   C CB  . SER A 1 17  ? 4.026   1.386   -7.601  1.00 8.65  ? 17  SER A CB  1 
ATOM   94   O OG  . SER A 1 17  ? 3.936   1.176   -8.995  1.00 12.80 ? 17  SER A OG  1 
ATOM   95   N N   . PHE A 1 18  ? 1.288   0.630   -5.876  1.00 5.43  ? 18  PHE A N   1 
ATOM   96   C CA  . PHE A 1 18  ? -0.163  0.682   -5.837  1.00 4.63  ? 18  PHE A CA  1 
ATOM   97   C C   . PHE A 1 18  ? -0.633  2.092   -5.530  1.00 5.16  ? 18  PHE A C   1 
ATOM   98   O O   . PHE A 1 18  ? -0.054  2.782   -4.693  1.00 7.17  ? 18  PHE A O   1 
ATOM   99   C CB  . PHE A 1 18  ? -0.696  -0.279  -4.773  1.00 4.26  ? 18  PHE A CB  1 
ATOM   100  C CG  . PHE A 1 18  ? -0.274  -1.701  -4.980  1.00 5.29  ? 18  PHE A CG  1 
ATOM   101  C CD1 . PHE A 1 18  ? 0.968   -2.147  -4.541  1.00 5.34  ? 18  PHE A CD1 1 
ATOM   102  C CD2 . PHE A 1 18  ? -1.109  -2.589  -5.649  1.00 5.50  ? 18  PHE A CD2 1 
ATOM   103  C CE1 . PHE A 1 18  ? 1.374   -3.457  -4.768  1.00 5.90  ? 18  PHE A CE1 1 
ATOM   104  C CE2 . PHE A 1 18  ? -0.711  -3.905  -5.883  1.00 5.64  ? 18  PHE A CE2 1 
ATOM   105  C CZ  . PHE A 1 18  ? 0.528   -4.340  -5.444  1.00 4.60  ? 18  PHE A CZ  1 
ATOM   106  N N   . ASP A 1 19  ? -1.682  2.518   -6.219  1.00 3.73  ? 19  ASP A N   1 
ATOM   107  C CA  . ASP A 1 19  ? -2.248  3.836   -5.998  1.00 4.62  ? 19  ASP A CA  1 
ATOM   108  C C   . ASP A 1 19  ? -3.353  3.651   -4.971  1.00 4.02  ? 19  ASP A C   1 
ATOM   109  O O   . ASP A 1 19  ? -4.213  2.785   -5.127  1.00 6.21  ? 19  ASP A O   1 
ATOM   110  C CB  . ASP A 1 19  ? -2.827  4.392   -7.297  1.00 9.09  ? 19  ASP A CB  1 
ATOM   111  C CG  . ASP A 1 19  ? -1.787  4.505   -8.387  1.00 13.21 ? 19  ASP A CG  1 
ATOM   112  O OD1 . ASP A 1 19  ? -0.810  5.256   -8.192  1.00 16.12 ? 19  ASP A OD1 1 
ATOM   113  O OD2 . ASP A 1 19  ? -1.942  3.837   -9.433  1.00 16.58 ? 19  ASP A OD2 1 
ATOM   114  N N   . ALA A 1 20  ? -3.322  4.453   -3.916  1.00 4.67  ? 20  ALA A N   1 
ATOM   115  C CA  . ALA A 1 20  ? -4.325  4.344   -2.871  1.00 3.83  ? 20  ALA A CA  1 
ATOM   116  C C   . ALA A 1 20  ? -4.757  5.713   -2.383  1.00 4.50  ? 20  ALA A C   1 
ATOM   117  O O   . ALA A 1 20  ? -4.147  6.731   -2.714  1.00 5.88  ? 20  ALA A O   1 
ATOM   118  C CB  . ALA A 1 20  ? -3.775  3.533   -1.705  1.00 4.76  ? 20  ALA A CB  1 
ATOM   119  N N   . TYR A 1 21  ? -5.825  5.729   -1.599  1.00 5.96  ? 21  TYR A N   1 
ATOM   120  C CA  . TYR A 1 21  ? -6.322  6.973   -1.034  1.00 5.52  ? 21  TYR A CA  1 
ATOM   121  C C   . TYR A 1 21  ? -6.899  6.665   0.327   1.00 6.00  ? 21  TYR A C   1 
ATOM   122  O O   . TYR A 1 21  ? -7.111  5.510   0.685   1.00 4.60  ? 21  TYR A O   1 
ATOM   123  C CB  . TYR A 1 21  ? -7.411  7.591   -1.928  1.00 5.95  ? 21  TYR A CB  1 
ATOM   124  C CG  . TYR A 1 21  ? -8.762  6.897   -1.874  1.00 5.73  ? 21  TYR A CG  1 
ATOM   125  C CD1 . TYR A 1 21  ? -9.752  7.311   -0.976  1.00 4.19  ? 21  TYR A CD1 1 
ATOM   126  C CD2 . TYR A 1 21  ? -9.049  5.825   -2.715  1.00 5.18  ? 21  TYR A CD2 1 
ATOM   127  C CE1 . TYR A 1 21  ? -10.993 6.674   -0.924  1.00 6.93  ? 21  TYR A CE1 1 
ATOM   128  C CE2 . TYR A 1 21  ? -10.284 5.181   -2.669  1.00 6.07  ? 21  TYR A CE2 1 
ATOM   129  C CZ  . TYR A 1 21  ? -11.251 5.610   -1.775  1.00 6.82  ? 21  TYR A CZ  1 
ATOM   130  O OH  . TYR A 1 21  ? -12.478 4.988   -1.739  1.00 7.60  ? 21  TYR A OH  1 
ATOM   131  N N   . LEU A 1 22  ? -7.118  7.711   1.102   1.00 7.33  ? 22  LEU A N   1 
ATOM   132  C CA  . LEU A 1 22  ? -7.723  7.557   2.409   1.00 7.53  ? 22  LEU A CA  1 
ATOM   133  C C   . LEU A 1 22  ? -8.399  8.873   2.697   1.00 7.99  ? 22  LEU A C   1 
ATOM   134  O O   . LEU A 1 22  ? -8.078  9.894   2.087   1.00 8.41  ? 22  LEU A O   1 
ATOM   135  C CB  . LEU A 1 22  ? -6.679  7.236   3.489   1.00 10.19 ? 22  LEU A CB  1 
ATOM   136  C CG  . LEU A 1 22  ? -5.538  8.205   3.820   1.00 10.67 ? 22  LEU A CG  1 
ATOM   137  C CD1 . LEU A 1 22  ? -6.073  9.477   4.462   1.00 11.31 ? 22  LEU A CD1 1 
ATOM   138  C CD2 . LEU A 1 22  ? -4.575  7.515   4.779   1.00 13.88 ? 22  LEU A CD2 1 
ATOM   139  N N   . GLU A 1 23  ? -9.369  8.840   3.590   1.00 7.69  ? 23  GLU A N   1 
ATOM   140  C CA  . GLU A 1 23  ? -10.048 10.056  3.960   1.00 7.58  ? 23  GLU A CA  1 
ATOM   141  C C   . GLU A 1 23  ? -9.535  10.427  5.332   1.00 7.77  ? 23  GLU A C   1 
ATOM   142  O O   . GLU A 1 23  ? -9.508  9.595   6.241   1.00 8.84  ? 23  GLU A O   1 
ATOM   143  C CB  . GLU A 1 23  ? -11.567 9.857   4.010   1.00 9.89  ? 23  GLU A CB  1 
ATOM   144  C CG  . GLU A 1 23  ? -12.221 9.653   2.654   1.00 11.58 ? 23  GLU A CG  1 
ATOM   145  C CD  . GLU A 1 23  ? -12.679 8.227   2.428   1.00 10.74 ? 23  GLU A CD  1 
ATOM   146  O OE1 . GLU A 1 23  ? -12.485 7.383   3.326   1.00 15.02 ? 23  GLU A OE1 1 
ATOM   147  O OE2 . GLU A 1 23  ? -13.238 7.947   1.349   1.00 12.50 ? 23  GLU A OE2 1 
ATOM   148  N N   . GLU A 1 24  ? -9.077  11.663  5.463   1.00 6.22  ? 24  GLU A N   1 
ATOM   149  C CA  . GLU A 1 24  ? -8.622  12.160  6.745   1.00 7.75  ? 24  GLU A CA  1 
ATOM   150  C C   . GLU A 1 24  ? -9.924  12.712  7.306   1.00 8.88  ? 24  GLU A C   1 
ATOM   151  O O   . GLU A 1 24  ? -10.434 13.730  6.840   1.00 7.77  ? 24  GLU A O   1 
ATOM   152  C CB  . GLU A 1 24  ? -7.582  13.264  6.563   1.00 8.75  ? 24  GLU A CB  1 
ATOM   153  C CG  . GLU A 1 24  ? -7.244  13.997  7.850   1.00 7.32  ? 24  GLU A CG  1 
ATOM   154  C CD  . GLU A 1 24  ? -5.876  14.644  7.816   1.00 8.93  ? 24  GLU A CD  1 
ATOM   155  O OE1 . GLU A 1 24  ? -5.523  15.239  6.778   1.00 10.93 ? 24  GLU A OE1 1 
ATOM   156  O OE2 . GLU A 1 24  ? -5.154  14.562  8.835   1.00 9.33  ? 24  GLU A OE2 1 
ATOM   157  N N   . GLU A 1 25  ? -10.479 12.000  8.277   1.00 9.22  ? 25  GLU A N   1 
ATOM   158  C CA  . GLU A 1 25  ? -11.750 12.372  8.874   1.00 10.89 ? 25  GLU A CA  1 
ATOM   159  C C   . GLU A 1 25  ? -11.578 12.980  10.252  1.00 12.97 ? 25  GLU A C   1 
ATOM   160  O O   . GLU A 1 25  ? -11.215 12.291  11.207  1.00 13.58 ? 25  GLU A O   1 
ATOM   161  C CB  . GLU A 1 25  ? -12.641 11.136  8.941   1.00 10.86 ? 25  GLU A CB  1 
ATOM   162  C CG  . GLU A 1 25  ? -12.769 10.446  7.594   1.00 13.06 ? 25  GLU A CG  1 
ATOM   163  C CD  . GLU A 1 25  ? -13.437 9.096   7.684   1.00 16.34 ? 25  GLU A CD  1 
ATOM   164  O OE1 . GLU A 1 25  ? -12.847 8.176   8.288   1.00 17.71 ? 25  GLU A OE1 1 
ATOM   165  O OE2 . GLU A 1 25  ? -14.553 8.957   7.149   1.00 16.45 ? 25  GLU A OE2 1 
ATOM   166  N N   . VAL A 1 26  ? -11.844 14.279  10.345  1.00 12.70 ? 26  VAL A N   1 
ATOM   167  C CA  . VAL A 1 26  ? -11.712 15.004  11.599  1.00 14.17 ? 26  VAL A CA  1 
ATOM   168  C C   . VAL A 1 26  ? -13.068 15.177  12.275  1.00 15.73 ? 26  VAL A C   1 
ATOM   169  O O   . VAL A 1 26  ? -13.985 15.795  11.726  1.00 14.73 ? 26  VAL A O   1 
ATOM   170  C CB  . VAL A 1 26  ? -11.060 16.387  11.367  1.00 14.50 ? 26  VAL A CB  1 
ATOM   171  C CG1 . VAL A 1 26  ? -10.908 17.125  12.684  1.00 13.52 ? 26  VAL A CG1 1 
ATOM   172  C CG2 . VAL A 1 26  ? -9.697  16.209  10.705  1.00 13.76 ? 26  VAL A CG2 1 
ATOM   173  N N   . LEU A 1 27  ? -13.184 14.616  13.472  1.00 17.36 ? 27  LEU A N   1 
ATOM   174  C CA  . LEU A 1 27  ? -14.417 14.690  14.238  1.00 19.41 ? 27  LEU A CA  1 
ATOM   175  C C   . LEU A 1 27  ? -14.453 15.961  15.075  1.00 20.46 ? 27  LEU A C   1 
ATOM   176  O O   . LEU A 1 27  ? -13.689 16.110  16.027  1.00 21.16 ? 27  LEU A O   1 
ATOM   177  C CB  . LEU A 1 27  ? -14.536 13.466  15.149  1.00 20.53 ? 27  LEU A CB  1 
ATOM   178  C CG  . LEU A 1 27  ? -15.793 13.338  16.013  1.00 21.96 ? 27  LEU A CG  1 
ATOM   179  C CD1 . LEU A 1 27  ? -17.028 13.280  15.127  1.00 22.49 ? 27  LEU A CD1 1 
ATOM   180  C CD2 . LEU A 1 27  ? -15.688 12.082  16.869  1.00 22.58 ? 27  LEU A CD2 1 
ATOM   181  N N   . ASP A 1 28  ? -15.336 16.879  14.696  1.00 21.40 ? 28  ASP A N   1 
ATOM   182  C CA  . ASP A 1 28  ? -15.506 18.143  15.403  1.00 21.96 ? 28  ASP A CA  1 
ATOM   183  C C   . ASP A 1 28  ? -16.854 18.059  16.112  1.00 21.76 ? 28  ASP A C   1 
ATOM   184  O O   . ASP A 1 28  ? -17.888 18.398  15.536  1.00 21.08 ? 28  ASP A O   1 
ATOM   185  C CB  . ASP A 1 28  ? -15.507 19.307  14.408  1.00 24.41 ? 28  ASP A CB  1 
ATOM   186  C CG  . ASP A 1 28  ? -15.651 20.656  15.086  1.00 26.08 ? 28  ASP A CG  1 
ATOM   187  O OD1 . ASP A 1 28  ? -15.766 21.670  14.366  1.00 27.22 ? 28  ASP A OD1 1 
ATOM   188  O OD2 . ASP A 1 28  ? -15.647 20.705  16.333  1.00 27.54 ? 28  ASP A OD2 1 
ATOM   189  N N   . LYS A 1 29  ? -16.830 17.596  17.359  1.00 21.40 ? 29  LYS A N   1 
ATOM   190  C CA  . LYS A 1 29  ? -18.046 17.430  18.149  1.00 19.61 ? 29  LYS A CA  1 
ATOM   191  C C   . LYS A 1 29  ? -18.869 16.298  17.538  1.00 19.19 ? 29  LYS A C   1 
ATOM   192  O O   . LYS A 1 29  ? -18.448 15.141  17.565  1.00 19.68 ? 29  LYS A O   1 
ATOM   193  C CB  . LYS A 1 29  ? -18.857 18.731  18.179  1.00 19.84 ? 29  LYS A CB  1 
ATOM   194  C CG  . LYS A 1 29  ? -18.139 19.895  18.844  1.00 19.71 ? 29  LYS A CG  1 
ATOM   195  C CD  . LYS A 1 29  ? -17.774 19.573  20.286  1.00 21.23 ? 29  LYS A CD  1 
ATOM   196  C CE  . LYS A 1 29  ? -17.056 20.738  20.948  1.00 21.33 ? 29  LYS A CE  1 
ATOM   197  N NZ  . LYS A 1 29  ? -15.813 21.104  20.217  1.00 22.92 ? 29  LYS A NZ  1 
ATOM   198  N N   . SER A 1 30  ? -20.035 16.617  16.982  1.00 15.90 ? 30  SER A N   1 
ATOM   199  C CA  . SER A 1 30  ? -20.867 15.584  16.372  1.00 16.29 ? 30  SER A CA  1 
ATOM   200  C C   . SER A 1 30  ? -20.711 15.594  14.855  1.00 15.50 ? 30  SER A C   1 
ATOM   201  O O   . SER A 1 30  ? -21.212 14.708  14.165  1.00 16.57 ? 30  SER A O   1 
ATOM   202  C CB  . SER A 1 30  ? -22.341 15.793  16.726  1.00 14.85 ? 30  SER A CB  1 
ATOM   203  O OG  . SER A 1 30  ? -22.903 16.867  15.990  1.00 14.57 ? 30  SER A OG  1 
ATOM   204  N N   . GLN A 1 31  ? -20.012 16.602  14.344  1.00 15.02 ? 31  GLN A N   1 
ATOM   205  C CA  . GLN A 1 31  ? -19.804 16.735  12.907  1.00 15.06 ? 31  GLN A CA  1 
ATOM   206  C C   . GLN A 1 31  ? -18.455 16.192  12.455  1.00 13.80 ? 31  GLN A C   1 
ATOM   207  O O   . GLN A 1 31  ? -17.431 16.428  13.096  1.00 15.09 ? 31  GLN A O   1 
ATOM   208  C CB  . GLN A 1 31  ? -19.910 18.205  12.497  1.00 16.27 ? 31  GLN A CB  1 
ATOM   209  C CG  . GLN A 1 31  ? -19.796 18.436  10.997  1.00 18.32 ? 31  GLN A CG  1 
ATOM   210  C CD  . GLN A 1 31  ? -19.914 19.899  10.619  1.00 19.14 ? 31  GLN A CD  1 
ATOM   211  O OE1 . GLN A 1 31  ? -18.965 20.671  10.759  1.00 21.37 ? 31  GLN A OE1 1 
ATOM   212  N NE2 . GLN A 1 31  ? -21.090 20.290  10.148  1.00 19.72 ? 31  GLN A NE2 1 
ATOM   213  N N   . THR A 1 32  ? -18.460 15.456  11.350  1.00 11.75 ? 32  THR A N   1 
ATOM   214  C CA  . THR A 1 32  ? -17.222 14.919  10.809  1.00 9.92  ? 32  THR A CA  1 
ATOM   215  C C   . THR A 1 32  ? -16.951 15.526  9.442   1.00 9.99  ? 32  THR A C   1 
ATOM   216  O O   . THR A 1 32  ? -17.756 15.396  8.519   1.00 9.70  ? 32  THR A O   1 
ATOM   217  C CB  . THR A 1 32  ? -17.263 13.381  10.658  1.00 8.05  ? 32  THR A CB  1 
ATOM   218  O OG1 . THR A 1 32  ? -17.381 12.770  11.950  1.00 13.34 ? 32  THR A OG1 1 
ATOM   219  C CG2 . THR A 1 32  ? -15.981 12.883  9.993   1.00 10.98 ? 32  THR A CG2 1 
ATOM   220  N N   . ASN A 1 33  ? -15.824 16.217  9.336   1.00 9.96  ? 33  ASN A N   1 
ATOM   221  C CA  . ASN A 1 33  ? -15.409 16.824  8.084   1.00 9.13  ? 33  ASN A CA  1 
ATOM   222  C C   . ASN A 1 33  ? -14.290 15.936  7.570   1.00 8.16  ? 33  ASN A C   1 
ATOM   223  O O   . ASN A 1 33  ? -13.693 15.182  8.338   1.00 8.96  ? 33  ASN A O   1 
ATOM   224  C CB  . ASN A 1 33  ? -14.895 18.244  8.314   1.00 11.36 ? 33  ASN A CB  1 
ATOM   225  C CG  . ASN A 1 33  ? -15.991 19.188  8.748   1.00 16.41 ? 33  ASN A CG  1 
ATOM   226  O OD1 . ASN A 1 33  ? -16.985 19.366  8.045   1.00 18.37 ? 33  ASN A OD1 1 
ATOM   227  N ND2 . ASN A 1 33  ? -15.817 19.802  9.912   1.00 19.33 ? 33  ASN A ND2 1 
ATOM   228  N N   . TYR A 1 34  ? -14.001 16.011  6.279   1.00 6.48  ? 34  TYR A N   1 
ATOM   229  C CA  . TYR A 1 34  ? -12.958 15.163  5.733   1.00 5.50  ? 34  TYR A CA  1 
ATOM   230  C C   . TYR A 1 34  ? -12.345 15.737  4.471   1.00 5.19  ? 34  TYR A C   1 
ATOM   231  O O   . TYR A 1 34  ? -12.878 16.661  3.853   1.00 5.82  ? 34  TYR A O   1 
ATOM   232  C CB  . TYR A 1 34  ? -13.542 13.783  5.390   1.00 5.69  ? 34  TYR A CB  1 
ATOM   233  C CG  . TYR A 1 34  ? -14.276 13.772  4.059   1.00 4.18  ? 34  TYR A CG  1 
ATOM   234  C CD1 . TYR A 1 34  ? -13.633 13.365  2.887   1.00 3.07  ? 34  TYR A CD1 1 
ATOM   235  C CD2 . TYR A 1 34  ? -15.580 14.260  3.956   1.00 3.82  ? 34  TYR A CD2 1 
ATOM   236  C CE1 . TYR A 1 34  ? -14.267 13.453  1.641   1.00 3.96  ? 34  TYR A CE1 1 
ATOM   237  C CE2 . TYR A 1 34  ? -16.221 14.354  2.718   1.00 4.00  ? 34  TYR A CE2 1 
ATOM   238  C CZ  . TYR A 1 34  ? -15.558 13.953  1.566   1.00 2.62  ? 34  TYR A CZ  1 
ATOM   239  O OH  . TYR A 1 34  ? -16.174 14.070  0.339   1.00 3.44  ? 34  TYR A OH  1 
ATOM   240  N N   . ARG A 1 35  ? -11.206 15.173  4.100   1.00 4.28  ? 35  ARG A N   1 
ATOM   241  C CA  . ARG A 1 35  ? -10.539 15.539  2.868   1.00 5.87  ? 35  ARG A CA  1 
ATOM   242  C C   . ARG A 1 35  ? -9.943  14.236  2.370   1.00 6.31  ? 35  ARG A C   1 
ATOM   243  O O   . ARG A 1 35  ? -9.737  13.304  3.153   1.00 6.92  ? 35  ARG A O   1 
ATOM   244  C CB  . ARG A 1 35  ? -9.466  16.610  3.101   1.00 8.91  ? 35  ARG A CB  1 
ATOM   245  C CG  . ARG A 1 35  ? -8.173  16.168  3.768   1.00 11.80 ? 35  ARG A CG  1 
ATOM   246  C CD  . ARG A 1 35  ? -7.373  17.412  4.141   1.00 15.87 ? 35  ARG A CD  1 
ATOM   247  N NE  . ARG A 1 35  ? -5.966  17.153  4.424   1.00 19.30 ? 35  ARG A NE  1 
ATOM   248  C CZ  . ARG A 1 35  ? -5.021  17.041  3.494   1.00 22.13 ? 35  ARG A CZ  1 
ATOM   249  N NH1 . ARG A 1 35  ? -5.328  17.163  2.209   1.00 21.28 ? 35  ARG A NH1 1 
ATOM   250  N NH2 . ARG A 1 35  ? -3.762  16.822  3.849   1.00 22.53 ? 35  ARG A NH2 1 
ATOM   251  N N   . ILE A 1 36  ? -9.709  14.144  1.070   1.00 4.56  ? 36  ILE A N   1 
ATOM   252  C CA  . ILE A 1 36  ? -9.142  12.928  0.507   1.00 4.79  ? 36  ILE A CA  1 
ATOM   253  C C   . ILE A 1 36  ? -7.659  13.141  0.254   1.00 5.43  ? 36  ILE A C   1 
ATOM   254  O O   . ILE A 1 36  ? -7.248  14.184  -0.253  1.00 6.15  ? 36  ILE A O   1 
ATOM   255  C CB  . ILE A 1 36  ? -9.830  12.554  -0.820  1.00 5.45  ? 36  ILE A CB  1 
ATOM   256  C CG1 . ILE A 1 36  ? -11.342 12.439  -0.607  1.00 6.02  ? 36  ILE A CG1 1 
ATOM   257  C CG2 . ILE A 1 36  ? -9.270  11.225  -1.343  1.00 6.07  ? 36  ILE A CG2 1 
ATOM   258  C CD1 . ILE A 1 36  ? -12.117 12.178  -1.886  1.00 6.56  ? 36  ILE A CD1 1 
ATOM   259  N N   . ARG A 1 37  ? -6.855  12.156  0.634   1.00 4.08  ? 37  ARG A N   1 
ATOM   260  C CA  . ARG A 1 37  ? -5.419  12.238  0.428   1.00 5.28  ? 37  ARG A CA  1 
ATOM   261  C C   . ARG A 1 37  ? -5.001  11.032  -0.394  1.00 4.43  ? 37  ARG A C   1 
ATOM   262  O O   . ARG A 1 37  ? -5.455  9.912   -0.149  1.00 6.00  ? 37  ARG A O   1 
ATOM   263  C CB  . ARG A 1 37  ? -4.704  12.297  1.778   1.00 5.82  ? 37  ARG A CB  1 
ATOM   264  C CG  . ARG A 1 37  ? -5.073  13.566  2.544   1.00 6.69  ? 37  ARG A CG  1 
ATOM   265  C CD  . ARG A 1 37  ? -4.387  13.687  3.890   1.00 5.37  ? 37  ARG A CD  1 
ATOM   266  N NE  . ARG A 1 37  ? -2.948  13.897  3.768   1.00 5.71  ? 37  ARG A NE  1 
ATOM   267  C CZ  . ARG A 1 37  ? -2.153  14.179  4.796   1.00 6.97  ? 37  ARG A CZ  1 
ATOM   268  N NH1 . ARG A 1 37  ? -2.663  14.289  6.018   1.00 8.48  ? 37  ARG A NH1 1 
ATOM   269  N NH2 . ARG A 1 37  ? -0.850  14.335  4.606   1.00 6.76  ? 37  ARG A NH2 1 
ATOM   270  N N   . TYR A 1 38  ? -4.150  11.276  -1.384  1.00 5.93  ? 38  TYR A N   1 
ATOM   271  C CA  . TYR A 1 38  ? -3.703  10.231  -2.291  1.00 6.27  ? 38  TYR A CA  1 
ATOM   272  C C   . TYR A 1 38  ? -2.274  9.793   -2.043  1.00 6.52  ? 38  TYR A C   1 
ATOM   273  O O   . TYR A 1 38  ? -1.365  10.617  -1.900  1.00 7.26  ? 38  TYR A O   1 
ATOM   274  C CB  . TYR A 1 38  ? -3.868  10.705  -3.735  1.00 7.47  ? 38  TYR A CB  1 
ATOM   275  C CG  . TYR A 1 38  ? -5.272  11.179  -4.042  1.00 10.83 ? 38  TYR A CG  1 
ATOM   276  C CD1 . TYR A 1 38  ? -5.677  12.476  -3.720  1.00 12.29 ? 38  TYR A CD1 1 
ATOM   277  C CD2 . TYR A 1 38  ? -6.207  10.320  -4.616  1.00 12.80 ? 38  TYR A CD2 1 
ATOM   278  C CE1 . TYR A 1 38  ? -6.976  12.907  -3.963  1.00 17.13 ? 38  TYR A CE1 1 
ATOM   279  C CE2 . TYR A 1 38  ? -7.515  10.742  -4.863  1.00 15.58 ? 38  TYR A CE2 1 
ATOM   280  C CZ  . TYR A 1 38  ? -7.890  12.037  -4.533  1.00 16.69 ? 38  TYR A CZ  1 
ATOM   281  O OH  . TYR A 1 38  ? -9.177  12.466  -4.773  1.00 21.72 ? 38  TYR A OH  1 
ATOM   282  N N   . TYR A 1 39  ? -2.082  8.480   -2.011  1.00 5.09  ? 39  TYR A N   1 
ATOM   283  C CA  . TYR A 1 39  ? -0.775  7.911   -1.750  1.00 4.60  ? 39  TYR A CA  1 
ATOM   284  C C   . TYR A 1 39  ? -0.338  6.866   -2.754  1.00 6.81  ? 39  TYR A C   1 
ATOM   285  O O   . TYR A 1 39  ? -1.150  6.251   -3.446  1.00 6.81  ? 39  TYR A O   1 
ATOM   286  C CB  . TYR A 1 39  ? -0.751  7.245   -0.375  1.00 5.14  ? 39  TYR A CB  1 
ATOM   287  C CG  . TYR A 1 39  ? -1.067  8.159   0.776   1.00 4.58  ? 39  TYR A CG  1 
ATOM   288  C CD1 . TYR A 1 39  ? -2.386  8.467   1.113   1.00 4.07  ? 39  TYR A CD1 1 
ATOM   289  C CD2 . TYR A 1 39  ? -0.043  8.706   1.543   1.00 6.11  ? 39  TYR A CD2 1 
ATOM   290  C CE1 . TYR A 1 39  ? -2.673  9.299   2.191   1.00 5.65  ? 39  TYR A CE1 1 
ATOM   291  C CE2 . TYR A 1 39  ? -0.317  9.533   2.619   1.00 4.69  ? 39  TYR A CE2 1 
ATOM   292  C CZ  . TYR A 1 39  ? -1.632  9.827   2.939   1.00 4.46  ? 39  TYR A CZ  1 
ATOM   293  O OH  . TYR A 1 39  ? -1.895  10.641  4.014   1.00 7.42  ? 39  TYR A OH  1 
ATOM   294  N N   . LYS A 1 40  ? 0.973   6.684   -2.816  1.00 6.25  ? 40  LYS A N   1 
ATOM   295  C CA  . LYS A 1 40  ? 1.571   5.664   -3.652  1.00 6.33  ? 40  LYS A CA  1 
ATOM   296  C C   . LYS A 1 40  ? 2.146   4.685   -2.634  1.00 6.30  ? 40  LYS A C   1 
ATOM   297  O O   . LYS A 1 40  ? 2.909   5.076   -1.744  1.00 6.26  ? 40  LYS A O   1 
ATOM   298  C CB  . LYS A 1 40  ? 2.692   6.248   -4.515  1.00 11.09 ? 40  LYS A CB  1 
ATOM   299  C CG  . LYS A 1 40  ? 3.466   5.198   -5.292  1.00 16.64 ? 40  LYS A CG  1 
ATOM   300  C CD  . LYS A 1 40  ? 3.549   5.531   -6.774  1.00 21.58 ? 40  LYS A CD  1 
ATOM   301  C CE  . LYS A 1 40  ? 2.173   5.550   -7.413  1.00 23.55 ? 40  LYS A CE  1 
ATOM   302  N NZ  . LYS A 1 40  ? 2.245   5.675   -8.894  1.00 26.67 ? 40  LYS A NZ  1 
ATOM   303  N N   . ILE A 1 41  ? 1.746   3.423   -2.729  1.00 4.25  ? 41  ILE A N   1 
ATOM   304  C CA  . ILE A 1 41  ? 2.251   2.407   -1.821  1.00 4.20  ? 41  ILE A CA  1 
ATOM   305  C C   . ILE A 1 41  ? 3.242   1.554   -2.594  1.00 4.84  ? 41  ILE A C   1 
ATOM   306  O O   . ILE A 1 41  ? 2.920   1.010   -3.653  1.00 4.99  ? 41  ILE A O   1 
ATOM   307  C CB  . ILE A 1 41  ? 1.128   1.494   -1.285  1.00 3.77  ? 41  ILE A CB  1 
ATOM   308  C CG1 . ILE A 1 41  ? 0.090   2.323   -0.523  1.00 5.88  ? 41  ILE A CG1 1 
ATOM   309  C CG2 . ILE A 1 41  ? 1.730   0.417   -0.369  1.00 3.58  ? 41  ILE A CG2 1 
ATOM   310  C CD1 . ILE A 1 41  ? -1.111  1.512   -0.051  1.00 6.91  ? 41  ILE A CD1 1 
ATOM   311  N N   . TYR A 1 42  ? 4.453   1.454   -2.065  1.00 3.52  ? 42  TYR A N   1 
ATOM   312  C CA  . TYR A 1 42  ? 5.499   0.658   -2.693  1.00 5.49  ? 42  TYR A CA  1 
ATOM   313  C C   . TYR A 1 42  ? 5.714   -0.626  -1.905  1.00 4.20  ? 42  TYR A C   1 
ATOM   314  O O   . TYR A 1 42  ? 5.806   -0.592  -0.677  1.00 4.72  ? 42  TYR A O   1 
ATOM   315  C CB  . TYR A 1 42  ? 6.826   1.424   -2.695  1.00 6.86  ? 42  TYR A CB  1 
ATOM   316  C CG  . TYR A 1 42  ? 7.062   2.394   -3.836  1.00 8.42  ? 42  TYR A CG  1 
ATOM   317  C CD1 . TYR A 1 42  ? 6.057   2.718   -4.749  1.00 8.57  ? 42  TYR A CD1 1 
ATOM   318  C CD2 . TYR A 1 42  ? 8.306   3.005   -3.984  1.00 8.85  ? 42  TYR A CD2 1 
ATOM   319  C CE1 . TYR A 1 42  ? 6.295   3.634   -5.783  1.00 9.28  ? 42  TYR A CE1 1 
ATOM   320  C CE2 . TYR A 1 42  ? 8.550   3.914   -5.002  1.00 9.82  ? 42  TYR A CE2 1 
ATOM   321  C CZ  . TYR A 1 42  ? 7.545   4.228   -5.898  1.00 10.71 ? 42  TYR A CZ  1 
ATOM   322  O OH  . TYR A 1 42  ? 7.801   5.147   -6.894  1.00 12.92 ? 42  TYR A OH  1 
ATOM   323  N N   . PHE A 1 43  ? 5.786   -1.757  -2.603  1.00 2.08  ? 43  PHE A N   1 
ATOM   324  C CA  . PHE A 1 43  ? 6.070   -3.027  -1.947  1.00 4.10  ? 43  PHE A CA  1 
ATOM   325  C C   . PHE A 1 43  ? 7.362   -3.562  -2.568  1.00 4.45  ? 43  PHE A C   1 
ATOM   326  O O   . PHE A 1 43  ? 7.457   -3.713  -3.790  1.00 5.03  ? 43  PHE A O   1 
ATOM   327  C CB  . PHE A 1 43  ? 4.950   -4.050  -2.150  1.00 4.02  ? 43  PHE A CB  1 
ATOM   328  C CG  . PHE A 1 43  ? 5.131   -5.292  -1.318  1.00 3.01  ? 43  PHE A CG  1 
ATOM   329  C CD1 . PHE A 1 43  ? 4.591   -5.370  -0.038  1.00 3.24  ? 43  PHE A CD1 1 
ATOM   330  C CD2 . PHE A 1 43  ? 5.926   -6.340  -1.775  1.00 5.34  ? 43  PHE A CD2 1 
ATOM   331  C CE1 . PHE A 1 43  ? 4.845   -6.473  0.780   1.00 5.29  ? 43  PHE A CE1 1 
ATOM   332  C CE2 . PHE A 1 43  ? 6.188   -7.450  -0.968  1.00 5.53  ? 43  PHE A CE2 1 
ATOM   333  C CZ  . PHE A 1 43  ? 5.646   -7.514  0.315   1.00 4.32  ? 43  PHE A CZ  1 
ATOM   334  N N   . TYR A 1 44  ? 8.350   -3.842  -1.724  1.00 3.13  ? 44  TYR A N   1 
ATOM   335  C CA  . TYR A 1 44  ? 9.646   -4.338  -2.181  1.00 4.65  ? 44  TYR A CA  1 
ATOM   336  C C   . TYR A 1 44  ? 9.764   -5.852  -2.019  1.00 3.94  ? 44  TYR A C   1 
ATOM   337  O O   . TYR A 1 44  ? 9.914   -6.349  -0.907  1.00 4.86  ? 44  TYR A O   1 
ATOM   338  C CB  . TYR A 1 44  ? 10.768  -3.660  -1.397  1.00 4.70  ? 44  TYR A CB  1 
ATOM   339  C CG  . TYR A 1 44  ? 10.811  -2.156  -1.551  1.00 6.03  ? 44  TYR A CG  1 
ATOM   340  C CD1 . TYR A 1 44  ? 9.975   -1.332  -0.799  1.00 5.37  ? 44  TYR A CD1 1 
ATOM   341  C CD2 . TYR A 1 44  ? 11.676  -1.563  -2.465  1.00 5.60  ? 44  TYR A CD2 1 
ATOM   342  C CE1 . TYR A 1 44  ? 10.001  0.051   -0.954  1.00 5.09  ? 44  TYR A CE1 1 
ATOM   343  C CE2 . TYR A 1 44  ? 11.712  -0.185  -2.631  1.00 5.51  ? 44  TYR A CE2 1 
ATOM   344  C CZ  . TYR A 1 44  ? 10.874  0.616   -1.875  1.00 3.94  ? 44  TYR A CZ  1 
ATOM   345  O OH  . TYR A 1 44  ? 10.903  1.977   -2.053  1.00 5.89  ? 44  TYR A OH  1 
ATOM   346  N N   . PRO A 1 45  ? 9.724   -6.603  -3.132  1.00 6.32  ? 45  PRO A N   1 
ATOM   347  C CA  . PRO A 1 45  ? 9.822   -8.068  -3.072  1.00 7.68  ? 45  PRO A CA  1 
ATOM   348  C C   . PRO A 1 45  ? 11.109  -8.641  -2.480  1.00 9.84  ? 45  PRO A C   1 
ATOM   349  O O   . PRO A 1 45  ? 11.124  -9.771  -1.992  1.00 11.10 ? 45  PRO A O   1 
ATOM   350  C CB  . PRO A 1 45  ? 9.653   -8.492  -4.532  1.00 9.02  ? 45  PRO A CB  1 
ATOM   351  C CG  . PRO A 1 45  ? 8.872   -7.394  -5.135  1.00 10.90 ? 45  PRO A CG  1 
ATOM   352  C CD  . PRO A 1 45  ? 9.480   -6.157  -4.514  1.00 6.27  ? 45  PRO A CD  1 
ATOM   353  N N   . GLU A 1 46  ? 12.193  -7.878  -2.533  1.00 10.29 ? 46  GLU A N   1 
ATOM   354  C CA  . GLU A 1 46  ? 13.465  -8.367  -2.014  1.00 12.10 ? 46  GLU A CA  1 
ATOM   355  C C   . GLU A 1 46  ? 13.449  -8.659  -0.518  1.00 10.65 ? 46  GLU A C   1 
ATOM   356  O O   . GLU A 1 46  ? 13.962  -9.689  -0.076  1.00 11.87 ? 46  GLU A O   1 
ATOM   357  C CB  . GLU A 1 46  ? 14.580  -7.371  -2.327  1.00 14.67 ? 46  GLU A CB  1 
ATOM   358  C CG  . GLU A 1 46  ? 15.955  -7.819  -1.855  1.00 19.47 ? 46  GLU A CG  1 
ATOM   359  C CD  . GLU A 1 46  ? 17.069  -6.991  -2.458  1.00 23.99 ? 46  GLU A CD  1 
ATOM   360  O OE1 . GLU A 1 46  ? 17.043  -5.753  -2.294  1.00 24.63 ? 46  GLU A OE1 1 
ATOM   361  O OE2 . GLU A 1 46  ? 17.969  -7.578  -3.096  1.00 26.56 ? 46  GLU A OE2 1 
ATOM   362  N N   . ASP A 1 47  ? 12.854  -7.760  0.258   1.00 9.68  ? 47  ASP A N   1 
ATOM   363  C CA  . ASP A 1 47  ? 12.806  -7.928  1.706   1.00 8.76  ? 47  ASP A CA  1 
ATOM   364  C C   . ASP A 1 47  ? 11.410  -7.778  2.303   1.00 6.94  ? 47  ASP A C   1 
ATOM   365  O O   . ASP A 1 47  ? 11.262  -7.684  3.522   1.00 7.07  ? 47  ASP A O   1 
ATOM   366  C CB  . ASP A 1 47  ? 13.752  -6.928  2.375   1.00 9.21  ? 47  ASP A CB  1 
ATOM   367  C CG  . ASP A 1 47  ? 13.523  -5.506  1.904   1.00 11.28 ? 47  ASP A CG  1 
ATOM   368  O OD1 . ASP A 1 47  ? 12.473  -5.242  1.278   1.00 9.86  ? 47  ASP A OD1 1 
ATOM   369  O OD2 . ASP A 1 47  ? 14.392  -4.650  2.171   1.00 13.66 ? 47  ASP A OD2 1 
ATOM   370  N N   . ASP A 1 48  ? 10.397  -7.756  1.442   1.00 6.25  ? 48  ASP A N   1 
ATOM   371  C CA  . ASP A 1 48  ? 9.009   -7.629  1.875   1.00 7.24  ? 48  ASP A CA  1 
ATOM   372  C C   . ASP A 1 48  ? 8.733   -6.376  2.695   1.00 5.74  ? 48  ASP A C   1 
ATOM   373  O O   . ASP A 1 48  ? 7.922   -6.396  3.623   1.00 8.87  ? 48  ASP A O   1 
ATOM   374  C CB  . ASP A 1 48  ? 8.590   -8.871  2.665   1.00 8.88  ? 48  ASP A CB  1 
ATOM   375  C CG  . ASP A 1 48  ? 7.935   -9.919  1.791   1.00 14.36 ? 48  ASP A CG  1 
ATOM   376  O OD1 . ASP A 1 48  ? 8.400   -10.121 0.652   1.00 15.45 ? 48  ASP A OD1 1 
ATOM   377  O OD2 . ASP A 1 48  ? 6.958   -10.548 2.246   1.00 19.63 ? 48  ASP A OD2 1 
ATOM   378  N N   . THR A 1 49  ? 9.408   -5.287  2.353   1.00 4.03  ? 49  THR A N   1 
ATOM   379  C CA  . THR A 1 49  ? 9.201   -4.027  3.051   1.00 4.37  ? 49  THR A CA  1 
ATOM   380  C C   . THR A 1 49  ? 8.193   -3.190  2.273   1.00 4.21  ? 49  THR A C   1 
ATOM   381  O O   . THR A 1 49  ? 7.953   -3.426  1.087   1.00 4.93  ? 49  THR A O   1 
ATOM   382  C CB  . THR A 1 49  ? 10.514  -3.238  3.203   1.00 5.06  ? 49  THR A CB  1 
ATOM   383  O OG1 . THR A 1 49  ? 11.142  -3.094  1.926   1.00 5.05  ? 49  THR A OG1 1 
ATOM   384  C CG2 . THR A 1 49  ? 11.455  -3.961  4.155   1.00 6.31  ? 49  THR A CG2 1 
ATOM   385  N N   . ILE A 1 50  ? 7.601   -2.219  2.954   1.00 3.33  ? 50  ILE A N   1 
ATOM   386  C CA  . ILE A 1 50  ? 6.598   -1.351  2.358   1.00 3.50  ? 50  ILE A CA  1 
ATOM   387  C C   . ILE A 1 50  ? 6.964   0.091   2.643   1.00 4.29  ? 50  ILE A C   1 
ATOM   388  O O   . ILE A 1 50  ? 7.573   0.391   3.665   1.00 2.98  ? 50  ILE A O   1 
ATOM   389  C CB  . ILE A 1 50  ? 5.205   -1.641  2.962   1.00 2.86  ? 50  ILE A CB  1 
ATOM   390  C CG1 . ILE A 1 50  ? 4.743   -3.035  2.540   1.00 2.81  ? 50  ILE A CG1 1 
ATOM   391  C CG2 . ILE A 1 50  ? 4.204   -0.580  2.537   1.00 3.25  ? 50  ILE A CG2 1 
ATOM   392  C CD1 . ILE A 1 50  ? 3.597   -3.574  3.372   1.00 5.14  ? 50  ILE A CD1 1 
ATOM   393  N N   . GLN A 1 51  ? 6.595   0.976   1.727   1.00 4.73  ? 51  GLN A N   1 
ATOM   394  C CA  . GLN A 1 51  ? 6.860   2.395   1.890   1.00 4.82  ? 51  GLN A CA  1 
ATOM   395  C C   . GLN A 1 51  ? 5.658   3.127   1.311   1.00 4.74  ? 51  GLN A C   1 
ATOM   396  O O   . GLN A 1 51  ? 5.063   2.676   0.337   1.00 4.62  ? 51  GLN A O   1 
ATOM   397  C CB  . GLN A 1 51  ? 8.150   2.766   1.152   1.00 5.67  ? 51  GLN A CB  1 
ATOM   398  C CG  . GLN A 1 51  ? 8.612   4.196   1.342   1.00 8.74  ? 51  GLN A CG  1 
ATOM   399  C CD  . GLN A 1 51  ? 10.071  4.355   0.965   1.00 10.53 ? 51  GLN A CD  1 
ATOM   400  O OE1 . GLN A 1 51  ? 10.528  3.770   -0.017  1.00 12.10 ? 51  GLN A OE1 1 
ATOM   401  N NE2 . GLN A 1 51  ? 10.810  5.146   1.740   1.00 11.36 ? 51  GLN A NE2 1 
ATOM   402  N N   . VAL A 1 52  ? 5.283   4.239   1.930   1.00 3.22  ? 52  VAL A N   1 
ATOM   403  C CA  . VAL A 1 52  ? 4.133   5.003   1.470   1.00 3.86  ? 52  VAL A CA  1 
ATOM   404  C C   . VAL A 1 52  ? 4.501   6.471   1.351   1.00 5.25  ? 52  VAL A C   1 
ATOM   405  O O   . VAL A 1 52  ? 5.158   7.025   2.232   1.00 5.95  ? 52  VAL A O   1 
ATOM   406  C CB  . VAL A 1 52  ? 2.958   4.874   2.464   1.00 5.01  ? 52  VAL A CB  1 
ATOM   407  C CG1 . VAL A 1 52  ? 1.724   5.563   1.903   1.00 5.09  ? 52  VAL A CG1 1 
ATOM   408  C CG2 . VAL A 1 52  ? 2.676   3.401   2.754   1.00 4.51  ? 52  VAL A CG2 1 
ATOM   409  N N   . ASN A 1 53  ? 4.086   7.105   0.262   1.00 6.78  ? 53  ASN A N   1 
ATOM   410  C CA  . ASN A 1 53  ? 4.382   8.518   0.085   1.00 6.97  ? 53  ASN A CA  1 
ATOM   411  C C   . ASN A 1 53  ? 3.218   9.221   -0.600  1.00 7.19  ? 53  ASN A C   1 
ATOM   412  O O   . ASN A 1 53  ? 2.518   8.630   -1.419  1.00 8.49  ? 53  ASN A O   1 
ATOM   413  C CB  . ASN A 1 53  ? 5.667   8.696   -0.729  1.00 10.95 ? 53  ASN A CB  1 
ATOM   414  C CG  . ASN A 1 53  ? 5.432   8.618   -2.213  1.00 15.93 ? 53  ASN A CG  1 
ATOM   415  O OD1 . ASN A 1 53  ? 5.129   9.623   -2.858  1.00 20.76 ? 53  ASN A OD1 1 
ATOM   416  N ND2 . ASN A 1 53  ? 5.558   7.422   -2.769  1.00 18.51 ? 53  ASN A ND2 1 
ATOM   417  N N   . GLU A 1 54  ? 3.016   10.482  -0.236  1.00 5.79  ? 54  GLU A N   1 
ATOM   418  C CA  . GLU A 1 54  ? 1.953   11.311  -0.794  1.00 7.51  ? 54  GLU A CA  1 
ATOM   419  C C   . GLU A 1 54  ? 2.585   12.166  -1.897  1.00 9.35  ? 54  GLU A C   1 
ATOM   420  O O   . GLU A 1 54  ? 3.261   13.151  -1.614  1.00 9.91  ? 54  GLU A O   1 
ATOM   421  C CB  . GLU A 1 54  ? 1.375   12.186  0.322   1.00 8.39  ? 54  GLU A CB  1 
ATOM   422  C CG  . GLU A 1 54  ? 0.183   13.045  -0.057  1.00 7.77  ? 54  GLU A CG  1 
ATOM   423  C CD  . GLU A 1 54  ? -0.452  13.698  1.160   1.00 10.08 ? 54  GLU A CD  1 
ATOM   424  O OE1 . GLU A 1 54  ? 0.266   13.919  2.158   1.00 12.21 ? 54  GLU A OE1 1 
ATOM   425  O OE2 . GLU A 1 54  ? -1.665  13.997  1.121   1.00 6.78  ? 54  GLU A OE2 1 
ATOM   426  N N   . PRO A 1 55  ? 2.382   11.787  -3.171  1.00 11.23 ? 55  PRO A N   1 
ATOM   427  C CA  . PRO A 1 55  ? 2.928   12.499  -4.335  1.00 14.39 ? 55  PRO A CA  1 
ATOM   428  C C   . PRO A 1 55  ? 2.766   14.017  -4.326  1.00 16.50 ? 55  PRO A C   1 
ATOM   429  O O   . PRO A 1 55  ? 3.672   14.743  -4.736  1.00 16.02 ? 55  PRO A O   1 
ATOM   430  C CB  . PRO A 1 55  ? 2.197   11.848  -5.506  1.00 14.68 ? 55  PRO A CB  1 
ATOM   431  C CG  . PRO A 1 55  ? 2.061   10.429  -5.045  1.00 13.96 ? 55  PRO A CG  1 
ATOM   432  C CD  . PRO A 1 55  ? 1.613   10.604  -3.603  1.00 12.53 ? 55  PRO A CD  1 
ATOM   433  N N   . GLU A 1 56  ? 1.611   14.487  -3.869  1.00 18.49 ? 56  GLU A N   1 
ATOM   434  C CA  . GLU A 1 56  ? 1.333   15.918  -3.809  1.00 22.06 ? 56  GLU A CA  1 
ATOM   435  C C   . GLU A 1 56  ? 2.394   16.627  -2.975  1.00 22.89 ? 56  GLU A C   1 
ATOM   436  O O   . GLU A 1 56  ? 2.913   16.060  -2.013  1.00 23.75 ? 56  GLU A O   1 
ATOM   437  C CB  . GLU A 1 56  ? -0.048  16.159  -3.195  1.00 24.68 ? 56  GLU A CB  1 
ATOM   438  C CG  . GLU A 1 56  ? -0.469  17.619  -3.159  1.00 29.46 ? 56  GLU A CG  1 
ATOM   439  C CD  . GLU A 1 56  ? -1.799  17.824  -2.458  1.00 31.47 ? 56  GLU A CD  1 
ATOM   440  O OE1 . GLU A 1 56  ? -1.877  17.557  -1.239  1.00 33.30 ? 56  GLU A OE1 1 
ATOM   441  O OE2 . GLU A 1 56  ? -2.765  18.250  -3.126  1.00 33.15 ? 56  GLU A OE2 1 
ATOM   442  N N   . LEU A 1 62  ? 5.979   21.001  8.476   1.00 22.27 ? 62  LEU A N   1 
ATOM   443  C CA  . LEU A 1 62  ? 5.236   20.496  9.624   1.00 20.66 ? 62  LEU A CA  1 
ATOM   444  C C   . LEU A 1 62  ? 4.086   19.588  9.205   1.00 19.82 ? 62  LEU A C   1 
ATOM   445  O O   . LEU A 1 62  ? 3.452   18.956  10.046  1.00 20.38 ? 62  LEU A O   1 
ATOM   446  C CB  . LEU A 1 62  ? 4.684   21.661  10.451  1.00 20.90 ? 62  LEU A CB  1 
ATOM   447  C CG  . LEU A 1 62  ? 5.703   22.629  11.058  1.00 21.12 ? 62  LEU A CG  1 
ATOM   448  C CD1 . LEU A 1 62  ? 4.975   23.706  11.850  1.00 21.41 ? 62  LEU A CD1 1 
ATOM   449  C CD2 . LEU A 1 62  ? 6.664   21.866  11.955  1.00 20.20 ? 62  LEU A CD2 1 
ATOM   450  N N   . LEU A 1 63  ? 3.821   19.522  7.904   1.00 18.66 ? 63  LEU A N   1 
ATOM   451  C CA  . LEU A 1 63  ? 2.740   18.692  7.380   1.00 17.35 ? 63  LEU A CA  1 
ATOM   452  C C   . LEU A 1 63  ? 2.861   17.252  7.879   1.00 14.77 ? 63  LEU A C   1 
ATOM   453  O O   . LEU A 1 63  ? 3.898   16.618  7.703   1.00 14.54 ? 63  LEU A O   1 
ATOM   454  C CB  . LEU A 1 63  ? 2.769   18.712  5.849   1.00 19.50 ? 63  LEU A CB  1 
ATOM   455  C CG  . LEU A 1 63  ? 2.799   20.104  5.211   1.00 21.82 ? 63  LEU A CG  1 
ATOM   456  C CD1 . LEU A 1 63  ? 2.953   19.978  3.704   1.00 22.78 ? 63  LEU A CD1 1 
ATOM   457  C CD2 . LEU A 1 63  ? 1.526   20.857  5.564   1.00 22.60 ? 63  LEU A CD2 1 
ATOM   458  N N   . GLN A 1 64  ? 1.801   16.741  8.500   1.00 12.48 ? 64  GLN A N   1 
ATOM   459  C CA  . GLN A 1 64  ? 1.815   15.374  9.015   1.00 11.63 ? 64  GLN A CA  1 
ATOM   460  C C   . GLN A 1 64  ? 1.077   14.397  8.112   1.00 9.43  ? 64  GLN A C   1 
ATOM   461  O O   . GLN A 1 64  ? 0.226   14.793  7.319   1.00 9.50  ? 64  GLN A O   1 
ATOM   462  C CB  . GLN A 1 64  ? 1.184   15.307  10.409  1.00 13.94 ? 64  GLN A CB  1 
ATOM   463  C CG  . GLN A 1 64  ? 1.978   15.983  11.506  1.00 16.76 ? 64  GLN A CG  1 
ATOM   464  C CD  . GLN A 1 64  ? 1.472   15.608  12.885  1.00 19.55 ? 64  GLN A CD  1 
ATOM   465  O OE1 . GLN A 1 64  ? 0.308   15.833  13.214  1.00 21.49 ? 64  GLN A OE1 1 
ATOM   466  N NE2 . GLN A 1 64  ? 2.347   15.026  13.697  1.00 21.72 ? 64  GLN A NE2 1 
ATOM   467  N N   . GLY A 1 65  ? 1.421   13.118  8.254   1.00 7.86  ? 65  GLY A N   1 
ATOM   468  C CA  . GLY A 1 65  ? 0.784   12.056  7.495   1.00 7.52  ? 65  GLY A CA  1 
ATOM   469  C C   . GLY A 1 65  ? 1.125   11.925  6.024   1.00 7.00  ? 65  GLY A C   1 
ATOM   470  O O   . GLY A 1 65  ? 0.370   11.305  5.271   1.00 8.71  ? 65  GLY A O   1 
ATOM   471  N N   . THR A 1 66  ? 2.260   12.478  5.608   1.00 6.16  ? 66  THR A N   1 
ATOM   472  C CA  . THR A 1 66  ? 2.645   12.416  4.201   1.00 5.23  ? 66  THR A CA  1 
ATOM   473  C C   . THR A 1 66  ? 3.466   11.194  3.809   1.00 5.93  ? 66  THR A C   1 
ATOM   474  O O   . THR A 1 66  ? 3.650   10.929  2.621   1.00 7.28  ? 66  THR A O   1 
ATOM   475  C CB  . THR A 1 66  ? 3.462   13.652  3.790   1.00 6.56  ? 66  THR A CB  1 
ATOM   476  O OG1 . THR A 1 66  ? 4.742   13.609  4.434   1.00 8.69  ? 66  THR A OG1 1 
ATOM   477  C CG2 . THR A 1 66  ? 2.736   14.926  4.189   1.00 7.09  ? 66  THR A CG2 1 
ATOM   478  N N   . SER A 1 67  ? 3.959   10.444  4.789   1.00 6.55  ? 67  SER A N   1 
ATOM   479  C CA  . SER A 1 67  ? 4.779   9.293   4.449   1.00 6.08  ? 67  SER A CA  1 
ATOM   480  C C   . SER A 1 67  ? 4.950   8.263   5.551   1.00 5.82  ? 67  SER A C   1 
ATOM   481  O O   . SER A 1 67  ? 4.764   8.548   6.732   1.00 6.57  ? 67  SER A O   1 
ATOM   482  C CB  . SER A 1 67  ? 6.170   9.768   4.032   1.00 8.85  ? 67  SER A CB  1 
ATOM   483  O OG  . SER A 1 67  ? 6.854   10.301  5.153   1.00 11.15 ? 67  SER A OG  1 
ATOM   484  N N   . ILE A 1 68  ? 5.302   7.057   5.122   1.00 4.36  ? 68  ILE A N   1 
ATOM   485  C CA  . ILE A 1 68  ? 5.596   5.938   6.006   1.00 3.98  ? 68  ILE A CA  1 
ATOM   486  C C   . ILE A 1 68  ? 6.907   5.407   5.439   1.00 3.74  ? 68  ILE A C   1 
ATOM   487  O O   . ILE A 1 68  ? 7.012   5.129   4.241   1.00 3.69  ? 68  ILE A O   1 
ATOM   488  C CB  . ILE A 1 68  ? 4.510   4.846   5.949   1.00 4.24  ? 68  ILE A CB  1 
ATOM   489  C CG1 . ILE A 1 68  ? 3.214   5.387   6.559   1.00 6.44  ? 68  ILE A CG1 1 
ATOM   490  C CG2 . ILE A 1 68  ? 4.989   3.600   6.700   1.00 5.47  ? 68  ILE A CG2 1 
ATOM   491  C CD1 . ILE A 1 68  ? 2.029   4.440   6.464   1.00 6.88  ? 68  ILE A CD1 1 
ATOM   492  N N   . ARG A 1 69  ? 7.913   5.299   6.298   1.00 3.73  ? 69  ARG A N   1 
ATOM   493  C CA  . ARG A 1 69  ? 9.234   4.845   5.882   1.00 4.07  ? 69  ARG A CA  1 
ATOM   494  C C   . ARG A 1 69  ? 9.256   3.392   5.434   1.00 3.64  ? 69  ARG A C   1 
ATOM   495  O O   . ARG A 1 69  ? 8.366   2.611   5.771   1.00 4.05  ? 69  ARG A O   1 
ATOM   496  C CB  . ARG A 1 69  ? 10.230  5.039   7.025   1.00 4.25  ? 69  ARG A CB  1 
ATOM   497  C CG  . ARG A 1 69  ? 10.169  3.978   8.113   1.00 6.96  ? 69  ARG A CG  1 
ATOM   498  C CD  . ARG A 1 69  ? 10.824  4.513   9.366   1.00 6.21  ? 69  ARG A CD  1 
ATOM   499  N NE  . ARG A 1 69  ? 11.210  3.482   10.326  1.00 6.45  ? 69  ARG A NE  1 
ATOM   500  C CZ  . ARG A 1 69  ? 12.296  2.722   10.215  1.00 9.21  ? 69  ARG A CZ  1 
ATOM   501  N NH1 . ARG A 1 69  ? 13.110  2.861   9.177   1.00 7.21  ? 69  ARG A NH1 1 
ATOM   502  N NH2 . ARG A 1 69  ? 12.595  1.853   11.173  1.00 9.28  ? 69  ARG A NH2 1 
ATOM   503  N N   . ARG A 1 70  ? 10.281  3.038   4.669   1.00 4.91  ? 70  ARG A N   1 
ATOM   504  C CA  . ARG A 1 70  ? 10.425  1.674   4.186   1.00 4.98  ? 70  ARG A CA  1 
ATOM   505  C C   . ARG A 1 70  ? 10.738  0.716   5.336   1.00 5.74  ? 70  ARG A C   1 
ATOM   506  O O   . ARG A 1 70  ? 11.743  0.866   6.034   1.00 7.08  ? 70  ARG A O   1 
ATOM   507  C CB  . ARG A 1 70  ? 11.533  1.600   3.130   1.00 4.49  ? 70  ARG A CB  1 
ATOM   508  C CG  . ARG A 1 70  ? 11.762  0.204   2.584   1.00 3.39  ? 70  ARG A CG  1 
ATOM   509  C CD  . ARG A 1 70  ? 12.735  0.209   1.416   1.00 4.78  ? 70  ARG A CD  1 
ATOM   510  N NE  . ARG A 1 70  ? 13.064  -1.156  1.016   1.00 5.42  ? 70  ARG A NE  1 
ATOM   511  C CZ  . ARG A 1 70  ? 13.905  -1.465  0.035   1.00 6.25  ? 70  ARG A CZ  1 
ATOM   512  N NH1 . ARG A 1 70  ? 14.502  -0.505  -0.661  1.00 5.31  ? 70  ARG A NH1 1 
ATOM   513  N NH2 . ARG A 1 70  ? 14.159  -2.738  -0.241  1.00 6.74  ? 70  ARG A NH2 1 
ATOM   514  N N   . HIS A 1 71  ? 9.854   -0.255  5.538   1.00 5.14  ? 71  HIS A N   1 
ATOM   515  C CA  . HIS A 1 71  ? 10.026  -1.266  6.576   1.00 4.83  ? 71  HIS A CA  1 
ATOM   516  C C   . HIS A 1 71  ? 8.920   -2.306  6.455   1.00 4.36  ? 71  HIS A C   1 
ATOM   517  O O   . HIS A 1 71  ? 7.944   -2.092  5.738   1.00 5.80  ? 71  HIS A O   1 
ATOM   518  C CB  . HIS A 1 71  ? 10.013  -0.630  7.985   1.00 5.01  ? 71  HIS A CB  1 
ATOM   519  C CG  . HIS A 1 71  ? 8.679   -0.105  8.428   1.00 5.35  ? 71  HIS A CG  1 
ATOM   520  N ND1 . HIS A 1 71  ? 8.039   0.942   7.800   1.00 7.41  ? 71  HIS A ND1 1 
ATOM   521  C CD2 . HIS A 1 71  ? 7.899   -0.440  9.484   1.00 7.96  ? 71  HIS A CD2 1 
ATOM   522  C CE1 . HIS A 1 71  ? 6.927   1.234   8.453   1.00 9.11  ? 71  HIS A CE1 1 
ATOM   523  N NE2 . HIS A 1 71  ? 6.820   0.410   9.481   1.00 8.94  ? 71  HIS A NE2 1 
ATOM   524  N N   . ARG A 1 72  ? 9.076   -3.443  7.130   1.00 5.91  ? 72  ARG A N   1 
ATOM   525  C CA  . ARG A 1 72  ? 8.032   -4.462  7.085   1.00 5.08  ? 72  ARG A CA  1 
ATOM   526  C C   . ARG A 1 72  ? 6.927   -3.989  8.021   1.00 5.80  ? 72  ARG A C   1 
ATOM   527  O O   . ARG A 1 72  ? 7.188   -3.580  9.158   1.00 6.39  ? 72  ARG A O   1 
ATOM   528  C CB  . ARG A 1 72  ? 8.560   -5.831  7.531   1.00 5.55  ? 72  ARG A CB  1 
ATOM   529  C CG  . ARG A 1 72  ? 9.567   -6.461  6.567   1.00 8.58  ? 72  ARG A CG  1 
ATOM   530  C CD  . ARG A 1 72  ? 9.412   -7.985  6.519   1.00 11.92 ? 72  ARG A CD  1 
ATOM   531  N NE  . ARG A 1 72  ? 8.160   -8.388  5.875   1.00 16.28 ? 72  ARG A NE  1 
ATOM   532  C CZ  . ARG A 1 72  ? 7.766   -9.650  5.719   1.00 17.40 ? 72  ARG A CZ  1 
ATOM   533  N NH1 . ARG A 1 72  ? 8.523   -10.642 6.166   1.00 18.38 ? 72  ARG A NH1 1 
ATOM   534  N NH2 . ARG A 1 72  ? 6.618   -9.923  5.105   1.00 18.27 ? 72  ARG A NH2 1 
ATOM   535  N N   . ILE A 1 73  ? 5.692   -4.029  7.541   1.00 4.44  ? 73  ILE A N   1 
ATOM   536  C CA  . ILE A 1 73  ? 4.571   -3.563  8.339   1.00 3.15  ? 73  ILE A CA  1 
ATOM   537  C C   . ILE A 1 73  ? 3.704   -4.714  8.830   1.00 3.73  ? 73  ILE A C   1 
ATOM   538  O O   . ILE A 1 73  ? 3.272   -5.556  8.044   1.00 5.58  ? 73  ILE A O   1 
ATOM   539  C CB  . ILE A 1 73  ? 3.703   -2.573  7.530   1.00 3.57  ? 73  ILE A CB  1 
ATOM   540  C CG1 . ILE A 1 73  ? 4.571   -1.404  7.051   1.00 2.88  ? 73  ILE A CG1 1 
ATOM   541  C CG2 . ILE A 1 73  ? 2.545   -2.074  8.386   1.00 3.06  ? 73  ILE A CG2 1 
ATOM   542  C CD1 . ILE A 1 73  ? 3.809   -0.325  6.284   1.00 5.96  ? 73  ILE A CD1 1 
ATOM   543  N N   . THR A 1 74  ? 3.460   -4.755  10.134  1.00 2.79  ? 74  THR A N   1 
ATOM   544  C CA  . THR A 1 74  ? 2.643   -5.819  10.701  1.00 3.16  ? 74  THR A CA  1 
ATOM   545  C C   . THR A 1 74  ? 1.186   -5.732  10.271  1.00 3.90  ? 74  THR A C   1 
ATOM   546  O O   . THR A 1 74  ? 0.655   -4.643  10.034  1.00 5.13  ? 74  THR A O   1 
ATOM   547  C CB  . THR A 1 74  ? 2.686   -5.810  12.248  1.00 4.17  ? 74  THR A CB  1 
ATOM   548  O OG1 . THR A 1 74  ? 2.450   -4.481  12.738  1.00 4.50  ? 74  THR A OG1 1 
ATOM   549  C CG2 . THR A 1 74  ? 4.034   -6.298  12.738  1.00 6.14  ? 74  THR A CG2 1 
ATOM   550  N N   . LEU A 1 75  ? 0.553   -6.894  10.142  1.00 4.84  ? 75  LEU A N   1 
ATOM   551  C CA  . LEU A 1 75  ? -0.860  -6.936  9.793   1.00 4.47  ? 75  LEU A CA  1 
ATOM   552  C C   . LEU A 1 75  ? -1.583  -6.337  10.994  1.00 5.75  ? 75  LEU A C   1 
ATOM   553  O O   . LEU A 1 75  ? -1.053  -6.325  12.106  1.00 5.59  ? 75  LEU A O   1 
ATOM   554  C CB  . LEU A 1 75  ? -1.331  -8.383  9.586   1.00 3.59  ? 75  LEU A CB  1 
ATOM   555  C CG  . LEU A 1 75  ? -0.731  -9.168  8.419   1.00 4.87  ? 75  LEU A CG  1 
ATOM   556  C CD1 . LEU A 1 75  ? -1.284  -10.583 8.407   1.00 4.71  ? 75  LEU A CD1 1 
ATOM   557  C CD2 . LEU A 1 75  ? -1.069  -8.463  7.116   1.00 6.11  ? 75  LEU A CD2 1 
ATOM   558  N N   . PRO A 1 76  ? -2.796  -5.815  10.790  1.00 5.31  ? 76  PRO A N   1 
ATOM   559  C CA  . PRO A 1 76  ? -3.499  -5.239  11.938  1.00 6.27  ? 76  PRO A CA  1 
ATOM   560  C C   . PRO A 1 76  ? -3.983  -6.328  12.895  1.00 6.67  ? 76  PRO A C   1 
ATOM   561  O O   . PRO A 1 76  ? -3.979  -7.513  12.557  1.00 5.94  ? 76  PRO A O   1 
ATOM   562  C CB  . PRO A 1 76  ? -4.651  -4.479  11.285  1.00 8.31  ? 76  PRO A CB  1 
ATOM   563  C CG  . PRO A 1 76  ? -4.935  -5.286  10.052  1.00 8.05  ? 76  PRO A CG  1 
ATOM   564  C CD  . PRO A 1 76  ? -3.552  -5.610  9.540   1.00 7.14  ? 76  PRO A CD  1 
ATOM   565  N N   . PRO A 1 77  ? -4.379  -5.942  14.114  1.00 8.35  ? 77  PRO A N   1 
ATOM   566  C CA  . PRO A 1 77  ? -4.862  -6.939  15.070  1.00 8.12  ? 77  PRO A CA  1 
ATOM   567  C C   . PRO A 1 77  ? -5.986  -7.738  14.416  1.00 9.81  ? 77  PRO A C   1 
ATOM   568  O O   . PRO A 1 77  ? -6.767  -7.197  13.627  1.00 10.11 ? 77  PRO A O   1 
ATOM   569  C CB  . PRO A 1 77  ? -5.356  -6.084  16.232  1.00 10.07 ? 77  PRO A CB  1 
ATOM   570  C CG  . PRO A 1 77  ? -4.404  -4.933  16.211  1.00 10.44 ? 77  PRO A CG  1 
ATOM   571  C CD  . PRO A 1 77  ? -4.307  -4.607  14.733  1.00 9.00  ? 77  PRO A CD  1 
ATOM   572  N N   . PRO A 1 78  ? -6.119  -9.023  14.772  1.00 9.59  ? 78  PRO A N   1 
ATOM   573  C CA  . PRO A 1 78  ? -5.313  -9.776  15.738  1.00 10.46 ? 78  PRO A CA  1 
ATOM   574  C C   . PRO A 1 78  ? -4.102  -10.500 15.153  1.00 7.92  ? 78  PRO A C   1 
ATOM   575  O O   . PRO A 1 78  ? -3.584  -11.427 15.775  1.00 7.55  ? 78  PRO A O   1 
ATOM   576  C CB  . PRO A 1 78  ? -6.323  -10.763 16.294  1.00 12.15 ? 78  PRO A CB  1 
ATOM   577  C CG  . PRO A 1 78  ? -7.048  -11.162 15.034  1.00 12.36 ? 78  PRO A CG  1 
ATOM   578  C CD  . PRO A 1 78  ? -7.275  -9.825  14.329  1.00 11.97 ? 78  PRO A CD  1 
ATOM   579  N N   . ASP A 1 79  ? -3.640  -10.081 13.979  1.00 6.93  ? 79  ASP A N   1 
ATOM   580  C CA  . ASP A 1 79  ? -2.516  -10.756 13.331  1.00 6.61  ? 79  ASP A CA  1 
ATOM   581  C C   . ASP A 1 79  ? -1.187  -10.008 13.356  1.00 6.85  ? 79  ASP A C   1 
ATOM   582  O O   . ASP A 1 79  ? -0.389  -10.136 12.427  1.00 6.35  ? 79  ASP A O   1 
ATOM   583  C CB  . ASP A 1 79  ? -2.880  -11.068 11.878  1.00 8.37  ? 79  ASP A CB  1 
ATOM   584  C CG  . ASP A 1 79  ? -4.118  -11.934 11.761  1.00 10.09 ? 79  ASP A CG  1 
ATOM   585  O OD1 . ASP A 1 79  ? -4.102  -13.067 12.287  1.00 8.87  ? 79  ASP A OD1 1 
ATOM   586  O OD2 . ASP A 1 79  ? -5.103  -11.482 11.137  1.00 11.01 ? 79  ASP A OD2 1 
ATOM   587  N N   . GLU A 1 80  ? -0.928  -9.260  14.424  1.00 5.34  ? 80  GLU A N   1 
ATOM   588  C CA  . GLU A 1 80  ? 0.307   -8.487  14.510  1.00 5.72  ? 80  GLU A CA  1 
ATOM   589  C C   . GLU A 1 80  ? 1.583   -9.311  14.640  1.00 6.20  ? 80  GLU A C   1 
ATOM   590  O O   . GLU A 1 80  ? 2.682   -8.754  14.694  1.00 8.44  ? 80  GLU A O   1 
ATOM   591  C CB  . GLU A 1 80  ? 0.209   -7.465  15.649  1.00 7.06  ? 80  GLU A CB  1 
ATOM   592  C CG  . GLU A 1 80  ? -0.903  -6.450  15.427  1.00 10.36 ? 80  GLU A CG  1 
ATOM   593  C CD  . GLU A 1 80  ? -0.908  -5.341  16.456  1.00 13.44 ? 80  GLU A CD  1 
ATOM   594  O OE1 . GLU A 1 80  ? -1.060  -5.643  17.658  1.00 16.42 ? 80  GLU A OE1 1 
ATOM   595  O OE2 . GLU A 1 80  ? -0.764  -4.165  16.059  1.00 14.22 ? 80  GLU A OE2 1 
ATOM   596  N N   . ASP A 1 81  ? 1.449   -10.633 14.684  1.00 5.34  ? 81  ASP A N   1 
ATOM   597  C CA  . ASP A 1 81  ? 2.618   -11.503 14.767  1.00 7.37  ? 81  ASP A CA  1 
ATOM   598  C C   . ASP A 1 81  ? 3.132   -11.761 13.350  1.00 8.29  ? 81  ASP A C   1 
ATOM   599  O O   . ASP A 1 81  ? 4.201   -12.345 13.158  1.00 10.06 ? 81  ASP A O   1 
ATOM   600  C CB  . ASP A 1 81  ? 2.260   -12.832 15.446  1.00 8.05  ? 81  ASP A CB  1 
ATOM   601  C CG  . ASP A 1 81  ? 1.259   -13.646 14.650  1.00 10.57 ? 81  ASP A CG  1 
ATOM   602  O OD1 . ASP A 1 81  ? 0.158   -13.134 14.375  1.00 10.24 ? 81  ASP A OD1 1 
ATOM   603  O OD2 . ASP A 1 81  ? 1.576   -14.802 14.303  1.00 14.48 ? 81  ASP A OD2 1 
ATOM   604  N N   . GLN A 1 82  ? 2.360   -11.305 12.364  1.00 7.16  ? 82  GLN A N   1 
ATOM   605  C CA  . GLN A 1 82  ? 2.699   -11.464 10.952  1.00 8.00  ? 82  GLN A CA  1 
ATOM   606  C C   . GLN A 1 82  ? 2.856   -10.127 10.245  1.00 6.58  ? 82  GLN A C   1 
ATOM   607  O O   . GLN A 1 82  ? 2.348   -9.104  10.701  1.00 7.43  ? 82  GLN A O   1 
ATOM   608  C CB  . GLN A 1 82  ? 1.607   -12.224 10.206  1.00 8.15  ? 82  GLN A CB  1 
ATOM   609  C CG  . GLN A 1 82  ? 1.440   -13.674 10.547  1.00 11.95 ? 82  GLN A CG  1 
ATOM   610  C CD  . GLN A 1 82  ? 0.461   -14.325 9.596   1.00 12.33 ? 82  GLN A CD  1 
ATOM   611  O OE1 . GLN A 1 82  ? 0.685   -14.344 8.385   1.00 12.52 ? 82  GLN A OE1 1 
ATOM   612  N NE2 . GLN A 1 82  ? -0.635  -14.848 10.133  1.00 12.65 ? 82  GLN A NE2 1 
ATOM   613  N N   . PHE A 1 83  ? 3.530   -10.163 9.100   1.00 7.00  ? 83  PHE A N   1 
ATOM   614  C CA  . PHE A 1 83  ? 3.758   -8.971  8.289   1.00 5.98  ? 83  PHE A CA  1 
ATOM   615  C C   . PHE A 1 83  ? 2.975   -9.040  6.983   1.00 6.46  ? 83  PHE A C   1 
ATOM   616  O O   . PHE A 1 83  ? 2.601   -10.116 6.518   1.00 5.99  ? 83  PHE A O   1 
ATOM   617  C CB  . PHE A 1 83  ? 5.240   -8.835  7.938   1.00 8.07  ? 83  PHE A CB  1 
ATOM   618  C CG  . PHE A 1 83  ? 6.122   -8.511  9.105   1.00 8.63  ? 83  PHE A CG  1 
ATOM   619  C CD1 . PHE A 1 83  ? 6.020   -7.283  9.752   1.00 8.60  ? 83  PHE A CD1 1 
ATOM   620  C CD2 . PHE A 1 83  ? 7.084   -9.420  9.535   1.00 12.34 ? 83  PHE A CD2 1 
ATOM   621  C CE1 . PHE A 1 83  ? 6.867   -6.964  10.809  1.00 10.06 ? 83  PHE A CE1 1 
ATOM   622  C CE2 . PHE A 1 83  ? 7.936   -9.108  10.593  1.00 12.18 ? 83  PHE A CE2 1 
ATOM   623  C CZ  . PHE A 1 83  ? 7.826   -7.879  11.229  1.00 11.03 ? 83  PHE A CZ  1 
ATOM   624  N N   . TYR A 1 84  ? 2.739   -7.877  6.392   1.00 6.23  ? 84  TYR A N   1 
ATOM   625  C CA  . TYR A 1 84  ? 2.047   -7.800  5.118   1.00 5.16  ? 84  TYR A CA  1 
ATOM   626  C C   . TYR A 1 84  ? 2.929   -8.431  4.048   1.00 4.84  ? 84  TYR A C   1 
ATOM   627  O O   . TYR A 1 84  ? 4.153   -8.279  4.079   1.00 5.25  ? 84  TYR A O   1 
ATOM   628  C CB  . TYR A 1 84  ? 1.788   -6.338  4.753   1.00 4.76  ? 84  TYR A CB  1 
ATOM   629  C CG  . TYR A 1 84  ? 0.441   -5.824  5.195   1.00 4.21  ? 84  TYR A CG  1 
ATOM   630  C CD1 . TYR A 1 84  ? -0.719  -6.207  4.526   1.00 4.81  ? 84  TYR A CD1 1 
ATOM   631  C CD2 . TYR A 1 84  ? 0.321   -4.966  6.289   1.00 4.38  ? 84  TYR A CD2 1 
ATOM   632  C CE1 . TYR A 1 84  ? -1.967  -5.753  4.933   1.00 5.28  ? 84  TYR A CE1 1 
ATOM   633  C CE2 . TYR A 1 84  ? -0.920  -4.505  6.704   1.00 4.35  ? 84  TYR A CE2 1 
ATOM   634  C CZ  . TYR A 1 84  ? -2.060  -4.904  6.021   1.00 5.88  ? 84  TYR A CZ  1 
ATOM   635  O OH  . TYR A 1 84  ? -3.298  -4.468  6.425   1.00 5.80  ? 84  TYR A OH  1 
ATOM   636  N N   . THR A 1 85  ? 2.308   -9.154  3.122   1.00 2.17  ? 85  THR A N   1 
ATOM   637  C CA  . THR A 1 85  ? 3.028   -9.780  2.016   1.00 3.10  ? 85  THR A CA  1 
ATOM   638  C C   . THR A 1 85  ? 2.467   -9.195  0.728   1.00 3.07  ? 85  THR A C   1 
ATOM   639  O O   . THR A 1 85  ? 1.451   -8.503  0.747   1.00 3.17  ? 85  THR A O   1 
ATOM   640  C CB  . THR A 1 85  ? 2.830   -11.308 1.971   1.00 2.23  ? 85  THR A CB  1 
ATOM   641  O OG1 . THR A 1 85  ? 1.487   -11.604 1.572   1.00 3.94  ? 85  THR A OG1 1 
ATOM   642  C CG2 . THR A 1 85  ? 3.106   -11.926 3.331   1.00 4.19  ? 85  THR A CG2 1 
ATOM   643  N N   . VAL A 1 86  ? 3.119   -9.472  -0.394  1.00 4.97  ? 86  VAL A N   1 
ATOM   644  C CA  . VAL A 1 86  ? 2.655   -8.942  -1.669  1.00 5.19  ? 86  VAL A CA  1 
ATOM   645  C C   . VAL A 1 86  ? 1.258   -9.469  -2.012  1.00 5.09  ? 86  VAL A C   1 
ATOM   646  O O   . VAL A 1 86  ? 0.500   -8.813  -2.731  1.00 4.83  ? 86  VAL A O   1 
ATOM   647  C CB  . VAL A 1 86  ? 3.648   -9.289  -2.810  1.00 6.02  ? 86  VAL A CB  1 
ATOM   648  C CG1 . VAL A 1 86  ? 3.630   -10.783 -3.094  1.00 5.97  ? 86  VAL A CG1 1 
ATOM   649  C CG2 . VAL A 1 86  ? 3.312   -8.481  -4.055  1.00 8.80  ? 86  VAL A CG2 1 
ATOM   650  N N   . TYR A 1 87  ? 0.915   -10.635 -1.466  1.00 5.07  ? 87  TYR A N   1 
ATOM   651  C CA  . TYR A 1 87  ? -0.382  -11.264 -1.713  1.00 4.76  ? 87  TYR A CA  1 
ATOM   652  C C   . TYR A 1 87  ? -1.552  -10.571 -1.013  1.00 5.23  ? 87  TYR A C   1 
ATOM   653  O O   . TYR A 1 87  ? -2.713  -10.914 -1.248  1.00 5.60  ? 87  TYR A O   1 
ATOM   654  C CB  . TYR A 1 87  ? -0.317  -12.743 -1.307  1.00 5.84  ? 87  TYR A CB  1 
ATOM   655  C CG  . TYR A 1 87  ? 0.705   -13.531 -2.102  1.00 5.26  ? 87  TYR A CG  1 
ATOM   656  C CD1 . TYR A 1 87  ? 0.410   -14.001 -3.382  1.00 6.07  ? 87  TYR A CD1 1 
ATOM   657  C CD2 . TYR A 1 87  ? 1.988   -13.754 -1.598  1.00 6.28  ? 87  TYR A CD2 1 
ATOM   658  C CE1 . TYR A 1 87  ? 1.373   -14.670 -4.144  1.00 6.43  ? 87  TYR A CE1 1 
ATOM   659  C CE2 . TYR A 1 87  ? 2.954   -14.421 -2.348  1.00 6.84  ? 87  TYR A CE2 1 
ATOM   660  C CZ  . TYR A 1 87  ? 2.642   -14.874 -3.619  1.00 5.68  ? 87  TYR A CZ  1 
ATOM   661  O OH  . TYR A 1 87  ? 3.600   -15.524 -4.364  1.00 9.46  ? 87  TYR A OH  1 
ATOM   662  N N   . HIS A 1 88  ? -1.251  -9.593  -0.163  1.00 4.53  ? 88  HIS A N   1 
ATOM   663  C CA  . HIS A 1 88  ? -2.295  -8.849  0.542   1.00 4.96  ? 88  HIS A CA  1 
ATOM   664  C C   . HIS A 1 88  ? -2.720  -7.606  -0.237  1.00 5.62  ? 88  HIS A C   1 
ATOM   665  O O   . HIS A 1 88  ? -3.623  -6.881  0.185   1.00 5.96  ? 88  HIS A O   1 
ATOM   666  C CB  . HIS A 1 88  ? -1.809  -8.398  1.926   1.00 4.45  ? 88  HIS A CB  1 
ATOM   667  C CG  . HIS A 1 88  ? -1.732  -9.496  2.939   1.00 4.66  ? 88  HIS A CG  1 
ATOM   668  N ND1 . HIS A 1 88  ? -0.593  -10.243 3.148   1.00 4.43  ? 88  HIS A ND1 1 
ATOM   669  C CD2 . HIS A 1 88  ? -2.658  -9.972  3.807   1.00 3.87  ? 88  HIS A CD2 1 
ATOM   670  C CE1 . HIS A 1 88  ? -0.820  -11.132 4.101   1.00 4.69  ? 88  HIS A CE1 1 
ATOM   671  N NE2 . HIS A 1 88  ? -2.066  -10.987 4.517   1.00 3.55  ? 88  HIS A NE2 1 
ATOM   672  N N   . PHE A 1 89  ? -2.075  -7.359  -1.375  1.00 4.47  ? 89  PHE A N   1 
ATOM   673  C CA  . PHE A 1 89  ? -2.386  -6.173  -2.164  1.00 4.62  ? 89  PHE A CA  1 
ATOM   674  C C   . PHE A 1 89  ? -3.124  -6.438  -3.462  1.00 4.60  ? 89  PHE A C   1 
ATOM   675  O O   . PHE A 1 89  ? -2.748  -7.314  -4.235  1.00 7.06  ? 89  PHE A O   1 
ATOM   676  C CB  . PHE A 1 89  ? -1.101  -5.406  -2.482  1.00 4.29  ? 89  PHE A CB  1 
ATOM   677  C CG  . PHE A 1 89  ? -0.389  -4.897  -1.272  1.00 4.74  ? 89  PHE A CG  1 
ATOM   678  C CD1 . PHE A 1 89  ? 0.369   -5.754  -0.482  1.00 4.20  ? 89  PHE A CD1 1 
ATOM   679  C CD2 . PHE A 1 89  ? -0.501  -3.560  -0.898  1.00 6.87  ? 89  PHE A CD2 1 
ATOM   680  C CE1 . PHE A 1 89  ? 1.007   -5.283  0.666   1.00 5.08  ? 89  PHE A CE1 1 
ATOM   681  C CE2 . PHE A 1 89  ? 0.130   -3.083  0.247   1.00 8.55  ? 89  PHE A CE2 1 
ATOM   682  C CZ  . PHE A 1 89  ? 0.884   -3.944  1.029   1.00 8.31  ? 89  PHE A CZ  1 
ATOM   683  N N   . ASN A 1 90  ? -4.177  -5.662  -3.696  1.00 4.86  ? 90  ASN A N   1 
ATOM   684  C CA  . ASN A 1 90  ? -4.956  -5.791  -4.916  1.00 4.10  ? 90  ASN A CA  1 
ATOM   685  C C   . ASN A 1 90  ? -5.837  -4.563  -5.071  1.00 4.80  ? 90  ASN A C   1 
ATOM   686  O O   . ASN A 1 90  ? -6.064  -3.817  -4.113  1.00 4.84  ? 90  ASN A O   1 
ATOM   687  C CB  . ASN A 1 90  ? -5.844  -7.039  -4.866  1.00 3.14  ? 90  ASN A CB  1 
ATOM   688  C CG  . ASN A 1 90  ? -6.123  -7.620  -6.246  1.00 4.41  ? 90  ASN A CG  1 
ATOM   689  O OD1 . ASN A 1 90  ? -6.255  -6.893  -7.232  1.00 5.26  ? 90  ASN A OD1 1 
ATOM   690  N ND2 . ASN A 1 90  ? -6.225  -8.944  -6.315  1.00 5.21  ? 90  ASN A ND2 1 
ATOM   691  N N   . VAL A 1 91  ? -6.312  -4.340  -6.287  1.00 4.41  ? 91  VAL A N   1 
ATOM   692  C CA  . VAL A 1 91  ? -7.207  -3.230  -6.548  1.00 5.59  ? 91  VAL A CA  1 
ATOM   693  C C   . VAL A 1 91  ? -8.504  -3.589  -5.827  1.00 5.62  ? 91  VAL A C   1 
ATOM   694  O O   . VAL A 1 91  ? -8.930  -4.744  -5.852  1.00 6.41  ? 91  VAL A O   1 
ATOM   695  C CB  . VAL A 1 91  ? -7.472  -3.085  -8.062  1.00 4.02  ? 91  VAL A CB  1 
ATOM   696  C CG1 . VAL A 1 91  ? -8.595  -2.089  -8.310  1.00 5.45  ? 91  VAL A CG1 1 
ATOM   697  C CG2 . VAL A 1 91  ? -6.200  -2.632  -8.764  1.00 5.16  ? 91  VAL A CG2 1 
ATOM   698  N N   . GLY A 1 92  ? -9.120  -2.615  -5.163  1.00 5.43  ? 92  GLY A N   1 
ATOM   699  C CA  . GLY A 1 92  ? -10.360 -2.889  -4.457  1.00 6.26  ? 92  GLY A CA  1 
ATOM   700  C C   . GLY A 1 92  ? -10.162 -3.570  -3.116  1.00 5.99  ? 92  GLY A C   1 
ATOM   701  O O   . GLY A 1 92  ? -11.097 -4.148  -2.561  1.00 8.35  ? 92  GLY A O   1 
ATOM   702  N N   . THR A 1 93  ? -8.939  -3.516  -2.599  1.00 5.21  ? 93  THR A N   1 
ATOM   703  C CA  . THR A 1 93  ? -8.629  -4.113  -1.306  1.00 6.37  ? 93  THR A CA  1 
ATOM   704  C C   . THR A 1 93  ? -8.168  -3.012  -0.362  1.00 5.01  ? 93  THR A C   1 
ATOM   705  O O   . THR A 1 93  ? -7.580  -2.020  -0.796  1.00 7.28  ? 93  THR A O   1 
ATOM   706  C CB  . THR A 1 93  ? -7.508  -5.170  -1.423  1.00 9.15  ? 93  THR A CB  1 
ATOM   707  O OG1 . THR A 1 93  ? -7.955  -6.246  -2.253  1.00 11.68 ? 93  THR A OG1 1 
ATOM   708  C CG2 . THR A 1 93  ? -7.140  -5.724  -0.047  1.00 11.38 ? 93  THR A CG2 1 
ATOM   709  N N   . GLU A 1 94  ? -8.448  -3.176  0.926   1.00 4.92  ? 94  GLU A N   1 
ATOM   710  C CA  . GLU A 1 94  ? -8.028  -2.188  1.910   1.00 6.28  ? 94  GLU A CA  1 
ATOM   711  C C   . GLU A 1 94  ? -6.887  -2.765  2.729   1.00 6.38  ? 94  GLU A C   1 
ATOM   712  O O   . GLU A 1 94  ? -6.853  -3.965  3.003   1.00 7.13  ? 94  GLU A O   1 
ATOM   713  C CB  . GLU A 1 94  ? -9.181  -1.826  2.852   1.00 5.60  ? 94  GLU A CB  1 
ATOM   714  C CG  . GLU A 1 94  ? -10.458 -1.395  2.153   1.00 7.58  ? 94  GLU A CG  1 
ATOM   715  C CD  . GLU A 1 94  ? -11.485 -0.834  3.117   1.00 9.51  ? 94  GLU A CD  1 
ATOM   716  O OE1 . GLU A 1 94  ? -11.410 -1.155  4.324   1.00 10.50 ? 94  GLU A OE1 1 
ATOM   717  O OE2 . GLU A 1 94  ? -12.375 -0.083  2.665   1.00 10.05 ? 94  GLU A OE2 1 
ATOM   718  N N   . VAL A 1 95  ? -5.937  -1.912  3.088   1.00 5.30  ? 95  VAL A N   1 
ATOM   719  C CA  . VAL A 1 95  ? -4.823  -2.327  3.925   1.00 5.21  ? 95  VAL A CA  1 
ATOM   720  C C   . VAL A 1 95  ? -4.767  -1.319  5.061   1.00 6.30  ? 95  VAL A C   1 
ATOM   721  O O   . VAL A 1 95  ? -5.143  -0.154  4.894   1.00 7.46  ? 95  VAL A O   1 
ATOM   722  C CB  . VAL A 1 95  ? -3.476  -2.348  3.160   1.00 6.12  ? 95  VAL A CB  1 
ATOM   723  C CG1 . VAL A 1 95  ? -3.513  -3.432  2.085   1.00 5.58  ? 95  VAL A CG1 1 
ATOM   724  C CG2 . VAL A 1 95  ? -3.182  -0.984  2.552   1.00 6.18  ? 95  VAL A CG2 1 
ATOM   725  N N   . VAL A 1 96  ? -4.308  -1.770  6.222   1.00 5.70  ? 96  VAL A N   1 
ATOM   726  C CA  . VAL A 1 96  ? -4.242  -0.910  7.390   1.00 5.12  ? 96  VAL A CA  1 
ATOM   727  C C   . VAL A 1 96  ? -2.818  -0.777  7.898   1.00 5.55  ? 96  VAL A C   1 
ATOM   728  O O   . VAL A 1 96  ? -2.192  -1.767  8.271   1.00 4.17  ? 96  VAL A O   1 
ATOM   729  C CB  . VAL A 1 96  ? -5.134  -1.465  8.530   1.00 6.22  ? 96  VAL A CB  1 
ATOM   730  C CG1 . VAL A 1 96  ? -5.126  -0.508  9.717   1.00 4.12  ? 96  VAL A CG1 1 
ATOM   731  C CG2 . VAL A 1 96  ? -6.559  -1.665  8.028   1.00 7.62  ? 96  VAL A CG2 1 
ATOM   732  N N   . PHE A 1 97  ? -2.315  0.454   7.895   1.00 3.77  ? 97  PHE A N   1 
ATOM   733  C CA  . PHE A 1 97  ? -0.970  0.751   8.372   1.00 4.06  ? 97  PHE A CA  1 
ATOM   734  C C   . PHE A 1 97  ? -1.104  1.730   9.541   1.00 4.84  ? 97  PHE A C   1 
ATOM   735  O O   . PHE A 1 97  ? -1.727  2.785   9.405   1.00 4.04  ? 97  PHE A O   1 
ATOM   736  C CB  . PHE A 1 97  ? -0.122  1.412   7.275   1.00 4.64  ? 97  PHE A CB  1 
ATOM   737  C CG  . PHE A 1 97  ? -0.012  0.614   5.998   1.00 5.18  ? 97  PHE A CG  1 
ATOM   738  C CD1 . PHE A 1 97  ? -0.023  -0.780  6.009   1.00 4.84  ? 97  PHE A CD1 1 
ATOM   739  C CD2 . PHE A 1 97  ? 0.164   1.268   4.781   1.00 5.70  ? 97  PHE A CD2 1 
ATOM   740  C CE1 . PHE A 1 97  ? 0.142   -1.509  4.827   1.00 5.11  ? 97  PHE A CE1 1 
ATOM   741  C CE2 . PHE A 1 97  ? 0.332   0.549   3.596   1.00 5.79  ? 97  PHE A CE2 1 
ATOM   742  C CZ  . PHE A 1 97  ? 0.321   -0.840  3.618   1.00 4.47  ? 97  PHE A CZ  1 
ATOM   743  N N   . TYR A 1 98  ? -0.520  1.381   10.682  1.00 4.30  ? 98  TYR A N   1 
ATOM   744  C CA  . TYR A 1 98  ? -0.579  2.236   11.862  1.00 4.32  ? 98  TYR A CA  1 
ATOM   745  C C   . TYR A 1 98  ? -1.986  2.744   12.161  1.00 4.72  ? 98  TYR A C   1 
ATOM   746  O O   . TYR A 1 98  ? -2.190  3.923   12.465  1.00 6.62  ? 98  TYR A O   1 
ATOM   747  C CB  . TYR A 1 98  ? 0.407   3.401   11.708  1.00 4.81  ? 98  TYR A CB  1 
ATOM   748  C CG  . TYR A 1 98  ? 1.847   2.941   11.743  1.00 3.55  ? 98  TYR A CG  1 
ATOM   749  C CD1 . TYR A 1 98  ? 2.449   2.574   12.947  1.00 5.75  ? 98  TYR A CD1 1 
ATOM   750  C CD2 . TYR A 1 98  ? 2.581   2.788   10.568  1.00 3.09  ? 98  TYR A CD2 1 
ATOM   751  C CE1 . TYR A 1 98  ? 3.742   2.061   12.981  1.00 6.62  ? 98  TYR A CE1 1 
ATOM   752  C CE2 . TYR A 1 98  ? 3.875   2.273   10.588  1.00 5.91  ? 98  TYR A CE2 1 
ATOM   753  C CZ  . TYR A 1 98  ? 4.447   1.909   11.799  1.00 6.53  ? 98  TYR A CZ  1 
ATOM   754  O OH  . TYR A 1 98  ? 5.714   1.377   11.822  1.00 8.28  ? 98  TYR A OH  1 
ATOM   755  N N   . GLY A 1 99  ? -2.955  1.839   12.063  1.00 5.20  ? 99  GLY A N   1 
ATOM   756  C CA  . GLY A 1 99  ? -4.336  2.179   12.357  1.00 6.02  ? 99  GLY A CA  1 
ATOM   757  C C   . GLY A 1 99  ? -5.117  2.913   11.286  1.00 5.89  ? 99  GLY A C   1 
ATOM   758  O O   . GLY A 1 99  ? -6.320  3.131   11.444  1.00 7.45  ? 99  GLY A O   1 
ATOM   759  N N   . ARG A 1 100 ? -4.453  3.300   10.202  1.00 5.53  ? 100 ARG A N   1 
ATOM   760  C CA  . ARG A 1 100 ? -5.136  4.016   9.130   1.00 6.24  ? 100 ARG A CA  1 
ATOM   761  C C   . ARG A 1 100 ? -5.445  3.106   7.948   1.00 5.89  ? 100 ARG A C   1 
ATOM   762  O O   . ARG A 1 100 ? -4.607  2.312   7.516   1.00 5.78  ? 100 ARG A O   1 
ATOM   763  C CB  . ARG A 1 100 ? -4.306  5.225   8.686   1.00 7.28  ? 100 ARG A CB  1 
ATOM   764  C CG  . ARG A 1 100 ? -4.096  6.260   9.798   1.00 11.92 ? 100 ARG A CG  1 
ATOM   765  C CD  . ARG A 1 100 ? -5.418  6.663   10.455  1.00 16.03 ? 100 ARG A CD  1 
ATOM   766  N NE  . ARG A 1 100 ? -5.232  7.647   11.524  1.00 19.38 ? 100 ARG A NE  1 
ATOM   767  C CZ  . ARG A 1 100 ? -6.200  8.074   12.331  1.00 20.66 ? 100 ARG A CZ  1 
ATOM   768  N NH1 . ARG A 1 100 ? -5.936  8.971   13.273  1.00 22.05 ? 100 ARG A NH1 1 
ATOM   769  N NH2 . ARG A 1 100 ? -7.433  7.602   12.205  1.00 21.64 ? 100 ARG A NH2 1 
ATOM   770  N N   . THR A 1 101 ? -6.663  3.233   7.435   1.00 6.52  ? 101 THR A N   1 
ATOM   771  C CA  . THR A 1 101 ? -7.132  2.413   6.324   1.00 6.98  ? 101 THR A CA  1 
ATOM   772  C C   . THR A 1 101 ? -6.870  3.011   4.946   1.00 6.48  ? 101 THR A C   1 
ATOM   773  O O   . THR A 1 101 ? -7.423  4.055   4.593   1.00 8.41  ? 101 THR A O   1 
ATOM   774  C CB  . THR A 1 101 ? -8.641  2.147   6.456   1.00 8.23  ? 101 THR A CB  1 
ATOM   775  O OG1 . THR A 1 101 ? -8.899  1.459   7.686   1.00 12.18 ? 101 THR A OG1 1 
ATOM   776  C CG2 . THR A 1 101 ? -9.138  1.297   5.291   1.00 10.79 ? 101 THR A CG2 1 
ATOM   777  N N   . PHE A 1 102 ? -6.022  2.340   4.174   1.00 5.02  ? 102 PHE A N   1 
ATOM   778  C CA  . PHE A 1 102 ? -5.700  2.784   2.823   1.00 5.14  ? 102 PHE A CA  1 
ATOM   779  C C   . PHE A 1 102 ? -6.519  1.974   1.830   1.00 5.17  ? 102 PHE A C   1 
ATOM   780  O O   . PHE A 1 102 ? -6.543  0.743   1.886   1.00 4.04  ? 102 PHE A O   1 
ATOM   781  C CB  . PHE A 1 102 ? -4.212  2.586   2.533   1.00 4.50  ? 102 PHE A CB  1 
ATOM   782  C CG  . PHE A 1 102 ? -3.313  3.511   3.296   1.00 5.11  ? 102 PHE A CG  1 
ATOM   783  C CD1 . PHE A 1 102 ? -2.818  4.668   2.701   1.00 4.40  ? 102 PHE A CD1 1 
ATOM   784  C CD2 . PHE A 1 102 ? -2.945  3.220   4.607   1.00 4.77  ? 102 PHE A CD2 1 
ATOM   785  C CE1 . PHE A 1 102 ? -1.964  5.523   3.398   1.00 6.15  ? 102 PHE A CE1 1 
ATOM   786  C CE2 . PHE A 1 102 ? -2.093  4.070   5.314   1.00 7.20  ? 102 PHE A CE2 1 
ATOM   787  C CZ  . PHE A 1 102 ? -1.602  5.223   4.708   1.00 5.82  ? 102 PHE A CZ  1 
ATOM   788  N N   . LYS A 1 103 ? -7.189  2.669   0.920   1.00 3.76  ? 103 LYS A N   1 
ATOM   789  C CA  . LYS A 1 103 ? -8.006  2.017   -0.096  1.00 4.23  ? 103 LYS A CA  1 
ATOM   790  C C   . LYS A 1 103 ? -7.262  2.012   -1.430  1.00 3.95  ? 103 LYS A C   1 
ATOM   791  O O   . LYS A 1 103 ? -7.035  3.061   -2.032  1.00 5.23  ? 103 LYS A O   1 
ATOM   792  C CB  . LYS A 1 103 ? -9.346  2.745   -0.212  1.00 6.29  ? 103 LYS A CB  1 
ATOM   793  C CG  . LYS A 1 103 ? -10.216 2.549   1.022   1.00 8.98  ? 103 LYS A CG  1 
ATOM   794  C CD  . LYS A 1 103 ? -11.057 3.764   1.342   1.00 14.30 ? 103 LYS A CD  1 
ATOM   795  C CE  . LYS A 1 103 ? -11.816 3.545   2.641   1.00 14.93 ? 103 LYS A CE  1 
ATOM   796  N NZ  . LYS A 1 103 ? -12.379 4.804   3.188   1.00 18.06 ? 103 LYS A NZ  1 
ATOM   797  N N   . ILE A 1 104 ? -6.865  0.823   -1.873  1.00 2.84  ? 104 ILE A N   1 
ATOM   798  C CA  . ILE A 1 104 ? -6.133  0.675   -3.129  1.00 2.76  ? 104 ILE A CA  1 
ATOM   799  C C   . ILE A 1 104 ? -7.118  0.718   -4.288  1.00 3.10  ? 104 ILE A C   1 
ATOM   800  O O   . ILE A 1 104 ? -8.103  -0.021  -4.296  1.00 4.18  ? 104 ILE A O   1 
ATOM   801  C CB  . ILE A 1 104 ? -5.370  -0.662  -3.168  1.00 2.69  ? 104 ILE A CB  1 
ATOM   802  C CG1 . ILE A 1 104 ? -4.381  -0.732  -2.003  1.00 5.41  ? 104 ILE A CG1 1 
ATOM   803  C CG2 . ILE A 1 104 ? -4.618  -0.794  -4.490  1.00 4.47  ? 104 ILE A CG2 1 
ATOM   804  C CD1 . ILE A 1 104 ? -3.783  -2.113  -1.797  1.00 5.77  ? 104 ILE A CD1 1 
ATOM   805  N N   . TYR A 1 105 ? -6.848  1.573   -5.269  1.00 3.51  ? 105 TYR A N   1 
ATOM   806  C CA  . TYR A 1 105 ? -7.748  1.705   -6.405  1.00 4.02  ? 105 TYR A CA  1 
ATOM   807  C C   . TYR A 1 105 ? -7.112  1.469   -7.767  1.00 4.67  ? 105 TYR A C   1 
ATOM   808  O O   . TYR A 1 105 ? -7.809  1.427   -8.775  1.00 5.55  ? 105 TYR A O   1 
ATOM   809  C CB  . TYR A 1 105 ? -8.425  3.082   -6.371  1.00 5.49  ? 105 TYR A CB  1 
ATOM   810  C CG  . TYR A 1 105 ? -7.497  4.259   -6.578  1.00 5.82  ? 105 TYR A CG  1 
ATOM   811  C CD1 . TYR A 1 105 ? -7.264  4.773   -7.855  1.00 7.00  ? 105 TYR A CD1 1 
ATOM   812  C CD2 . TYR A 1 105 ? -6.858  4.868   -5.496  1.00 5.34  ? 105 TYR A CD2 1 
ATOM   813  C CE1 . TYR A 1 105 ? -6.419  5.868   -8.051  1.00 6.06  ? 105 TYR A CE1 1 
ATOM   814  C CE2 . TYR A 1 105 ? -6.007  5.962   -5.682  1.00 5.74  ? 105 TYR A CE2 1 
ATOM   815  C CZ  . TYR A 1 105 ? -5.795  6.456   -6.963  1.00 6.59  ? 105 TYR A CZ  1 
ATOM   816  O OH  . TYR A 1 105 ? -4.962  7.535   -7.162  1.00 8.83  ? 105 TYR A OH  1 
ATOM   817  N N   . ASP A 1 106 ? -5.795  1.304   -7.809  1.00 5.14  ? 106 ASP A N   1 
ATOM   818  C CA  . ASP A 1 106 ? -5.134  1.071   -9.085  1.00 5.29  ? 106 ASP A CA  1 
ATOM   819  C C   . ASP A 1 106 ? -3.672  0.693   -8.872  1.00 5.42  ? 106 ASP A C   1 
ATOM   820  O O   . ASP A 1 106 ? -3.169  0.716   -7.749  1.00 5.97  ? 106 ASP A O   1 
ATOM   821  C CB  . ASP A 1 106 ? -5.240  2.342   -9.945  1.00 8.34  ? 106 ASP A CB  1 
ATOM   822  C CG  . ASP A 1 106 ? -4.974  2.091   -11.422 1.00 10.82 ? 106 ASP A CG  1 
ATOM   823  O OD1 . ASP A 1 106 ? -4.934  0.919   -11.850 1.00 11.29 ? 106 ASP A OD1 1 
ATOM   824  O OD2 . ASP A 1 106 ? -4.819  3.087   -12.164 1.00 18.00 ? 106 ASP A OD2 1 
ATOM   825  N N   . CYS A 1 107 ? -3.017  0.304   -9.959  1.00 6.22  ? 107 CYS A N   1 
ATOM   826  C CA  . CYS A 1 107 ? -1.601  -0.048  -9.950  1.00 6.36  ? 107 CYS A CA  1 
ATOM   827  C C   . CYS A 1 107 ? -1.158  -0.050  -11.409 1.00 6.48  ? 107 CYS A C   1 
ATOM   828  O O   . CYS A 1 107 ? -1.972  -0.283  -12.307 1.00 7.16  ? 107 CYS A O   1 
ATOM   829  C CB  . CYS A 1 107 ? -1.360  -1.409  -9.275  1.00 7.17  ? 107 CYS A CB  1 
ATOM   830  S SG  . CYS A 1 107 ? -2.178  -2.840  -9.997  1.00 9.29  ? 107 CYS A SG  1 
ATOM   831  N N   . ASP A 1 108 ? 0.116   0.236   -11.659 1.00 6.33  ? 108 ASP A N   1 
ATOM   832  C CA  . ASP A 1 108 ? 0.586   0.293   -13.038 1.00 5.28  ? 108 ASP A CA  1 
ATOM   833  C C   . ASP A 1 108 ? 0.720   -1.056  -13.737 1.00 5.43  ? 108 ASP A C   1 
ATOM   834  O O   . ASP A 1 108 ? 0.554   -2.113  -13.126 1.00 6.69  ? 108 ASP A O   1 
ATOM   835  C CB  . ASP A 1 108 ? 1.901   1.087   -13.148 1.00 5.82  ? 108 ASP A CB  1 
ATOM   836  C CG  . ASP A 1 108 ? 3.003   0.560   -12.249 1.00 6.63  ? 108 ASP A CG  1 
ATOM   837  O OD1 . ASP A 1 108 ? 3.047   -0.657  -11.972 1.00 6.09  ? 108 ASP A OD1 1 
ATOM   838  O OD2 . ASP A 1 108 ? 3.856   1.378   -11.839 1.00 8.81  ? 108 ASP A OD2 1 
ATOM   839  N N   . ALA A 1 109 ? 0.992   -1.002  -15.037 1.00 5.40  ? 109 ALA A N   1 
ATOM   840  C CA  . ALA A 1 109 ? 1.129   -2.200  -15.855 1.00 6.21  ? 109 ALA A CA  1 
ATOM   841  C C   . ALA A 1 109 ? 2.217   -3.137  -15.350 1.00 5.52  ? 109 ALA A C   1 
ATOM   842  O O   . ALA A 1 109 ? 2.031   -4.353  -15.315 1.00 6.87  ? 109 ALA A O   1 
ATOM   843  C CB  . ALA A 1 109 ? 1.405   -1.808  -17.305 1.00 6.75  ? 109 ALA A CB  1 
ATOM   844  N N   . PHE A 1 110 ? 3.356   -2.575  -14.958 1.00 6.49  ? 110 PHE A N   1 
ATOM   845  C CA  . PHE A 1 110 ? 4.450   -3.397  -14.460 1.00 5.07  ? 110 PHE A CA  1 
ATOM   846  C C   . PHE A 1 110 ? 3.974   -4.214  -13.263 1.00 6.18  ? 110 PHE A C   1 
ATOM   847  O O   . PHE A 1 110 ? 4.254   -5.409  -13.160 1.00 4.60  ? 110 PHE A O   1 
ATOM   848  C CB  . PHE A 1 110 ? 5.625   -2.523  -14.030 1.00 6.66  ? 110 PHE A CB  1 
ATOM   849  C CG  . PHE A 1 110 ? 6.810   -3.306  -13.537 1.00 7.83  ? 110 PHE A CG  1 
ATOM   850  C CD1 . PHE A 1 110 ? 7.785   -3.749  -14.428 1.00 7.91  ? 110 PHE A CD1 1 
ATOM   851  C CD2 . PHE A 1 110 ? 6.945   -3.612  -12.184 1.00 6.48  ? 110 PHE A CD2 1 
ATOM   852  C CE1 . PHE A 1 110 ? 8.881   -4.485  -13.980 1.00 7.93  ? 110 PHE A CE1 1 
ATOM   853  C CE2 . PHE A 1 110 ? 8.038   -4.349  -11.725 1.00 7.91  ? 110 PHE A CE2 1 
ATOM   854  C CZ  . PHE A 1 110 ? 9.007   -4.786  -12.628 1.00 7.99  ? 110 PHE A CZ  1 
ATOM   855  N N   . THR A 1 111 ? 3.259   -3.554  -12.358 1.00 4.30  ? 111 THR A N   1 
ATOM   856  C CA  . THR A 1 111 ? 2.752   -4.209  -11.161 1.00 4.78  ? 111 THR A CA  1 
ATOM   857  C C   . THR A 1 111 ? 1.681   -5.234  -11.515 1.00 5.24  ? 111 THR A C   1 
ATOM   858  O O   . THR A 1 111 ? 1.673   -6.340  -10.974 1.00 5.22  ? 111 THR A O   1 
ATOM   859  C CB  . THR A 1 111 ? 2.203   -3.161  -10.177 1.00 5.82  ? 111 THR A CB  1 
ATOM   860  O OG1 . THR A 1 111 ? 3.268   -2.275  -9.809  1.00 6.23  ? 111 THR A OG1 1 
ATOM   861  C CG2 . THR A 1 111 ? 1.657   -3.822  -8.927  1.00 5.80  ? 111 THR A CG2 1 
ATOM   862  N N   . ARG A 1 112 ? 0.785   -4.875  -12.429 1.00 4.92  ? 112 ARG A N   1 
ATOM   863  C CA  . ARG A 1 112 ? -0.262  -5.801  -12.852 1.00 5.29  ? 112 ARG A CA  1 
ATOM   864  C C   . ARG A 1 112 ? 0.358   -7.038  -13.491 1.00 5.09  ? 112 ARG A C   1 
ATOM   865  O O   . ARG A 1 112 ? -0.129  -8.157  -13.305 1.00 5.01  ? 112 ARG A O   1 
ATOM   866  C CB  . ARG A 1 112 ? -1.213  -5.116  -13.837 1.00 7.06  ? 112 ARG A CB  1 
ATOM   867  C CG  . ARG A 1 112 ? -2.079  -4.051  -13.191 1.00 10.29 ? 112 ARG A CG  1 
ATOM   868  C CD  . ARG A 1 112 ? -2.835  -3.215  -14.215 1.00 12.76 ? 112 ARG A CD  1 
ATOM   869  N NE  . ARG A 1 112 ? -3.699  -2.234  -13.561 1.00 12.15 ? 112 ARG A NE  1 
ATOM   870  C CZ  . ARG A 1 112 ? -4.946  -2.477  -13.169 1.00 13.11 ? 112 ARG A CZ  1 
ATOM   871  N NH1 . ARG A 1 112 ? -5.487  -3.668  -13.374 1.00 13.04 ? 112 ARG A NH1 1 
ATOM   872  N NH2 . ARG A 1 112 ? -5.649  -1.531  -12.560 1.00 15.36 ? 112 ARG A NH2 1 
ATOM   873  N N   . ASN A 1 113 ? 1.436   -6.838  -14.244 1.00 5.97  ? 113 ASN A N   1 
ATOM   874  C CA  . ASN A 1 113 ? 2.116   -7.953  -14.887 1.00 5.11  ? 113 ASN A CA  1 
ATOM   875  C C   . ASN A 1 113 ? 2.767   -8.859  -13.845 1.00 6.80  ? 113 ASN A C   1 
ATOM   876  O O   . ASN A 1 113 ? 2.697   -10.082 -13.948 1.00 6.84  ? 113 ASN A O   1 
ATOM   877  C CB  . ASN A 1 113 ? 3.170   -7.446  -15.874 1.00 8.35  ? 113 ASN A CB  1 
ATOM   878  C CG  . ASN A 1 113 ? 2.555   -6.812  -17.105 1.00 11.78 ? 113 ASN A CG  1 
ATOM   879  O OD1 . ASN A 1 113 ? 1.535   -7.281  -17.607 1.00 14.40 ? 113 ASN A OD1 1 
ATOM   880  N ND2 . ASN A 1 113 ? 3.180   -5.754  -17.609 1.00 13.64 ? 113 ASN A ND2 1 
ATOM   881  N N   . PHE A 1 114 ? 3.391   -8.258  -12.835 1.00 5.87  ? 114 PHE A N   1 
ATOM   882  C CA  . PHE A 1 114 ? 4.033   -9.034  -11.784 1.00 5.56  ? 114 PHE A CA  1 
ATOM   883  C C   . PHE A 1 114 ? 2.989   -9.867  -11.054 1.00 5.71  ? 114 PHE A C   1 
ATOM   884  O O   . PHE A 1 114 ? 3.194   -11.053 -10.803 1.00 5.38  ? 114 PHE A O   1 
ATOM   885  C CB  . PHE A 1 114 ? 4.727   -8.120  -10.773 1.00 8.15  ? 114 PHE A CB  1 
ATOM   886  C CG  . PHE A 1 114 ? 5.440   -8.866  -9.676  1.00 9.11  ? 114 PHE A CG  1 
ATOM   887  C CD1 . PHE A 1 114 ? 6.731   -9.347  -9.870  1.00 11.04 ? 114 PHE A CD1 1 
ATOM   888  C CD2 . PHE A 1 114 ? 4.813   -9.102  -8.458  1.00 9.39  ? 114 PHE A CD2 1 
ATOM   889  C CE1 . PHE A 1 114 ? 7.390   -10.053 -8.862  1.00 11.65 ? 114 PHE A CE1 1 
ATOM   890  C CE2 . PHE A 1 114 ? 5.465   -9.808  -7.443  1.00 11.03 ? 114 PHE A CE2 1 
ATOM   891  C CZ  . PHE A 1 114 ? 6.753   -10.282 -7.647  1.00 11.13 ? 114 PHE A CZ  1 
ATOM   892  N N   . LEU A 1 115 ? 1.870   -9.241  -10.707 1.00 4.16  ? 115 LEU A N   1 
ATOM   893  C CA  . LEU A 1 115 ? 0.821   -9.958  -9.998  1.00 5.64  ? 115 LEU A CA  1 
ATOM   894  C C   . LEU A 1 115 ? 0.348   -11.149 -10.822 1.00 5.78  ? 115 LEU A C   1 
ATOM   895  O O   . LEU A 1 115 ? 0.114   -12.227 -10.279 1.00 5.23  ? 115 LEU A O   1 
ATOM   896  C CB  . LEU A 1 115 ? -0.347  -9.023  -9.670  1.00 6.07  ? 115 LEU A CB  1 
ATOM   897  C CG  . LEU A 1 115 ? 0.016   -7.892  -8.696  1.00 9.48  ? 115 LEU A CG  1 
ATOM   898  C CD1 . LEU A 1 115 ? -1.214  -7.039  -8.411  1.00 11.64 ? 115 LEU A CD1 1 
ATOM   899  C CD2 . LEU A 1 115 ? 0.574   -8.473  -7.405  1.00 10.50 ? 115 LEU A CD2 1 
ATOM   900  N N   . ARG A 1 116 ? 0.225   -10.965 -12.134 1.00 4.35  ? 116 ARG A N   1 
ATOM   901  C CA  . ARG A 1 116 ? -0.208  -12.064 -12.990 1.00 4.25  ? 116 ARG A CA  1 
ATOM   902  C C   . ARG A 1 116 ? 0.825   -13.185 -12.927 1.00 5.20  ? 116 ARG A C   1 
ATOM   903  O O   . ARG A 1 116 ? 0.478   -14.364 -12.857 1.00 6.19  ? 116 ARG A O   1 
ATOM   904  C CB  . ARG A 1 116 ? -0.359  -11.608 -14.446 1.00 4.53  ? 116 ARG A CB  1 
ATOM   905  C CG  . ARG A 1 116 ? -0.909  -12.713 -15.343 1.00 4.99  ? 116 ARG A CG  1 
ATOM   906  C CD  . ARG A 1 116 ? -0.789  -12.393 -16.826 1.00 6.97  ? 116 ARG A CD  1 
ATOM   907  N NE  . ARG A 1 116 ? 0.597   -12.436 -17.283 1.00 11.53 ? 116 ARG A NE  1 
ATOM   908  C CZ  . ARG A 1 116 ? 1.346   -11.364 -17.513 1.00 11.40 ? 116 ARG A CZ  1 
ATOM   909  N NH1 . ARG A 1 116 ? 0.844   -10.149 -17.328 1.00 14.82 ? 116 ARG A NH1 1 
ATOM   910  N NH2 . ARG A 1 116 ? 2.598   -11.510 -17.930 1.00 14.00 ? 116 ARG A NH2 1 
ATOM   911  N N   . LYS A 1 117 ? 2.099   -12.813 -12.948 1.00 5.01  ? 117 LYS A N   1 
ATOM   912  C CA  . LYS A 1 117 ? 3.169   -13.802 -12.900 1.00 6.89  ? 117 LYS A CA  1 
ATOM   913  C C   . LYS A 1 117 ? 3.182   -14.621 -11.609 1.00 6.29  ? 117 LYS A C   1 
ATOM   914  O O   . LYS A 1 117 ? 3.624   -15.772 -11.610 1.00 7.36  ? 117 LYS A O   1 
ATOM   915  C CB  . LYS A 1 117 ? 4.521   -13.118 -13.109 1.00 8.23  ? 117 LYS A CB  1 
ATOM   916  C CG  . LYS A 1 117 ? 4.668   -12.482 -14.484 1.00 13.61 ? 117 LYS A CG  1 
ATOM   917  C CD  . LYS A 1 117 ? 6.032   -11.836 -14.663 1.00 17.25 ? 117 LYS A CD  1 
ATOM   918  C CE  . LYS A 1 117 ? 6.154   -11.189 -16.034 1.00 20.61 ? 117 LYS A CE  1 
ATOM   919  N NZ  . LYS A 1 117 ? 7.478   -10.532 -16.229 1.00 24.55 ? 117 LYS A NZ  1 
ATOM   920  N N   . ILE A 1 118 ? 2.710   -14.041 -10.508 1.00 6.62  ? 118 ILE A N   1 
ATOM   921  C CA  . ILE A 1 118 ? 2.677   -14.778 -9.248  1.00 6.31  ? 118 ILE A CA  1 
ATOM   922  C C   . ILE A 1 118 ? 1.306   -15.403 -9.002  1.00 7.63  ? 118 ILE A C   1 
ATOM   923  O O   . ILE A 1 118 ? 0.987   -15.805 -7.882  1.00 8.05  ? 118 ILE A O   1 
ATOM   924  C CB  . ILE A 1 118 ? 3.069   -13.897 -8.025  1.00 6.51  ? 118 ILE A CB  1 
ATOM   925  C CG1 . ILE A 1 118 ? 2.118   -12.710 -7.892  1.00 6.30  ? 118 ILE A CG1 1 
ATOM   926  C CG2 . ILE A 1 118 ? 4.515   -13.429 -8.168  1.00 8.16  ? 118 ILE A CG2 1 
ATOM   927  C CD1 . ILE A 1 118 ? 2.317   -11.914 -6.615  1.00 9.36  ? 118 ILE A CD1 1 
ATOM   928  N N   . GLY A 1 119 ? 0.502   -15.470 -10.063 1.00 6.35  ? 119 GLY A N   1 
ATOM   929  C CA  . GLY A 1 119 ? -0.811  -16.091 -9.984  1.00 7.95  ? 119 GLY A CA  1 
ATOM   930  C C   . GLY A 1 119 ? -1.949  -15.305 -9.368  1.00 7.53  ? 119 GLY A C   1 
ATOM   931  O O   . GLY A 1 119 ? -2.998  -15.872 -9.069  1.00 8.71  ? 119 GLY A O   1 
ATOM   932  N N   . VAL A 1 120 ? -1.759  -14.005 -9.179  1.00 6.82  ? 120 VAL A N   1 
ATOM   933  C CA  . VAL A 1 120 ? -2.802  -13.181 -8.588  1.00 7.24  ? 120 VAL A CA  1 
ATOM   934  C C   . VAL A 1 120 ? -3.698  -12.557 -9.648  1.00 6.80  ? 120 VAL A C   1 
ATOM   935  O O   . VAL A 1 120 ? -3.211  -11.967 -10.610 1.00 7.54  ? 120 VAL A O   1 
ATOM   936  C CB  . VAL A 1 120 ? -2.198  -12.043 -7.740  1.00 7.50  ? 120 VAL A CB  1 
ATOM   937  C CG1 . VAL A 1 120 ? -3.301  -11.121 -7.241  1.00 9.25  ? 120 VAL A CG1 1 
ATOM   938  C CG2 . VAL A 1 120 ? -1.418  -12.625 -6.572  1.00 8.17  ? 120 VAL A CG2 1 
ATOM   939  N N   . LYS A 1 121 ? -5.007  -12.696 -9.464  1.00 7.41  ? 121 LYS A N   1 
ATOM   940  C CA  . LYS A 1 121 ? -5.971  -12.106 -10.384 1.00 6.61  ? 121 LYS A CA  1 
ATOM   941  C C   . LYS A 1 121 ? -6.282  -10.699 -9.873  1.00 5.83  ? 121 LYS A C   1 
ATOM   942  O O   . LYS A 1 121 ? -6.845  -10.538 -8.788  1.00 6.90  ? 121 LYS A O   1 
ATOM   943  C CB  . LYS A 1 121 ? -7.257  -12.937 -10.415 1.00 8.78  ? 121 LYS A CB  1 
ATOM   944  C CG  . LYS A 1 121 ? -8.351  -12.355 -11.302 1.00 13.44 ? 121 LYS A CG  1 
ATOM   945  C CD  . LYS A 1 121 ? -9.575  -13.258 -11.348 1.00 17.87 ? 121 LYS A CD  1 
ATOM   946  C CE  . LYS A 1 121 ? -9.245  -14.609 -11.963 1.00 21.01 ? 121 LYS A CE  1 
ATOM   947  N NZ  . LYS A 1 121 ? -10.421 -15.527 -11.966 1.00 22.27 ? 121 LYS A NZ  1 
ATOM   948  N N   . VAL A 1 122 ? -5.908  -9.681  -10.642 1.00 5.08  ? 122 VAL A N   1 
ATOM   949  C CA  . VAL A 1 122 ? -6.173  -8.307  -10.230 1.00 5.35  ? 122 VAL A CA  1 
ATOM   950  C C   . VAL A 1 122 ? -7.662  -8.023  -10.376 1.00 6.11  ? 122 VAL A C   1 
ATOM   951  O O   . VAL A 1 122 ? -8.258  -8.311  -11.415 1.00 7.86  ? 122 VAL A O   1 
ATOM   952  C CB  . VAL A 1 122 ? -5.368  -7.302  -11.079 1.00 6.11  ? 122 VAL A CB  1 
ATOM   953  C CG1 . VAL A 1 122 ? -5.706  -5.876  -10.660 1.00 6.08  ? 122 VAL A CG1 1 
ATOM   954  C CG2 . VAL A 1 122 ? -3.878  -7.563  -10.911 1.00 7.51  ? 122 VAL A CG2 1 
ATOM   955  N N   . ASN A 1 123 ? -8.260  -7.465  -9.329  1.00 6.42  ? 123 ASN A N   1 
ATOM   956  C CA  . ASN A 1 123 ? -9.683  -7.153  -9.336  1.00 5.64  ? 123 ASN A CA  1 
ATOM   957  C C   . ASN A 1 123 ? -10.045 -6.024  -10.296 1.00 7.37  ? 123 ASN A C   1 
ATOM   958  O O   . ASN A 1 123 ? -9.202  -5.217  -10.676 1.00 7.47  ? 123 ASN A O   1 
ATOM   959  C CB  . ASN A 1 123 ? -10.149 -6.787  -7.923  1.00 8.11  ? 123 ASN A CB  1 
ATOM   960  C CG  . ASN A 1 123 ? -10.012 -7.939  -6.946  1.00 8.90  ? 123 ASN A CG  1 
ATOM   961  O OD1 . ASN A 1 123 ? -10.389 -9.073  -7.247  1.00 11.59 ? 123 ASN A OD1 1 
ATOM   962  N ND2 . ASN A 1 123 ? -9.482  -7.652  -5.762  1.00 8.83  ? 123 ASN A ND2 1 
ATOM   963  N N   . PRO A 1 124 ? -11.320 -5.961  -10.708 1.00 8.90  ? 124 PRO A N   1 
ATOM   964  C CA  . PRO A 1 124 ? -11.750 -4.906  -11.625 1.00 9.13  ? 124 PRO A CA  1 
ATOM   965  C C   . PRO A 1 124 ? -11.748 -3.533  -10.955 1.00 8.85  ? 124 PRO A C   1 
ATOM   966  O O   . PRO A 1 124 ? -11.624 -3.427  -9.732  1.00 7.61  ? 124 PRO A O   1 
ATOM   967  C CB  . PRO A 1 124 ? -13.151 -5.358  -12.034 1.00 11.32 ? 124 PRO A CB  1 
ATOM   968  C CG  . PRO A 1 124 ? -13.635 -6.078  -10.822 1.00 11.13 ? 124 PRO A CG  1 
ATOM   969  C CD  . PRO A 1 124 ? -12.428 -6.886  -10.409 1.00 9.79  ? 124 PRO A CD  1 
ATOM   970  N N   . PRO A 1 125 ? -11.875 -2.461  -11.752 1.00 9.27  ? 125 PRO A N   1 
ATOM   971  C CA  . PRO A 1 125 ? -11.887 -1.092  -11.233 1.00 8.94  ? 125 PRO A CA  1 
ATOM   972  C C   . PRO A 1 125 ? -12.919 -0.913  -10.126 1.00 8.25  ? 125 PRO A C   1 
ATOM   973  O O   . PRO A 1 125 ? -14.016 -1.463  -10.192 1.00 8.33  ? 125 PRO A O   1 
ATOM   974  C CB  . PRO A 1 125 ? -12.214 -0.262  -12.469 1.00 9.53  ? 125 PRO A CB  1 
ATOM   975  C CG  . PRO A 1 125 ? -11.545 -1.043  -13.557 1.00 9.88  ? 125 PRO A CG  1 
ATOM   976  C CD  . PRO A 1 125 ? -11.950 -2.457  -13.225 1.00 9.69  ? 125 PRO A CD  1 
ATOM   977  N N   . VAL A 1 126 ? -12.567 -0.123  -9.116  1.00 9.52  ? 126 VAL A N   1 
ATOM   978  C CA  . VAL A 1 126 ? -13.462 0.106   -7.992  1.00 9.41  ? 126 VAL A CA  1 
ATOM   979  C C   . VAL A 1 126 ? -14.613 1.044   -8.333  1.00 10.66 ? 126 VAL A C   1 
ATOM   980  O O   . VAL A 1 126 ? -15.518 1.177   -7.483  1.00 11.54 ? 126 VAL A O   1 
ATOM   981  C CB  . VAL A 1 126 ? -12.692 0.669   -6.775  1.00 9.12  ? 126 VAL A CB  1 
ATOM   982  C CG1 . VAL A 1 126 ? -11.538 -0.262  -6.419  1.00 10.40 ? 126 VAL A CG1 1 
ATOM   983  C CG2 . VAL A 1 126 ? -12.178 2.063   -7.076  1.00 9.33  ? 126 VAL A CG2 1 
HETATM 984  O O   . HOH B 2 .   ? 13.164  3.304   6.262   1.00 4.82  ? 134 HOH A O   1 
HETATM 985  O O   . HOH B 2 .   ? -0.246  -3.929  13.286  1.00 6.35  ? 135 HOH A O   1 
HETATM 986  O O   . HOH B 2 .   ? -1.478  -9.586  -4.590  1.00 6.81  ? 136 HOH A O   1 
HETATM 987  O O   . HOH B 2 .   ? 5.658   -6.044  5.219   1.00 6.51  ? 137 HOH A O   1 
HETATM 988  O O   . HOH B 2 .   ? 0.903   -0.992  11.269  1.00 9.08  ? 138 HOH A O   1 
HETATM 989  O O   . HOH B 2 .   ? -1.523  -15.967 -13.675 1.00 8.04  ? 139 HOH A O   1 
HETATM 990  O O   . HOH B 2 .   ? 15.686  -5.551  -8.561  1.00 8.96  ? 140 HOH A O   1 
HETATM 991  O O   . HOH B 2 .   ? 12.524  2.609   -4.272  1.00 6.97  ? 141 HOH A O   1 
HETATM 992  O O   . HOH B 2 .   ? 12.649  -5.175  -3.611  1.00 8.01  ? 142 HOH A O   1 
HETATM 993  O O   . HOH B 2 .   ? 16.061  -1.516  -2.853  1.00 8.78  ? 143 HOH A O   1 
HETATM 994  O O   . HOH B 2 .   ? -2.815  -8.552  -14.075 1.00 7.29  ? 144 HOH A O   1 
HETATM 995  O O   . HOH B 2 .   ? -4.019  -10.598 -12.752 1.00 8.69  ? 145 HOH A O   1 
HETATM 996  O O   . HOH B 2 .   ? 4.451   13.986  7.095   1.00 9.97  ? 146 HOH A O   1 
HETATM 997  O O   . HOH B 2 .   ? -3.282  -11.607 -3.729  1.00 11.65 ? 147 HOH A O   1 
HETATM 998  O O   . HOH B 2 .   ? -2.504  -1.090  12.265  1.00 6.64  ? 148 HOH A O   1 
HETATM 999  O O   . HOH B 2 .   ? -2.996  13.924  -1.336  1.00 8.63  ? 149 HOH A O   1 
HETATM 1000 O O   . HOH B 2 .   ? 6.373   -7.015  -14.154 1.00 8.47  ? 150 HOH A O   1 
HETATM 1001 O O   . HOH B 2 .   ? 0.889   -14.256 1.736   1.00 12.59 ? 151 HOH A O   1 
HETATM 1002 O O   . HOH B 2 .   ? -8.377  5.541   8.296   1.00 13.17 ? 152 HOH A O   1 
HETATM 1003 O O   . HOH B 2 .   ? 15.164  -4.087  -2.844  1.00 9.84  ? 153 HOH A O   1 
HETATM 1004 O O   . HOH B 2 .   ? -1.095  -12.594 16.769  1.00 11.05 ? 154 HOH A O   1 
HETATM 1005 O O   . HOH B 2 .   ? 5.671   -10.987 -0.165  1.00 7.22  ? 155 HOH A O   1 
HETATM 1006 O O   . HOH B 2 .   ? 3.360   11.972  9.927   1.00 11.98 ? 156 HOH A O   1 
HETATM 1007 O O   . HOH B 2 .   ? -1.543  -14.304 12.643  1.00 13.04 ? 157 HOH A O   1 
HETATM 1008 O O   . HOH B 2 .   ? -2.645  15.338  8.925   1.00 11.54 ? 158 HOH A O   1 
HETATM 1009 O O   . HOH B 2 .   ? 28.522  -7.458  -10.342 1.00 11.84 ? 159 HOH A O   1 
HETATM 1010 O O   . HOH B 2 .   ? -7.637  8.252   7.994   1.00 11.83 ? 160 HOH A O   1 
HETATM 1011 O O   . HOH B 2 .   ? -8.493  -3.177  -12.290 1.00 10.68 ? 161 HOH A O   1 
HETATM 1012 O O   . HOH B 2 .   ? 11.725  -6.775  -11.035 1.00 11.85 ? 162 HOH A O   1 
HETATM 1013 O O   . HOH B 2 .   ? 4.765   2.568   -14.453 1.00 9.93  ? 163 HOH A O   1 
HETATM 1014 O O   . HOH B 2 .   ? 9.222   -7.180  -8.936  1.00 13.88 ? 164 HOH A O   1 
HETATM 1015 O O   . HOH B 2 .   ? -10.168 1.095   -9.920  1.00 11.38 ? 165 HOH A O   1 
HETATM 1016 O O   . HOH B 2 .   ? -2.389  -8.641  17.068  1.00 11.55 ? 166 HOH A O   1 
HETATM 1017 O O   . HOH B 2 .   ? -6.231  -14.525 12.629  1.00 10.91 ? 167 HOH A O   1 
HETATM 1018 O O   . HOH B 2 .   ? 4.684   10.965  7.895   1.00 12.05 ? 168 HOH A O   1 
HETATM 1019 O O   . HOH B 2 .   ? -6.010  -10.576 -3.941  1.00 13.84 ? 169 HOH A O   1 
HETATM 1020 O O   . HOH B 2 .   ? -2.937  7.701   -5.345  1.00 15.52 ? 170 HOH A O   1 
HETATM 1021 O O   . HOH B 2 .   ? 8.454   7.149   2.574   1.00 18.32 ? 171 HOH A O   1 
HETATM 1022 O O   . HOH B 2 .   ? 6.191   -14.423 -4.425  1.00 17.52 ? 172 HOH A O   1 
HETATM 1023 O O   . HOH B 2 .   ? -0.875  13.084  -3.188  1.00 11.55 ? 173 HOH A O   1 
HETATM 1024 O O   . HOH B 2 .   ? 2.906   -17.135 -6.356  1.00 15.13 ? 174 HOH A O   1 
HETATM 1025 O O   . HOH B 2 .   ? -0.917  -16.799 -6.315  1.00 15.87 ? 175 HOH A O   1 
HETATM 1026 O O   . HOH B 2 .   ? 12.714  -3.111  -15.908 1.00 13.65 ? 176 HOH A O   1 
HETATM 1027 O O   . HOH B 2 .   ? -9.608  5.769   4.642   1.00 14.61 ? 177 HOH A O   1 
HETATM 1028 O O   . HOH B 2 .   ? -10.244 -16.632 -14.474 1.00 16.34 ? 178 HOH A O   1 
HETATM 1029 O O   . HOH B 2 .   ? -25.807 16.377  15.917  1.00 15.48 ? 179 HOH A O   1 
HETATM 1030 O O   . HOH B 2 .   ? 10.257  -9.658  -7.694  1.00 14.57 ? 180 HOH A O   1 
HETATM 1031 O O   . HOH B 2 .   ? -1.398  -2.837  10.469  1.00 11.42 ? 181 HOH A O   1 
HETATM 1032 O O   . HOH B 2 .   ? -5.416  -8.844  10.517  1.00 11.69 ? 182 HOH A O   1 
HETATM 1033 O O   . HOH B 2 .   ? -6.054  -14.299 -7.435  1.00 20.57 ? 183 HOH A O   1 
HETATM 1034 O O   . HOH B 2 .   ? -7.303  -8.861  -13.830 1.00 17.25 ? 184 HOH A O   1 
HETATM 1035 O O   . HOH B 2 .   ? 21.763  -7.956  -9.256  1.00 16.21 ? 185 HOH A O   1 
HETATM 1036 O O   . HOH B 2 .   ? 5.522   -4.343  -17.450 1.00 19.34 ? 186 HOH A O   1 
HETATM 1037 O O   . HOH B 2 .   ? 2.111   -14.671 -17.186 1.00 23.64 ? 187 HOH A O   1 
HETATM 1038 O O   . HOH B 2 .   ? 1.766   -12.696 6.467   1.00 18.31 ? 188 HOH A O   1 
HETATM 1039 O O   . HOH B 2 .   ? -4.386  17.547  6.749   1.00 19.06 ? 189 HOH A O   1 
HETATM 1040 O O   . HOH B 2 .   ? -23.627 17.780  13.447  1.00 24.77 ? 190 HOH A O   1 
HETATM 1041 O O   . HOH B 2 .   ? -15.625 -2.326  -12.265 1.00 22.35 ? 191 HOH A O   1 
HETATM 1042 O O   . HOH B 2 .   ? -8.193  -5.885  4.097   1.00 15.52 ? 192 HOH A O   1 
HETATM 1043 O O   . HOH B 2 .   ? 3.700   3.931   -11.071 1.00 18.87 ? 193 HOH A O   1 
HETATM 1044 O O   . HOH B 2 .   ? 13.047  -8.758  5.271   1.00 16.88 ? 194 HOH A O   1 
HETATM 1045 O O   . HOH B 2 .   ? -1.308  -14.747 6.512   1.00 18.55 ? 195 HOH A O   1 
HETATM 1046 O O   . HOH B 2 .   ? 5.263   17.011  -1.896  1.00 33.04 ? 196 HOH A O   1 
HETATM 1047 O O   . HOH B 2 .   ? -7.418  -12.966 10.921  1.00 16.14 ? 197 HOH A O   1 
HETATM 1048 O O   . HOH B 2 .   ? 12.444  -12.499 -8.813  1.00 22.54 ? 198 HOH A O   1 
HETATM 1049 O O   . HOH B 2 .   ? -8.029  -4.689  13.728  1.00 23.22 ? 199 HOH A O   1 
HETATM 1050 O O   . HOH B 2 .   ? -5.304  -6.293  6.084   1.00 22.48 ? 200 HOH A O   1 
HETATM 1051 O O   . HOH B 2 .   ? -10.490 -0.576  8.655   1.00 35.09 ? 201 HOH A O   1 
HETATM 1052 O O   . HOH B 2 .   ? 6.837   7.018   -4.942  1.00 31.38 ? 202 HOH A O   1 
HETATM 1053 O O   . HOH B 2 .   ? 20.235  -6.098  -8.214  1.00 18.16 ? 203 HOH A O   1 
HETATM 1054 O O   . HOH B 2 .   ? 6.202   5.804   -8.867  1.00 18.62 ? 204 HOH A O   1 
HETATM 1055 O O   . HOH B 2 .   ? -8.316  -0.439  -11.652 1.00 16.53 ? 205 HOH A O   1 
HETATM 1056 O O   . HOH B 2 .   ? -18.224 22.229  7.680   1.00 17.66 ? 206 HOH A O   1 
HETATM 1057 O O   . HOH B 2 .   ? 1.384   2.074   -9.627  1.00 19.81 ? 207 HOH A O   1 
HETATM 1058 O O   . HOH B 2 .   ? -1.715  -1.544  16.775  1.00 20.82 ? 208 HOH A O   1 
HETATM 1059 O O   . HOH B 2 .   ? -4.964  15.704  -1.433  1.00 24.20 ? 209 HOH A O   1 
HETATM 1060 O O   . HOH B 2 .   ? -10.816 8.026   10.321  1.00 20.94 ? 210 HOH A O   1 
HETATM 1061 O O   . HOH B 2 .   ? -14.600 16.685  18.893  1.00 30.10 ? 211 HOH A O   1 
HETATM 1062 O O   . HOH B 2 .   ? 2.461   -7.966  -20.304 1.00 20.70 ? 212 HOH A O   1 
HETATM 1063 O O   . HOH B 2 .   ? -12.380 -4.519  -7.393  1.00 22.24 ? 213 HOH A O   1 
HETATM 1064 O O   . HOH B 2 .   ? -0.578  7.350   -6.474  1.00 21.77 ? 214 HOH A O   1 
HETATM 1065 O O   . HOH B 2 .   ? -5.042  -6.325  2.486   1.00 24.61 ? 215 HOH A O   1 
HETATM 1066 O O   . HOH B 2 .   ? 7.022   -13.505 2.330   1.00 19.84 ? 216 HOH A O   1 
HETATM 1067 O O   . HOH B 2 .   ? -8.400  1.551   -13.646 1.00 30.34 ? 217 HOH A O   1 
HETATM 1068 O O   . HOH B 2 .   ? 29.951  -11.970 -5.795  1.00 26.13 ? 218 HOH A O   1 
HETATM 1069 O O   . HOH B 2 .   ? -9.764  -1.951  6.547   1.00 31.40 ? 219 HOH A O   1 
HETATM 1070 O O   . HOH B 2 .   ? -9.078  5.901   10.896  1.00 24.41 ? 220 HOH A O   1 
HETATM 1071 O O   . HOH B 2 .   ? 6.658   13.424  2.384   1.00 20.00 ? 221 HOH A O   1 
HETATM 1072 O O   . HOH B 2 .   ? -20.610 21.013  7.548   1.00 26.38 ? 222 HOH A O   1 
HETATM 1073 O O   . HOH B 2 .   ? 13.760  -0.831  6.600   1.00 15.59 ? 223 HOH A O   1 
HETATM 1074 O O   . HOH B 2 .   ? 1.172   -5.520  19.458  1.00 23.77 ? 224 HOH A O   1 
HETATM 1075 O O   . HOH B 2 .   ? -15.812 10.398  12.433  1.00 32.14 ? 225 HOH A O   1 
HETATM 1076 O O   . HOH B 2 .   ? -8.724  -11.496 -7.197  1.00 21.19 ? 226 HOH A O   1 
HETATM 1077 O O   . HOH B 2 .   ? 1.360   -5.525  -19.880 1.00 23.16 ? 227 HOH A O   1 
HETATM 1078 O O   . HOH B 2 .   ? 6.132   5.002   -1.913  1.00 29.71 ? 228 HOH A O   1 
HETATM 1079 O O   . HOH B 2 .   ? 16.783  -4.977  0.458   1.00 26.23 ? 229 HOH A O   1 
HETATM 1080 O O   . HOH B 2 .   ? 6.187   3.134   -9.280  1.00 53.31 ? 230 HOH A O   1 
HETATM 1081 O O   . HOH B 2 .   ? 6.995   17.479  4.326   1.00 27.38 ? 231 HOH A O   1 
HETATM 1082 O O   . HOH B 2 .   ? -16.187 -2.483  -8.623  1.00 32.84 ? 232 HOH A O   1 
HETATM 1083 O O   . HOH B 2 .   ? 10.816  -10.474 -11.089 1.00 25.69 ? 233 HOH A O   1 
HETATM 1084 O O   . HOH B 2 .   ? 5.160   13.931  -7.181  1.00 21.64 ? 234 HOH A O   1 
HETATM 1085 O O   . HOH B 2 .   ? 5.956   11.634  0.581   1.00 38.93 ? 235 HOH A O   1 
HETATM 1086 O O   . HOH B 2 .   ? 18.352  -9.900  -4.647  1.00 44.71 ? 236 HOH A O   1 
HETATM 1087 O O   . HOH B 2 .   ? 0.222   18.718  9.413   1.00 39.95 ? 237 HOH A O   1 
HETATM 1088 O O   . HOH B 2 .   ? -11.668 18.870  2.776   1.00 25.32 ? 238 HOH A O   1 
HETATM 1089 O O   . HOH B 2 .   ? -2.612  -9.285  -16.609 1.00 11.81 ? 239 HOH A O   1 
HETATM 1090 O O   . HOH B 2 .   ? -5.023  -1.368  13.292  1.00 12.32 ? 240 HOH A O   1 
HETATM 1091 O O   . HOH B 2 .   ? 9.808   -11.730 -6.020  1.00 12.64 ? 241 HOH A O   1 
HETATM 1092 O O   . HOH B 2 .   ? 0.657   -15.067 4.258   1.00 12.04 ? 242 HOH A O   1 
HETATM 1093 O O   . HOH B 2 .   ? 5.454   -13.616 0.101   1.00 14.76 ? 243 HOH A O   1 
HETATM 1094 O O   . HOH B 2 .   ? 3.371   -1.504  12.075  1.00 14.27 ? 244 HOH A O   1 
HETATM 1095 O O   . HOH B 2 .   ? -1.850  16.741  1.617   1.00 20.59 ? 245 HOH A O   1 
HETATM 1096 O O   . HOH B 2 .   ? 17.608  -7.084  -7.353  1.00 13.01 ? 246 HOH A O   1 
HETATM 1097 O O   . HOH B 2 .   ? -4.587  -6.369  -14.451 1.00 15.41 ? 247 HOH A O   1 
HETATM 1098 O O   . HOH B 2 .   ? 3.562   -15.296 1.065   1.00 13.89 ? 248 HOH A O   1 
HETATM 1099 O O   . HOH B 2 .   ? 18.501  -2.115  -2.261  1.00 17.33 ? 249 HOH A O   1 
HETATM 1100 O O   . HOH B 2 .   ? -7.197  -15.069 15.173  1.00 14.09 ? 250 HOH A O   1 
HETATM 1101 O O   . HOH B 2 .   ? 7.873   18.717  2.220   1.00 21.90 ? 251 HOH A O   1 
HETATM 1102 O O   . HOH B 2 .   ? -11.654 -10.304 -11.699 1.00 27.40 ? 252 HOH A O   1 
HETATM 1103 O O   . HOH B 2 .   ? -11.175 11.211  -6.069  1.00 23.38 ? 253 HOH A O   1 
HETATM 1104 O O   . HOH B 2 .   ? -25.460 14.692  13.393  1.00 24.10 ? 254 HOH A O   1 
HETATM 1105 O O   . HOH B 2 .   ? 4.798   -17.776 -8.227  1.00 26.71 ? 255 HOH A O   1 
HETATM 1106 O O   . HOH B 2 .   ? 7.221   -10.620 -2.631  1.00 18.12 ? 256 HOH A O   1 
HETATM 1107 O O   . HOH B 2 .   ? 9.248   -11.515 -1.491  1.00 25.06 ? 257 HOH A O   1 
HETATM 1108 O O   . HOH B 2 .   ? -3.957  5.518   -11.253 1.00 22.41 ? 258 HOH A O   1 
HETATM 1109 O O   . HOH B 2 .   ? 7.001   12.788  8.028   1.00 25.28 ? 259 HOH A O   1 
HETATM 1110 O O   . HOH B 2 .   ? 0.848   17.897  3.688   1.00 31.39 ? 260 HOH A O   1 
HETATM 1111 O O   . HOH B 2 .   ? -7.549  -17.562 14.546  1.00 20.79 ? 261 HOH A O   1 
HETATM 1112 O O   . HOH B 2 .   ? -8.547  2.558   10.059  1.00 23.31 ? 262 HOH A O   1 
HETATM 1113 O O   . HOH B 2 .   ? 7.733   15.416  5.605   1.00 33.26 ? 263 HOH A O   1 
HETATM 1114 O O   . HOH B 2 .   ? 14.295  -7.282  7.061   1.00 27.10 ? 264 HOH A O   1 
HETATM 1115 O O   . HOH B 2 .   ? 18.989  -4.483  -3.326  1.00 19.84 ? 265 HOH A O   1 
HETATM 1116 O O   . HOH B 2 .   ? 11.940  -5.910  -15.978 1.00 25.44 ? 266 HOH A O   1 
HETATM 1117 O O   . HOH B 2 .   ? 6.114   19.354  5.677   1.00 22.19 ? 267 HOH A O   1 
HETATM 1118 O O   . HOH B 2 .   ? 11.031  -1.631  -17.078 1.00 20.68 ? 268 HOH A O   1 
HETATM 1119 O O   . HOH B 2 .   ? -4.654  -1.288  16.340  1.00 29.34 ? 269 HOH A O   1 
HETATM 1120 O O   . HOH B 2 .   ? 4.561   13.375  11.763  1.00 23.36 ? 270 HOH A O   1 
HETATM 1121 O O   . HOH B 2 .   ? -8.570  -4.180  5.961   1.00 32.26 ? 271 HOH A O   1 
HETATM 1122 O O   . HOH B 2 .   ? 3.180   -14.917 5.804   1.00 30.78 ? 272 HOH A O   1 
HETATM 1123 O O   . HOH B 2 .   ? 4.028   -9.189  -18.324 1.00 27.24 ? 273 HOH A O   1 
HETATM 1124 O O   . HOH B 2 .   ? 28.236  -17.933 -11.692 1.00 23.99 ? 274 HOH A O   1 
HETATM 1125 O O   . HOH B 2 .   ? -15.038 6.567   6.223   1.00 30.53 ? 275 HOH A O   1 
HETATM 1126 O O   . HOH B 2 .   ? -12.722 -5.970  -5.107  1.00 26.97 ? 276 HOH A O   1 
HETATM 1127 O O   . HOH B 2 .   ? 4.008   -16.017 14.116  1.00 22.82 ? 277 HOH A O   1 
HETATM 1128 O O   . HOH B 2 .   ? 12.930  -12.129 -2.584  1.00 27.95 ? 278 HOH A O   1 
HETATM 1129 O O   . HOH B 2 .   ? -10.340 6.949   6.815   1.00 32.91 ? 279 HOH A O   1 
HETATM 1130 O O   . HOH B 2 .   ? -1.691  17.333  10.869  1.00 35.33 ? 280 HOH A O   1 
HETATM 1131 O O   . HOH B 2 .   ? -1.521  12.944  -5.908  1.00 26.07 ? 281 HOH A O   1 
HETATM 1132 O O   . HOH B 2 .   ? -4.265  5.357   14.153  1.00 35.90 ? 282 HOH A O   1 
HETATM 1133 O O   . HOH B 2 .   ? -7.610  -6.007  7.464   1.00 33.39 ? 283 HOH A O   1 
HETATM 1134 O O   . HOH B 2 .   ? -8.079  -7.842  10.978  1.00 29.21 ? 284 HOH A O   1 
HETATM 1135 O O   . HOH B 2 .   ? 20.330  -10.016 -8.410  1.00 31.23 ? 285 HOH A O   1 
HETATM 1136 O O   . HOH B 2 .   ? -7.463  -2.305  12.515  1.00 29.26 ? 286 HOH A O   1 
HETATM 1137 O O   . HOH B 2 .   ? 8.625   -8.445  -13.383 1.00 24.77 ? 287 HOH A O   1 
HETATM 1138 O O   . HOH B 2 .   ? -12.689 21.835  14.971  1.00 35.35 ? 288 HOH A O   1 
HETATM 1139 O O   . HOH B 2 .   ? -12.106 8.220   12.626  1.00 27.82 ? 289 HOH A O   1 
HETATM 1140 O O   . HOH B 2 .   ? -10.650 -8.462  -12.986 1.00 28.30 ? 290 HOH A O   1 
HETATM 1141 O O   . HOH B 2 .   ? 5.555   8.305   -9.191  1.00 28.75 ? 291 HOH A O   1 
HETATM 1142 O O   . HOH B 2 .   ? 0.480   9.542   -8.490  1.00 26.12 ? 292 HOH A O   1 
HETATM 1143 O O   . HOH B 2 .   ? -9.707  -12.004 11.636  1.00 26.79 ? 293 HOH A O   1 
HETATM 1144 O O   . HOH B 2 .   ? 31.281  -10.538 -7.575  1.00 27.36 ? 294 HOH A O   1 
HETATM 1145 O O   . HOH B 2 .   ? 22.717  -12.014 -8.792  1.00 31.13 ? 295 HOH A O   1 
HETATM 1146 O O   . HOH B 2 .   ? -19.381 -4.000  -9.064  1.00 27.67 ? 296 HOH A O   1 
HETATM 1147 O O   . HOH B 2 .   ? 8.594   18.998  6.118   1.00 37.30 ? 297 HOH A O   1 
HETATM 1148 O O   . HOH B 2 .   ? 13.907  1.895   -6.399  1.00 52.02 ? 298 HOH A O   1 
HETATM 1149 O O   . HOH B 2 .   ? 8.335   9.682   0.865   1.00 33.30 ? 299 HOH A O   1 
HETATM 1150 O O   . HOH B 2 .   ? -12.073 -10.337 -9.097  1.00 32.22 ? 300 HOH A O   1 
HETATM 1151 O O   . HOH B 2 .   ? 6.813   -8.359  -18.309 1.00 28.42 ? 301 HOH A O   1 
HETATM 1152 O O   . HOH B 2 .   ? 8.096   12.760  5.007   1.00 36.74 ? 302 HOH A O   1 
HETATM 1153 O O   . HOH B 2 .   ? -6.283  -7.899  4.181   1.00 19.79 ? 303 HOH A O   1 
HETATM 1154 O O   . HOH B 2 .   ? -9.154  -4.451  -14.774 1.00 28.42 ? 304 HOH A O   1 
HETATM 1155 O O   . HOH B 2 .   ? 8.839   -12.927 8.642   1.00 33.99 ? 305 HOH A O   1 
HETATM 1156 O O   . HOH B 2 .   ? -4.415  -0.487  -16.358 1.00 26.15 ? 306 HOH A O   1 
HETATM 1157 O O   . HOH B 2 .   ? -9.950  -14.883 -16.695 1.00 31.53 ? 307 HOH A O   1 
HETATM 1158 O O   . HOH B 2 .   ? 6.681   22.644  6.476   1.00 38.48 ? 308 HOH A O   1 
HETATM 1159 O O   . HOH B 2 .   ? -19.819 12.710  13.038  1.00 29.99 ? 309 HOH A O   1 
HETATM 1160 O O   . HOH B 2 .   ? -16.162 4.510   -13.983 1.00 32.46 ? 310 HOH A O   1 
HETATM 1161 O O   . HOH B 2 .   ? 6.082   -14.738 4.591   1.00 33.98 ? 311 HOH A O   1 
HETATM 1162 O O   . HOH B 2 .   ? -17.178 -4.534  -11.236 1.00 34.16 ? 312 HOH A O   1 
HETATM 1163 O O   . HOH B 2 .   ? -9.417  -15.714 -9.170  1.00 32.90 ? 313 HOH A O   1 
HETATM 1164 O O   . HOH B 2 .   ? -8.734  -10.093 -15.724 1.00 29.51 ? 314 HOH A O   1 
HETATM 1165 O O   . HOH B 2 .   ? -12.065 18.253  15.784  1.00 46.25 ? 315 HOH A O   1 
HETATM 1166 O O   . HOH B 2 .   ? -7.165  16.880  0.336   1.00 21.13 ? 316 HOH A O   1 
HETATM 1167 O O   . HOH B 2 .   ? 6.072   12.112  -1.967  1.00 22.51 ? 317 HOH A O   1 
HETATM 1168 O O   . HOH B 2 .   ? -3.845  11.329  -7.579  1.00 35.88 ? 318 HOH A O   1 
HETATM 1169 O O   . HOH B 2 .   ? -8.385  -4.004  10.243  1.00 25.52 ? 319 HOH A O   1 
HETATM 1170 O O   . HOH B 2 .   ? -10.428 3.324   -11.945 1.00 21.49 ? 320 HOH A O   1 
HETATM 1171 O O   . HOH B 2 .   ? 15.281  -11.227 -1.903  1.00 30.31 ? 321 HOH A O   1 
HETATM 1172 O O   . HOH B 2 .   ? 12.849  -12.406 -5.742  1.00 36.44 ? 322 HOH A O   1 
HETATM 1173 O O   . HOH B 2 .   ? 4.542   17.185  1.379   1.00 34.06 ? 323 HOH A O   1 
HETATM 1174 O O   . HOH B 2 .   ? 4.256   20.561  -1.872  1.00 30.94 ? 324 HOH A O   1 
HETATM 1175 O O   . HOH B 2 .   ? -1.668  -16.937 12.734  1.00 27.57 ? 325 HOH A O   1 
HETATM 1176 O O   . HOH B 2 .   ? -5.567  -8.436  1.400   1.00 33.82 ? 326 HOH A O   1 
HETATM 1177 O O   . HOH B 2 .   ? -13.724 -8.454  -4.518  1.00 31.55 ? 327 HOH A O   1 
HETATM 1178 O O   . HOH B 2 .   ? -4.423  2.497   15.917  1.00 35.12 ? 328 HOH A O   1 
HETATM 1179 O O   . HOH B 2 .   ? -10.265 -13.763 -7.607  1.00 28.31 ? 329 HOH A O   1 
HETATM 1180 O O   . HOH B 2 .   ? -13.851 13.313  -5.567  1.00 37.91 ? 330 HOH A O   1 
# 
loop_
_pdbx_poly_seq_scheme.asym_id 
_pdbx_poly_seq_scheme.entity_id 
_pdbx_poly_seq_scheme.seq_id 
_pdbx_poly_seq_scheme.mon_id 
_pdbx_poly_seq_scheme.ndb_seq_num 
_pdbx_poly_seq_scheme.pdb_seq_num 
_pdbx_poly_seq_scheme.auth_seq_num 
_pdbx_poly_seq_scheme.pdb_mon_id 
_pdbx_poly_seq_scheme.auth_mon_id 
_pdbx_poly_seq_scheme.pdb_strand_id 
_pdbx_poly_seq_scheme.pdb_ins_code 
_pdbx_poly_seq_scheme.hetero 
A 1 1   GLY 1   1   ?   ?   ?   A . n 
A 1 2   SER 2   2   ?   ?   ?   A . n 
A 1 3   SER 3   3   ?   ?   ?   A . n 
A 1 4   GLY 4   4   ?   ?   ?   A . n 
A 1 5   SER 5   5   ?   ?   ?   A . n 
A 1 6   SER 6   6   6   SER SER A . n 
A 1 7   GLY 7   7   7   GLY GLY A . n 
A 1 8   TRP 8   8   8   TRP TRP A . n 
A 1 9   VAL 9   9   9   VAL VAL A . n 
A 1 10  ALA 10  10  10  ALA ALA A . n 
A 1 11  PHE 11  11  11  PHE PHE A . n 
A 1 12  ASP 12  12  12  ASP ASP A . n 
A 1 13  LYS 13  13  13  LYS LYS A . n 
A 1 14  GLN 14  14  14  GLN GLN A . n 
A 1 15  VAL 15  15  15  VAL VAL A . n 
A 1 16  LEU 16  16  16  LEU LEU A . n 
A 1 17  SER 17  17  17  SER SER A . n 
A 1 18  PHE 18  18  18  PHE PHE A . n 
A 1 19  ASP 19  19  19  ASP ASP A . n 
A 1 20  ALA 20  20  20  ALA ALA A . n 
A 1 21  TYR 21  21  21  TYR TYR A . n 
A 1 22  LEU 22  22  22  LEU LEU A . n 
A 1 23  GLU 23  23  23  GLU GLU A . n 
A 1 24  GLU 24  24  24  GLU GLU A . n 
A 1 25  GLU 25  25  25  GLU GLU A . n 
A 1 26  VAL 26  26  26  VAL VAL A . n 
A 1 27  LEU 27  27  27  LEU LEU A . n 
A 1 28  ASP 28  28  28  ASP ASP A . n 
A 1 29  LYS 29  29  29  LYS LYS A . n 
A 1 30  SER 30  30  30  SER SER A . n 
A 1 31  GLN 31  31  31  GLN GLN A . n 
A 1 32  THR 32  32  32  THR THR A . n 
A 1 33  ASN 33  33  33  ASN ASN A . n 
A 1 34  TYR 34  34  34  TYR TYR A . n 
A 1 35  ARG 35  35  35  ARG ARG A . n 
A 1 36  ILE 36  36  36  ILE ILE A . n 
A 1 37  ARG 37  37  37  ARG ARG A . n 
A 1 38  TYR 38  38  38  TYR TYR A . n 
A 1 39  TYR 39  39  39  TYR TYR A . n 
A 1 40  LYS 40  40  40  LYS LYS A . n 
A 1 41  ILE 41  41  41  ILE ILE A . n 
A 1 42  TYR 42  42  42  TYR TYR A . n 
A 1 43  PHE 43  43  43  PHE PHE A . n 
A 1 44  TYR 44  44  44  TYR TYR A . n 
A 1 45  PRO 45  45  45  PRO PRO A . n 
A 1 46  GLU 46  46  46  GLU GLU A . n 
A 1 47  ASP 47  47  47  ASP ASP A . n 
A 1 48  ASP 48  48  48  ASP ASP A . n 
A 1 49  THR 49  49  49  THR THR A . n 
A 1 50  ILE 50  50  50  ILE ILE A . n 
A 1 51  GLN 51  51  51  GLN GLN A . n 
A 1 52  VAL 52  52  52  VAL VAL A . n 
A 1 53  ASN 53  53  53  ASN ASN A . n 
A 1 54  GLU 54  54  54  GLU GLU A . n 
A 1 55  PRO 55  55  55  PRO PRO A . n 
A 1 56  GLU 56  56  56  GLU GLU A . n 
A 1 57  VAL 57  57  ?   ?   ?   A . n 
A 1 58  LYS 58  58  ?   ?   ?   A . n 
A 1 59  ASN 59  59  ?   ?   ?   A . n 
A 1 60  SER 60  60  ?   ?   ?   A . n 
A 1 61  GLY 61  61  ?   ?   ?   A . n 
A 1 62  LEU 62  62  62  LEU LEU A . n 
A 1 63  LEU 63  63  63  LEU LEU A . n 
A 1 64  GLN 64  64  64  GLN GLN A . n 
A 1 65  GLY 65  65  65  GLY GLY A . n 
A 1 66  THR 66  66  66  THR THR A . n 
A 1 67  SER 67  67  67  SER SER A . n 
A 1 68  ILE 68  68  68  ILE ILE A . n 
A 1 69  ARG 69  69  69  ARG ARG A . n 
A 1 70  ARG 70  70  70  ARG ARG A . n 
A 1 71  HIS 71  71  71  HIS HIS A . n 
A 1 72  ARG 72  72  72  ARG ARG A . n 
A 1 73  ILE 73  73  73  ILE ILE A . n 
A 1 74  THR 74  74  74  THR THR A . n 
A 1 75  LEU 75  75  75  LEU LEU A . n 
A 1 76  PRO 76  76  76  PRO PRO A . n 
A 1 77  PRO 77  77  77  PRO PRO A . n 
A 1 78  PRO 78  78  78  PRO PRO A . n 
A 1 79  ASP 79  79  79  ASP ASP A . n 
A 1 80  GLU 80  80  80  GLU GLU A . n 
A 1 81  ASP 81  81  81  ASP ASP A . n 
A 1 82  GLN 82  82  82  GLN GLN A . n 
A 1 83  PHE 83  83  83  PHE PHE A . n 
A 1 84  TYR 84  84  84  TYR TYR A . n 
A 1 85  THR 85  85  85  THR THR A . n 
A 1 86  VAL 86  86  86  VAL VAL A . n 
A 1 87  TYR 87  87  87  TYR TYR A . n 
A 1 88  HIS 88  88  88  HIS HIS A . n 
A 1 89  PHE 89  89  89  PHE PHE A . n 
A 1 90  ASN 90  90  90  ASN ASN A . n 
A 1 91  VAL 91  91  91  VAL VAL A . n 
A 1 92  GLY 92  92  92  GLY GLY A . n 
A 1 93  THR 93  93  93  THR THR A . n 
A 1 94  GLU 94  94  94  GLU GLU A . n 
A 1 95  VAL 95  95  95  VAL VAL A . n 
A 1 96  VAL 96  96  96  VAL VAL A . n 
A 1 97  PHE 97  97  97  PHE PHE A . n 
A 1 98  TYR 98  98  98  TYR TYR A . n 
A 1 99  GLY 99  99  99  GLY GLY A . n 
A 1 100 ARG 100 100 100 ARG ARG A . n 
A 1 101 THR 101 101 101 THR THR A . n 
A 1 102 PHE 102 102 102 PHE PHE A . n 
A 1 103 LYS 103 103 103 LYS LYS A . n 
A 1 104 ILE 104 104 104 ILE ILE A . n 
A 1 105 TYR 105 105 105 TYR TYR A . n 
A 1 106 ASP 106 106 106 ASP ASP A . n 
A 1 107 CYS 107 107 107 CYS CYS A . n 
A 1 108 ASP 108 108 108 ASP ASP A . n 
A 1 109 ALA 109 109 109 ALA ALA A . n 
A 1 110 PHE 110 110 110 PHE PHE A . n 
A 1 111 THR 111 111 111 THR THR A . n 
A 1 112 ARG 112 112 112 ARG ARG A . n 
A 1 113 ASN 113 113 113 ASN ASN A . n 
A 1 114 PHE 114 114 114 PHE PHE A . n 
A 1 115 LEU 115 115 115 LEU LEU A . n 
A 1 116 ARG 116 116 116 ARG ARG A . n 
A 1 117 LYS 117 117 117 LYS LYS A . n 
A 1 118 ILE 118 118 118 ILE ILE A . n 
A 1 119 GLY 119 119 119 GLY GLY A . n 
A 1 120 VAL 120 120 120 VAL VAL A . n 
A 1 121 LYS 121 121 121 LYS LYS A . n 
A 1 122 VAL 122 122 122 VAL VAL A . n 
A 1 123 ASN 123 123 123 ASN ASN A . n 
A 1 124 PRO 124 124 124 PRO PRO A . n 
A 1 125 PRO 125 125 125 PRO PRO A . n 
A 1 126 VAL 126 126 126 VAL VAL A . n 
A 1 127 GLN 127 127 ?   ?   ?   A . n 
A 1 128 SER 128 128 ?   ?   ?   A . n 
A 1 129 GLY 129 129 ?   ?   ?   A . n 
A 1 130 PRO 130 130 ?   ?   ?   A . n 
A 1 131 SER 131 131 ?   ?   ?   A . n 
A 1 132 SER 132 132 ?   ?   ?   A . n 
A 1 133 GLY 133 133 ?   ?   ?   A . n 
# 
_pdbx_SG_project.id                    1 
_pdbx_SG_project.project_name          'NPPSFA, National Project on Protein Structural and Functional Analyses' 
_pdbx_SG_project.full_name_of_center   'RIKEN Structural Genomics/Proteomics Initiative' 
_pdbx_SG_project.initial_of_center     RSGI 
# 
loop_
_pdbx_nonpoly_scheme.asym_id 
_pdbx_nonpoly_scheme.entity_id 
_pdbx_nonpoly_scheme.mon_id 
_pdbx_nonpoly_scheme.ndb_seq_num 
_pdbx_nonpoly_scheme.pdb_seq_num 
_pdbx_nonpoly_scheme.auth_seq_num 
_pdbx_nonpoly_scheme.pdb_mon_id 
_pdbx_nonpoly_scheme.auth_mon_id 
_pdbx_nonpoly_scheme.pdb_strand_id 
_pdbx_nonpoly_scheme.pdb_ins_code 
B 2 HOH 1   134 134 HOH HOH A . 
B 2 HOH 2   135 135 HOH HOH A . 
B 2 HOH 3   136 136 HOH HOH A . 
B 2 HOH 4   137 137 HOH HOH A . 
B 2 HOH 5   138 138 HOH HOH A . 
B 2 HOH 6   139 139 HOH HOH A . 
B 2 HOH 7   140 140 HOH HOH A . 
B 2 HOH 8   141 141 HOH HOH A . 
B 2 HOH 9   142 142 HOH HOH A . 
B 2 HOH 10  143 143 HOH HOH A . 
B 2 HOH 11  144 144 HOH HOH A . 
B 2 HOH 12  145 145 HOH HOH A . 
B 2 HOH 13  146 146 HOH HOH A . 
B 2 HOH 14  147 147 HOH HOH A . 
B 2 HOH 15  148 148 HOH HOH A . 
B 2 HOH 16  149 149 HOH HOH A . 
B 2 HOH 17  150 150 HOH HOH A . 
B 2 HOH 18  151 151 HOH HOH A . 
B 2 HOH 19  152 152 HOH HOH A . 
B 2 HOH 20  153 153 HOH HOH A . 
B 2 HOH 21  154 154 HOH HOH A . 
B 2 HOH 22  155 155 HOH HOH A . 
B 2 HOH 23  156 156 HOH HOH A . 
B 2 HOH 24  157 157 HOH HOH A . 
B 2 HOH 25  158 158 HOH HOH A . 
B 2 HOH 26  159 159 HOH HOH A . 
B 2 HOH 27  160 160 HOH HOH A . 
B 2 HOH 28  161 161 HOH HOH A . 
B 2 HOH 29  162 162 HOH HOH A . 
B 2 HOH 30  163 163 HOH HOH A . 
B 2 HOH 31  164 164 HOH HOH A . 
B 2 HOH 32  165 165 HOH HOH A . 
B 2 HOH 33  166 166 HOH HOH A . 
B 2 HOH 34  167 167 HOH HOH A . 
B 2 HOH 35  168 168 HOH HOH A . 
B 2 HOH 36  169 169 HOH HOH A . 
B 2 HOH 37  170 170 HOH HOH A . 
B 2 HOH 38  171 171 HOH HOH A . 
B 2 HOH 39  172 172 HOH HOH A . 
B 2 HOH 40  173 173 HOH HOH A . 
B 2 HOH 41  174 174 HOH HOH A . 
B 2 HOH 42  175 175 HOH HOH A . 
B 2 HOH 43  176 176 HOH HOH A . 
B 2 HOH 44  177 177 HOH HOH A . 
B 2 HOH 45  178 178 HOH HOH A . 
B 2 HOH 46  179 179 HOH HOH A . 
B 2 HOH 47  180 180 HOH HOH A . 
B 2 HOH 48  181 181 HOH HOH A . 
B 2 HOH 49  182 182 HOH HOH A . 
B 2 HOH 50  183 183 HOH HOH A . 
B 2 HOH 51  184 184 HOH HOH A . 
B 2 HOH 52  185 185 HOH HOH A . 
B 2 HOH 53  186 186 HOH HOH A . 
B 2 HOH 54  187 187 HOH HOH A . 
B 2 HOH 55  188 188 HOH HOH A . 
B 2 HOH 56  189 189 HOH HOH A . 
B 2 HOH 57  190 190 HOH HOH A . 
B 2 HOH 58  191 191 HOH HOH A . 
B 2 HOH 59  192 192 HOH HOH A . 
B 2 HOH 60  193 193 HOH HOH A . 
B 2 HOH 61  194 194 HOH HOH A . 
B 2 HOH 62  195 195 HOH HOH A . 
B 2 HOH 63  196 196 HOH HOH A . 
B 2 HOH 64  197 197 HOH HOH A . 
B 2 HOH 65  198 198 HOH HOH A . 
B 2 HOH 66  199 199 HOH HOH A . 
B 2 HOH 67  200 200 HOH HOH A . 
B 2 HOH 68  201 201 HOH HOH A . 
B 2 HOH 69  202 202 HOH HOH A . 
B 2 HOH 70  203 203 HOH HOH A . 
B 2 HOH 71  204 204 HOH HOH A . 
B 2 HOH 72  205 205 HOH HOH A . 
B 2 HOH 73  206 206 HOH HOH A . 
B 2 HOH 74  207 207 HOH HOH A . 
B 2 HOH 75  208 208 HOH HOH A . 
B 2 HOH 76  209 209 HOH HOH A . 
B 2 HOH 77  210 210 HOH HOH A . 
B 2 HOH 78  211 211 HOH HOH A . 
B 2 HOH 79  212 212 HOH HOH A . 
B 2 HOH 80  213 213 HOH HOH A . 
B 2 HOH 81  214 214 HOH HOH A . 
B 2 HOH 82  215 215 HOH HOH A . 
B 2 HOH 83  216 216 HOH HOH A . 
B 2 HOH 84  217 217 HOH HOH A . 
B 2 HOH 85  218 218 HOH HOH A . 
B 2 HOH 86  219 219 HOH HOH A . 
B 2 HOH 87  220 220 HOH HOH A . 
B 2 HOH 88  221 221 HOH HOH A . 
B 2 HOH 89  222 222 HOH HOH A . 
B 2 HOH 90  223 223 HOH HOH A . 
B 2 HOH 91  224 224 HOH HOH A . 
B 2 HOH 92  225 225 HOH HOH A . 
B 2 HOH 93  226 226 HOH HOH A . 
B 2 HOH 94  227 227 HOH HOH A . 
B 2 HOH 95  228 228 HOH HOH A . 
B 2 HOH 96  229 229 HOH HOH A . 
B 2 HOH 97  230 230 HOH HOH A . 
B 2 HOH 98  231 231 HOH HOH A . 
B 2 HOH 99  232 232 HOH HOH A . 
B 2 HOH 100 233 233 HOH HOH A . 
B 2 HOH 101 234 234 HOH HOH A . 
B 2 HOH 102 235 235 HOH HOH A . 
B 2 HOH 103 236 236 HOH HOH A . 
B 2 HOH 104 237 237 HOH HOH A . 
B 2 HOH 105 238 238 HOH HOH A . 
B 2 HOH 106 239 239 HOH HOH A . 
B 2 HOH 107 240 240 HOH HOH A . 
B 2 HOH 108 241 241 HOH HOH A . 
B 2 HOH 109 242 242 HOH HOH A . 
B 2 HOH 110 243 243 HOH HOH A . 
B 2 HOH 111 244 244 HOH HOH A . 
B 2 HOH 112 245 245 HOH HOH A . 
B 2 HOH 113 246 246 HOH HOH A . 
B 2 HOH 114 247 247 HOH HOH A . 
B 2 HOH 115 248 248 HOH HOH A . 
B 2 HOH 116 249 249 HOH HOH A . 
B 2 HOH 117 250 250 HOH HOH A . 
B 2 HOH 118 251 251 HOH HOH A . 
B 2 HOH 119 252 252 HOH HOH A . 
B 2 HOH 120 253 253 HOH HOH A . 
B 2 HOH 121 254 254 HOH HOH A . 
B 2 HOH 122 255 255 HOH HOH A . 
B 2 HOH 123 256 256 HOH HOH A . 
B 2 HOH 124 257 257 HOH HOH A . 
B 2 HOH 125 258 258 HOH HOH A . 
B 2 HOH 126 259 259 HOH HOH A . 
B 2 HOH 127 260 260 HOH HOH A . 
B 2 HOH 128 261 261 HOH HOH A . 
B 2 HOH 129 262 262 HOH HOH A . 
B 2 HOH 130 263 263 HOH HOH A . 
B 2 HOH 131 264 264 HOH HOH A . 
B 2 HOH 132 265 265 HOH HOH A . 
B 2 HOH 133 266 266 HOH HOH A . 
B 2 HOH 134 267 267 HOH HOH A . 
B 2 HOH 135 268 268 HOH HOH A . 
B 2 HOH 136 269 269 HOH HOH A . 
B 2 HOH 137 270 270 HOH HOH A . 
B 2 HOH 138 271 271 HOH HOH A . 
B 2 HOH 139 272 272 HOH HOH A . 
B 2 HOH 140 273 273 HOH HOH A . 
B 2 HOH 141 274 274 HOH HOH A . 
B 2 HOH 142 275 275 HOH HOH A . 
B 2 HOH 143 276 276 HOH HOH A . 
B 2 HOH 144 277 277 HOH HOH A . 
B 2 HOH 145 278 278 HOH HOH A . 
B 2 HOH 146 279 279 HOH HOH A . 
B 2 HOH 147 280 280 HOH HOH A . 
B 2 HOH 148 281 281 HOH HOH A . 
B 2 HOH 149 282 282 HOH HOH A . 
B 2 HOH 150 283 283 HOH HOH A . 
B 2 HOH 151 284 284 HOH HOH A . 
B 2 HOH 152 285 285 HOH HOH A . 
B 2 HOH 153 286 286 HOH HOH A . 
B 2 HOH 154 287 287 HOH HOH A . 
B 2 HOH 155 288 288 HOH HOH A . 
B 2 HOH 156 289 289 HOH HOH A . 
B 2 HOH 157 290 290 HOH HOH A . 
B 2 HOH 158 291 291 HOH HOH A . 
B 2 HOH 159 292 292 HOH HOH A . 
B 2 HOH 160 293 293 HOH HOH A . 
B 2 HOH 161 294 294 HOH HOH A . 
B 2 HOH 162 295 295 HOH HOH A . 
B 2 HOH 163 296 296 HOH HOH A . 
B 2 HOH 164 297 297 HOH HOH A . 
B 2 HOH 165 298 298 HOH HOH A . 
B 2 HOH 166 299 299 HOH HOH A . 
B 2 HOH 167 300 300 HOH HOH A . 
B 2 HOH 168 301 301 HOH HOH A . 
B 2 HOH 169 302 302 HOH HOH A . 
B 2 HOH 170 303 303 HOH HOH A . 
B 2 HOH 171 304 304 HOH HOH A . 
B 2 HOH 172 305 305 HOH HOH A . 
B 2 HOH 173 306 306 HOH HOH A . 
B 2 HOH 174 307 307 HOH HOH A . 
B 2 HOH 175 308 308 HOH HOH A . 
B 2 HOH 176 309 309 HOH HOH A . 
B 2 HOH 177 310 310 HOH HOH A . 
B 2 HOH 178 311 311 HOH HOH A . 
B 2 HOH 179 312 312 HOH HOH A . 
B 2 HOH 180 313 313 HOH HOH A . 
B 2 HOH 181 314 314 HOH HOH A . 
B 2 HOH 182 315 315 HOH HOH A . 
B 2 HOH 183 316 316 HOH HOH A . 
B 2 HOH 184 317 317 HOH HOH A . 
B 2 HOH 185 318 318 HOH HOH A . 
B 2 HOH 186 319 319 HOH HOH A . 
B 2 HOH 187 320 320 HOH HOH A . 
B 2 HOH 188 321 321 HOH HOH A . 
B 2 HOH 189 322 322 HOH HOH A . 
B 2 HOH 190 323 323 HOH HOH A . 
B 2 HOH 191 324 324 HOH HOH A . 
B 2 HOH 192 325 325 HOH HOH A . 
B 2 HOH 193 326 326 HOH HOH A . 
B 2 HOH 194 327 327 HOH HOH A . 
B 2 HOH 195 328 328 HOH HOH A . 
B 2 HOH 196 329 329 HOH HOH A . 
B 2 HOH 197 330 330 HOH HOH A . 
# 
loop_
_pdbx_struct_assembly.id 
_pdbx_struct_assembly.details 
_pdbx_struct_assembly.method_details 
_pdbx_struct_assembly.oligomeric_details 
_pdbx_struct_assembly.oligomeric_count 
1 author_defined_assembly   ?    dimeric   2 
2 software_defined_assembly PISA monomeric 1 
# 
loop_
_pdbx_struct_assembly_gen.assembly_id 
_pdbx_struct_assembly_gen.oper_expression 
_pdbx_struct_assembly_gen.asym_id_list 
1 1,2 A,B 
2 1   A,B 
# 
loop_
_pdbx_struct_oper_list.id 
_pdbx_struct_oper_list.type 
_pdbx_struct_oper_list.name 
_pdbx_struct_oper_list.symmetry_operation 
_pdbx_struct_oper_list.matrix[1][1] 
_pdbx_struct_oper_list.matrix[1][2] 
_pdbx_struct_oper_list.matrix[1][3] 
_pdbx_struct_oper_list.vector[1] 
_pdbx_struct_oper_list.matrix[2][1] 
_pdbx_struct_oper_list.matrix[2][2] 
_pdbx_struct_oper_list.matrix[2][3] 
_pdbx_struct_oper_list.vector[2] 
_pdbx_struct_oper_list.matrix[3][1] 
_pdbx_struct_oper_list.matrix[3][2] 
_pdbx_struct_oper_list.matrix[3][3] 
_pdbx_struct_oper_list.vector[3] 
1 'identity operation'         1_555 x,y,z       1.0000000000  0.0000000000 0.0000000000  0.0000000000   0.0000000000 1.0000000000  0.0000000000  0.0000000000  0.0000000000  0.0000000000  1.0000000000 0.0000000000 
2 'crystal symmetry operation' 2_656 -x+1,y,-z+1 -0.9567218462 0.1069128562 -0.2706528223 -27.0243627375 0.1069128562 -0.7358861733 -0.6686113827 13.9605951258 -0.2706528223 -0.6686113827 0.6926080195 1.1934202962 
# 
loop_
_pdbx_audit_revision_history.ordinal 
_pdbx_audit_revision_history.data_content_type 
_pdbx_audit_revision_history.major_revision 
_pdbx_audit_revision_history.minor_revision 
_pdbx_audit_revision_history.revision_date 
1 'Structure model' 1 0 2007-11-13 
2 'Structure model' 1 1 2011-07-13 
3 'Structure model' 1 2 2023-11-01 
# 
_pdbx_audit_revision_details.ordinal             1 
_pdbx_audit_revision_details.revision_ordinal    1 
_pdbx_audit_revision_details.data_content_type   'Structure model' 
_pdbx_audit_revision_details.provider            repository 
_pdbx_audit_revision_details.type                'Initial release' 
_pdbx_audit_revision_details.description         ? 
_pdbx_audit_revision_details.details             ? 
# 
loop_
_pdbx_audit_revision_group.ordinal 
_pdbx_audit_revision_group.revision_ordinal 
_pdbx_audit_revision_group.data_content_type 
_pdbx_audit_revision_group.group 
1 2 'Structure model' 'Version format compliance' 
2 3 'Structure model' 'Data collection'           
3 3 'Structure model' 'Database references'       
4 3 'Structure model' 'Refinement description'    
# 
loop_
_pdbx_audit_revision_category.ordinal 
_pdbx_audit_revision_category.revision_ordinal 
_pdbx_audit_revision_category.data_content_type 
_pdbx_audit_revision_category.category 
1 3 'Structure model' chem_comp_atom                
2 3 'Structure model' chem_comp_bond                
3 3 'Structure model' database_2                    
4 3 'Structure model' pdbx_initial_refinement_model 
5 3 'Structure model' struct_ref_seq_dif            
# 
loop_
_pdbx_audit_revision_item.ordinal 
_pdbx_audit_revision_item.revision_ordinal 
_pdbx_audit_revision_item.data_content_type 
_pdbx_audit_revision_item.item 
1 3 'Structure model' '_database_2.pdbx_DOI'                
2 3 'Structure model' '_database_2.pdbx_database_accession' 
3 3 'Structure model' '_struct_ref_seq_dif.details'         
# 
loop_
_software.name 
_software.classification 
_software.version 
_software.citation_id 
_software.pdbx_ordinal 
CNS      refinement       1.1 ? 1 
HKL-2000 'data reduction' .   ? 2 
HKL-2000 'data scaling'   .   ? 3 
MOLREP   phasing          .   ? 4 
# 
loop_
_pdbx_validate_torsion.id 
_pdbx_validate_torsion.PDB_model_num 
_pdbx_validate_torsion.auth_comp_id 
_pdbx_validate_torsion.auth_asym_id 
_pdbx_validate_torsion.auth_seq_id 
_pdbx_validate_torsion.PDB_ins_code 
_pdbx_validate_torsion.label_alt_id 
_pdbx_validate_torsion.phi 
_pdbx_validate_torsion.psi 
1 1 PHE A 11 ? ? -113.03 64.15   
2 1 LYS A 29 ? ? 68.38   -113.09 
# 
loop_
_pdbx_unobs_or_zero_occ_residues.id 
_pdbx_unobs_or_zero_occ_residues.PDB_model_num 
_pdbx_unobs_or_zero_occ_residues.polymer_flag 
_pdbx_unobs_or_zero_occ_residues.occupancy_flag 
_pdbx_unobs_or_zero_occ_residues.auth_asym_id 
_pdbx_unobs_or_zero_occ_residues.auth_comp_id 
_pdbx_unobs_or_zero_occ_residues.auth_seq_id 
_pdbx_unobs_or_zero_occ_residues.PDB_ins_code 
_pdbx_unobs_or_zero_occ_residues.label_asym_id 
_pdbx_unobs_or_zero_occ_residues.label_comp_id 
_pdbx_unobs_or_zero_occ_residues.label_seq_id 
1  1 Y 1 A GLY 1   ? A GLY 1   
2  1 Y 1 A SER 2   ? A SER 2   
3  1 Y 1 A SER 3   ? A SER 3   
4  1 Y 1 A GLY 4   ? A GLY 4   
5  1 Y 1 A SER 5   ? A SER 5   
6  1 Y 1 A VAL 57  ? A VAL 57  
7  1 Y 1 A LYS 58  ? A LYS 58  
8  1 Y 1 A ASN 59  ? A ASN 59  
9  1 Y 1 A SER 60  ? A SER 60  
10 1 Y 1 A GLY 61  ? A GLY 61  
11 1 Y 1 A GLN 127 ? A GLN 127 
12 1 Y 1 A SER 128 ? A SER 128 
13 1 Y 1 A GLY 129 ? A GLY 129 
14 1 Y 1 A PRO 130 ? A PRO 130 
15 1 Y 1 A SER 131 ? A SER 131 
16 1 Y 1 A SER 132 ? A SER 132 
17 1 Y 1 A GLY 133 ? A GLY 133 
# 
loop_
_chem_comp_atom.comp_id 
_chem_comp_atom.atom_id 
_chem_comp_atom.type_symbol 
_chem_comp_atom.pdbx_aromatic_flag 
_chem_comp_atom.pdbx_stereo_config 
_chem_comp_atom.pdbx_ordinal 
ALA N    N N N 1   
ALA CA   C N S 2   
ALA C    C N N 3   
ALA O    O N N 4   
ALA CB   C N N 5   
ALA OXT  O N N 6   
ALA H    H N N 7   
ALA H2   H N N 8   
ALA HA   H N N 9   
ALA HB1  H N N 10  
ALA HB2  H N N 11  
ALA HB3  H N N 12  
ALA HXT  H N N 13  
ARG N    N N N 14  
ARG CA   C N S 15  
ARG C    C N N 16  
ARG O    O N N 17  
ARG CB   C N N 18  
ARG CG   C N N 19  
ARG CD   C N N 20  
ARG NE   N N N 21  
ARG CZ   C N N 22  
ARG NH1  N N N 23  
ARG NH2  N N N 24  
ARG OXT  O N N 25  
ARG H    H N N 26  
ARG H2   H N N 27  
ARG HA   H N N 28  
ARG HB2  H N N 29  
ARG HB3  H N N 30  
ARG HG2  H N N 31  
ARG HG3  H N N 32  
ARG HD2  H N N 33  
ARG HD3  H N N 34  
ARG HE   H N N 35  
ARG HH11 H N N 36  
ARG HH12 H N N 37  
ARG HH21 H N N 38  
ARG HH22 H N N 39  
ARG HXT  H N N 40  
ASN N    N N N 41  
ASN CA   C N S 42  
ASN C    C N N 43  
ASN O    O N N 44  
ASN CB   C N N 45  
ASN CG   C N N 46  
ASN OD1  O N N 47  
ASN ND2  N N N 48  
ASN OXT  O N N 49  
ASN H    H N N 50  
ASN H2   H N N 51  
ASN HA   H N N 52  
ASN HB2  H N N 53  
ASN HB3  H N N 54  
ASN HD21 H N N 55  
ASN HD22 H N N 56  
ASN HXT  H N N 57  
ASP N    N N N 58  
ASP CA   C N S 59  
ASP C    C N N 60  
ASP O    O N N 61  
ASP CB   C N N 62  
ASP CG   C N N 63  
ASP OD1  O N N 64  
ASP OD2  O N N 65  
ASP OXT  O N N 66  
ASP H    H N N 67  
ASP H2   H N N 68  
ASP HA   H N N 69  
ASP HB2  H N N 70  
ASP HB3  H N N 71  
ASP HD2  H N N 72  
ASP HXT  H N N 73  
CYS N    N N N 74  
CYS CA   C N R 75  
CYS C    C N N 76  
CYS O    O N N 77  
CYS CB   C N N 78  
CYS SG   S N N 79  
CYS OXT  O N N 80  
CYS H    H N N 81  
CYS H2   H N N 82  
CYS HA   H N N 83  
CYS HB2  H N N 84  
CYS HB3  H N N 85  
CYS HG   H N N 86  
CYS HXT  H N N 87  
GLN N    N N N 88  
GLN CA   C N S 89  
GLN C    C N N 90  
GLN O    O N N 91  
GLN CB   C N N 92  
GLN CG   C N N 93  
GLN CD   C N N 94  
GLN OE1  O N N 95  
GLN NE2  N N N 96  
GLN OXT  O N N 97  
GLN H    H N N 98  
GLN H2   H N N 99  
GLN HA   H N N 100 
GLN HB2  H N N 101 
GLN HB3  H N N 102 
GLN HG2  H N N 103 
GLN HG3  H N N 104 
GLN HE21 H N N 105 
GLN HE22 H N N 106 
GLN HXT  H N N 107 
GLU N    N N N 108 
GLU CA   C N S 109 
GLU C    C N N 110 
GLU O    O N N 111 
GLU CB   C N N 112 
GLU CG   C N N 113 
GLU CD   C N N 114 
GLU OE1  O N N 115 
GLU OE2  O N N 116 
GLU OXT  O N N 117 
GLU H    H N N 118 
GLU H2   H N N 119 
GLU HA   H N N 120 
GLU HB2  H N N 121 
GLU HB3  H N N 122 
GLU HG2  H N N 123 
GLU HG3  H N N 124 
GLU HE2  H N N 125 
GLU HXT  H N N 126 
GLY N    N N N 127 
GLY CA   C N N 128 
GLY C    C N N 129 
GLY O    O N N 130 
GLY OXT  O N N 131 
GLY H    H N N 132 
GLY H2   H N N 133 
GLY HA2  H N N 134 
GLY HA3  H N N 135 
GLY HXT  H N N 136 
HIS N    N N N 137 
HIS CA   C N S 138 
HIS C    C N N 139 
HIS O    O N N 140 
HIS CB   C N N 141 
HIS CG   C Y N 142 
HIS ND1  N Y N 143 
HIS CD2  C Y N 144 
HIS CE1  C Y N 145 
HIS NE2  N Y N 146 
HIS OXT  O N N 147 
HIS H    H N N 148 
HIS H2   H N N 149 
HIS HA   H N N 150 
HIS HB2  H N N 151 
HIS HB3  H N N 152 
HIS HD1  H N N 153 
HIS HD2  H N N 154 
HIS HE1  H N N 155 
HIS HE2  H N N 156 
HIS HXT  H N N 157 
HOH O    O N N 158 
HOH H1   H N N 159 
HOH H2   H N N 160 
ILE N    N N N 161 
ILE CA   C N S 162 
ILE C    C N N 163 
ILE O    O N N 164 
ILE CB   C N S 165 
ILE CG1  C N N 166 
ILE CG2  C N N 167 
ILE CD1  C N N 168 
ILE OXT  O N N 169 
ILE H    H N N 170 
ILE H2   H N N 171 
ILE HA   H N N 172 
ILE HB   H N N 173 
ILE HG12 H N N 174 
ILE HG13 H N N 175 
ILE HG21 H N N 176 
ILE HG22 H N N 177 
ILE HG23 H N N 178 
ILE HD11 H N N 179 
ILE HD12 H N N 180 
ILE HD13 H N N 181 
ILE HXT  H N N 182 
LEU N    N N N 183 
LEU CA   C N S 184 
LEU C    C N N 185 
LEU O    O N N 186 
LEU CB   C N N 187 
LEU CG   C N N 188 
LEU CD1  C N N 189 
LEU CD2  C N N 190 
LEU OXT  O N N 191 
LEU H    H N N 192 
LEU H2   H N N 193 
LEU HA   H N N 194 
LEU HB2  H N N 195 
LEU HB3  H N N 196 
LEU HG   H N N 197 
LEU HD11 H N N 198 
LEU HD12 H N N 199 
LEU HD13 H N N 200 
LEU HD21 H N N 201 
LEU HD22 H N N 202 
LEU HD23 H N N 203 
LEU HXT  H N N 204 
LYS N    N N N 205 
LYS CA   C N S 206 
LYS C    C N N 207 
LYS O    O N N 208 
LYS CB   C N N 209 
LYS CG   C N N 210 
LYS CD   C N N 211 
LYS CE   C N N 212 
LYS NZ   N N N 213 
LYS OXT  O N N 214 
LYS H    H N N 215 
LYS H2   H N N 216 
LYS HA   H N N 217 
LYS HB2  H N N 218 
LYS HB3  H N N 219 
LYS HG2  H N N 220 
LYS HG3  H N N 221 
LYS HD2  H N N 222 
LYS HD3  H N N 223 
LYS HE2  H N N 224 
LYS HE3  H N N 225 
LYS HZ1  H N N 226 
LYS HZ2  H N N 227 
LYS HZ3  H N N 228 
LYS HXT  H N N 229 
PHE N    N N N 230 
PHE CA   C N S 231 
PHE C    C N N 232 
PHE O    O N N 233 
PHE CB   C N N 234 
PHE CG   C Y N 235 
PHE CD1  C Y N 236 
PHE CD2  C Y N 237 
PHE CE1  C Y N 238 
PHE CE2  C Y N 239 
PHE CZ   C Y N 240 
PHE OXT  O N N 241 
PHE H    H N N 242 
PHE H2   H N N 243 
PHE HA   H N N 244 
PHE HB2  H N N 245 
PHE HB3  H N N 246 
PHE HD1  H N N 247 
PHE HD2  H N N 248 
PHE HE1  H N N 249 
PHE HE2  H N N 250 
PHE HZ   H N N 251 
PHE HXT  H N N 252 
PRO N    N N N 253 
PRO CA   C N S 254 
PRO C    C N N 255 
PRO O    O N N 256 
PRO CB   C N N 257 
PRO CG   C N N 258 
PRO CD   C N N 259 
PRO OXT  O N N 260 
PRO H    H N N 261 
PRO HA   H N N 262 
PRO HB2  H N N 263 
PRO HB3  H N N 264 
PRO HG2  H N N 265 
PRO HG3  H N N 266 
PRO HD2  H N N 267 
PRO HD3  H N N 268 
PRO HXT  H N N 269 
SER N    N N N 270 
SER CA   C N S 271 
SER C    C N N 272 
SER O    O N N 273 
SER CB   C N N 274 
SER OG   O N N 275 
SER OXT  O N N 276 
SER H    H N N 277 
SER H2   H N N 278 
SER HA   H N N 279 
SER HB2  H N N 280 
SER HB3  H N N 281 
SER HG   H N N 282 
SER HXT  H N N 283 
THR N    N N N 284 
THR CA   C N S 285 
THR C    C N N 286 
THR O    O N N 287 
THR CB   C N R 288 
THR OG1  O N N 289 
THR CG2  C N N 290 
THR OXT  O N N 291 
THR H    H N N 292 
THR H2   H N N 293 
THR HA   H N N 294 
THR HB   H N N 295 
THR HG1  H N N 296 
THR HG21 H N N 297 
THR HG22 H N N 298 
THR HG23 H N N 299 
THR HXT  H N N 300 
TRP N    N N N 301 
TRP CA   C N S 302 
TRP C    C N N 303 
TRP O    O N N 304 
TRP CB   C N N 305 
TRP CG   C Y N 306 
TRP CD1  C Y N 307 
TRP CD2  C Y N 308 
TRP NE1  N Y N 309 
TRP CE2  C Y N 310 
TRP CE3  C Y N 311 
TRP CZ2  C Y N 312 
TRP CZ3  C Y N 313 
TRP CH2  C Y N 314 
TRP OXT  O N N 315 
TRP H    H N N 316 
TRP H2   H N N 317 
TRP HA   H N N 318 
TRP HB2  H N N 319 
TRP HB3  H N N 320 
TRP HD1  H N N 321 
TRP HE1  H N N 322 
TRP HE3  H N N 323 
TRP HZ2  H N N 324 
TRP HZ3  H N N 325 
TRP HH2  H N N 326 
TRP HXT  H N N 327 
TYR N    N N N 328 
TYR CA   C N S 329 
TYR C    C N N 330 
TYR O    O N N 331 
TYR CB   C N N 332 
TYR CG   C Y N 333 
TYR CD1  C Y N 334 
TYR CD2  C Y N 335 
TYR CE1  C Y N 336 
TYR CE2  C Y N 337 
TYR CZ   C Y N 338 
TYR OH   O N N 339 
TYR OXT  O N N 340 
TYR H    H N N 341 
TYR H2   H N N 342 
TYR HA   H N N 343 
TYR HB2  H N N 344 
TYR HB3  H N N 345 
TYR HD1  H N N 346 
TYR HD2  H N N 347 
TYR HE1  H N N 348 
TYR HE2  H N N 349 
TYR HH   H N N 350 
TYR HXT  H N N 351 
VAL N    N N N 352 
VAL CA   C N S 353 
VAL C    C N N 354 
VAL O    O N N 355 
VAL CB   C N N 356 
VAL CG1  C N N 357 
VAL CG2  C N N 358 
VAL OXT  O N N 359 
VAL H    H N N 360 
VAL H2   H N N 361 
VAL HA   H N N 362 
VAL HB   H N N 363 
VAL HG11 H N N 364 
VAL HG12 H N N 365 
VAL HG13 H N N 366 
VAL HG21 H N N 367 
VAL HG22 H N N 368 
VAL HG23 H N N 369 
VAL HXT  H N N 370 
# 
loop_
_chem_comp_bond.comp_id 
_chem_comp_bond.atom_id_1 
_chem_comp_bond.atom_id_2 
_chem_comp_bond.value_order 
_chem_comp_bond.pdbx_aromatic_flag 
_chem_comp_bond.pdbx_stereo_config 
_chem_comp_bond.pdbx_ordinal 
ALA N   CA   sing N N 1   
ALA N   H    sing N N 2   
ALA N   H2   sing N N 3   
ALA CA  C    sing N N 4   
ALA CA  CB   sing N N 5   
ALA CA  HA   sing N N 6   
ALA C   O    doub N N 7   
ALA C   OXT  sing N N 8   
ALA CB  HB1  sing N N 9   
ALA CB  HB2  sing N N 10  
ALA CB  HB3  sing N N 11  
ALA OXT HXT  sing N N 12  
ARG N   CA   sing N N 13  
ARG N   H    sing N N 14  
ARG N   H2   sing N N 15  
ARG CA  C    sing N N 16  
ARG CA  CB   sing N N 17  
ARG CA  HA   sing N N 18  
ARG C   O    doub N N 19  
ARG C   OXT  sing N N 20  
ARG CB  CG   sing N N 21  
ARG CB  HB2  sing N N 22  
ARG CB  HB3  sing N N 23  
ARG CG  CD   sing N N 24  
ARG CG  HG2  sing N N 25  
ARG CG  HG3  sing N N 26  
ARG CD  NE   sing N N 27  
ARG CD  HD2  sing N N 28  
ARG CD  HD3  sing N N 29  
ARG NE  CZ   sing N N 30  
ARG NE  HE   sing N N 31  
ARG CZ  NH1  sing N N 32  
ARG CZ  NH2  doub N N 33  
ARG NH1 HH11 sing N N 34  
ARG NH1 HH12 sing N N 35  
ARG NH2 HH21 sing N N 36  
ARG NH2 HH22 sing N N 37  
ARG OXT HXT  sing N N 38  
ASN N   CA   sing N N 39  
ASN N   H    sing N N 40  
ASN N   H2   sing N N 41  
ASN CA  C    sing N N 42  
ASN CA  CB   sing N N 43  
ASN CA  HA   sing N N 44  
ASN C   O    doub N N 45  
ASN C   OXT  sing N N 46  
ASN CB  CG   sing N N 47  
ASN CB  HB2  sing N N 48  
ASN CB  HB3  sing N N 49  
ASN CG  OD1  doub N N 50  
ASN CG  ND2  sing N N 51  
ASN ND2 HD21 sing N N 52  
ASN ND2 HD22 sing N N 53  
ASN OXT HXT  sing N N 54  
ASP N   CA   sing N N 55  
ASP N   H    sing N N 56  
ASP N   H2   sing N N 57  
ASP CA  C    sing N N 58  
ASP CA  CB   sing N N 59  
ASP CA  HA   sing N N 60  
ASP C   O    doub N N 61  
ASP C   OXT  sing N N 62  
ASP CB  CG   sing N N 63  
ASP CB  HB2  sing N N 64  
ASP CB  HB3  sing N N 65  
ASP CG  OD1  doub N N 66  
ASP CG  OD2  sing N N 67  
ASP OD2 HD2  sing N N 68  
ASP OXT HXT  sing N N 69  
CYS N   CA   sing N N 70  
CYS N   H    sing N N 71  
CYS N   H2   sing N N 72  
CYS CA  C    sing N N 73  
CYS CA  CB   sing N N 74  
CYS CA  HA   sing N N 75  
CYS C   O    doub N N 76  
CYS C   OXT  sing N N 77  
CYS CB  SG   sing N N 78  
CYS CB  HB2  sing N N 79  
CYS CB  HB3  sing N N 80  
CYS SG  HG   sing N N 81  
CYS OXT HXT  sing N N 82  
GLN N   CA   sing N N 83  
GLN N   H    sing N N 84  
GLN N   H2   sing N N 85  
GLN CA  C    sing N N 86  
GLN CA  CB   sing N N 87  
GLN CA  HA   sing N N 88  
GLN C   O    doub N N 89  
GLN C   OXT  sing N N 90  
GLN CB  CG   sing N N 91  
GLN CB  HB2  sing N N 92  
GLN CB  HB3  sing N N 93  
GLN CG  CD   sing N N 94  
GLN CG  HG2  sing N N 95  
GLN CG  HG3  sing N N 96  
GLN CD  OE1  doub N N 97  
GLN CD  NE2  sing N N 98  
GLN NE2 HE21 sing N N 99  
GLN NE2 HE22 sing N N 100 
GLN OXT HXT  sing N N 101 
GLU N   CA   sing N N 102 
GLU N   H    sing N N 103 
GLU N   H2   sing N N 104 
GLU CA  C    sing N N 105 
GLU CA  CB   sing N N 106 
GLU CA  HA   sing N N 107 
GLU C   O    doub N N 108 
GLU C   OXT  sing N N 109 
GLU CB  CG   sing N N 110 
GLU CB  HB2  sing N N 111 
GLU CB  HB3  sing N N 112 
GLU CG  CD   sing N N 113 
GLU CG  HG2  sing N N 114 
GLU CG  HG3  sing N N 115 
GLU CD  OE1  doub N N 116 
GLU CD  OE2  sing N N 117 
GLU OE2 HE2  sing N N 118 
GLU OXT HXT  sing N N 119 
GLY N   CA   sing N N 120 
GLY N   H    sing N N 121 
GLY N   H2   sing N N 122 
GLY CA  C    sing N N 123 
GLY CA  HA2  sing N N 124 
GLY CA  HA3  sing N N 125 
GLY C   O    doub N N 126 
GLY C   OXT  sing N N 127 
GLY OXT HXT  sing N N 128 
HIS N   CA   sing N N 129 
HIS N   H    sing N N 130 
HIS N   H2   sing N N 131 
HIS CA  C    sing N N 132 
HIS CA  CB   sing N N 133 
HIS CA  HA   sing N N 134 
HIS C   O    doub N N 135 
HIS C   OXT  sing N N 136 
HIS CB  CG   sing N N 137 
HIS CB  HB2  sing N N 138 
HIS CB  HB3  sing N N 139 
HIS CG  ND1  sing Y N 140 
HIS CG  CD2  doub Y N 141 
HIS ND1 CE1  doub Y N 142 
HIS ND1 HD1  sing N N 143 
HIS CD2 NE2  sing Y N 144 
HIS CD2 HD2  sing N N 145 
HIS CE1 NE2  sing Y N 146 
HIS CE1 HE1  sing N N 147 
HIS NE2 HE2  sing N N 148 
HIS OXT HXT  sing N N 149 
HOH O   H1   sing N N 150 
HOH O   H2   sing N N 151 
ILE N   CA   sing N N 152 
ILE N   H    sing N N 153 
ILE N   H2   sing N N 154 
ILE CA  C    sing N N 155 
ILE CA  CB   sing N N 156 
ILE CA  HA   sing N N 157 
ILE C   O    doub N N 158 
ILE C   OXT  sing N N 159 
ILE CB  CG1  sing N N 160 
ILE CB  CG2  sing N N 161 
ILE CB  HB   sing N N 162 
ILE CG1 CD1  sing N N 163 
ILE CG1 HG12 sing N N 164 
ILE CG1 HG13 sing N N 165 
ILE CG2 HG21 sing N N 166 
ILE CG2 HG22 sing N N 167 
ILE CG2 HG23 sing N N 168 
ILE CD1 HD11 sing N N 169 
ILE CD1 HD12 sing N N 170 
ILE CD1 HD13 sing N N 171 
ILE OXT HXT  sing N N 172 
LEU N   CA   sing N N 173 
LEU N   H    sing N N 174 
LEU N   H2   sing N N 175 
LEU CA  C    sing N N 176 
LEU CA  CB   sing N N 177 
LEU CA  HA   sing N N 178 
LEU C   O    doub N N 179 
LEU C   OXT  sing N N 180 
LEU CB  CG   sing N N 181 
LEU CB  HB2  sing N N 182 
LEU CB  HB3  sing N N 183 
LEU CG  CD1  sing N N 184 
LEU CG  CD2  sing N N 185 
LEU CG  HG   sing N N 186 
LEU CD1 HD11 sing N N 187 
LEU CD1 HD12 sing N N 188 
LEU CD1 HD13 sing N N 189 
LEU CD2 HD21 sing N N 190 
LEU CD2 HD22 sing N N 191 
LEU CD2 HD23 sing N N 192 
LEU OXT HXT  sing N N 193 
LYS N   CA   sing N N 194 
LYS N   H    sing N N 195 
LYS N   H2   sing N N 196 
LYS CA  C    sing N N 197 
LYS CA  CB   sing N N 198 
LYS CA  HA   sing N N 199 
LYS C   O    doub N N 200 
LYS C   OXT  sing N N 201 
LYS CB  CG   sing N N 202 
LYS CB  HB2  sing N N 203 
LYS CB  HB3  sing N N 204 
LYS CG  CD   sing N N 205 
LYS CG  HG2  sing N N 206 
LYS CG  HG3  sing N N 207 
LYS CD  CE   sing N N 208 
LYS CD  HD2  sing N N 209 
LYS CD  HD3  sing N N 210 
LYS CE  NZ   sing N N 211 
LYS CE  HE2  sing N N 212 
LYS CE  HE3  sing N N 213 
LYS NZ  HZ1  sing N N 214 
LYS NZ  HZ2  sing N N 215 
LYS NZ  HZ3  sing N N 216 
LYS OXT HXT  sing N N 217 
PHE N   CA   sing N N 218 
PHE N   H    sing N N 219 
PHE N   H2   sing N N 220 
PHE CA  C    sing N N 221 
PHE CA  CB   sing N N 222 
PHE CA  HA   sing N N 223 
PHE C   O    doub N N 224 
PHE C   OXT  sing N N 225 
PHE CB  CG   sing N N 226 
PHE CB  HB2  sing N N 227 
PHE CB  HB3  sing N N 228 
PHE CG  CD1  doub Y N 229 
PHE CG  CD2  sing Y N 230 
PHE CD1 CE1  sing Y N 231 
PHE CD1 HD1  sing N N 232 
PHE CD2 CE2  doub Y N 233 
PHE CD2 HD2  sing N N 234 
PHE CE1 CZ   doub Y N 235 
PHE CE1 HE1  sing N N 236 
PHE CE2 CZ   sing Y N 237 
PHE CE2 HE2  sing N N 238 
PHE CZ  HZ   sing N N 239 
PHE OXT HXT  sing N N 240 
PRO N   CA   sing N N 241 
PRO N   CD   sing N N 242 
PRO N   H    sing N N 243 
PRO CA  C    sing N N 244 
PRO CA  CB   sing N N 245 
PRO CA  HA   sing N N 246 
PRO C   O    doub N N 247 
PRO C   OXT  sing N N 248 
PRO CB  CG   sing N N 249 
PRO CB  HB2  sing N N 250 
PRO CB  HB3  sing N N 251 
PRO CG  CD   sing N N 252 
PRO CG  HG2  sing N N 253 
PRO CG  HG3  sing N N 254 
PRO CD  HD2  sing N N 255 
PRO CD  HD3  sing N N 256 
PRO OXT HXT  sing N N 257 
SER N   CA   sing N N 258 
SER N   H    sing N N 259 
SER N   H2   sing N N 260 
SER CA  C    sing N N 261 
SER CA  CB   sing N N 262 
SER CA  HA   sing N N 263 
SER C   O    doub N N 264 
SER C   OXT  sing N N 265 
SER CB  OG   sing N N 266 
SER CB  HB2  sing N N 267 
SER CB  HB3  sing N N 268 
SER OG  HG   sing N N 269 
SER OXT HXT  sing N N 270 
THR N   CA   sing N N 271 
THR N   H    sing N N 272 
THR N   H2   sing N N 273 
THR CA  C    sing N N 274 
THR CA  CB   sing N N 275 
THR CA  HA   sing N N 276 
THR C   O    doub N N 277 
THR C   OXT  sing N N 278 
THR CB  OG1  sing N N 279 
THR CB  CG2  sing N N 280 
THR CB  HB   sing N N 281 
THR OG1 HG1  sing N N 282 
THR CG2 HG21 sing N N 283 
THR CG2 HG22 sing N N 284 
THR CG2 HG23 sing N N 285 
THR OXT HXT  sing N N 286 
TRP N   CA   sing N N 287 
TRP N   H    sing N N 288 
TRP N   H2   sing N N 289 
TRP CA  C    sing N N 290 
TRP CA  CB   sing N N 291 
TRP CA  HA   sing N N 292 
TRP C   O    doub N N 293 
TRP C   OXT  sing N N 294 
TRP CB  CG   sing N N 295 
TRP CB  HB2  sing N N 296 
TRP CB  HB3  sing N N 297 
TRP CG  CD1  doub Y N 298 
TRP CG  CD2  sing Y N 299 
TRP CD1 NE1  sing Y N 300 
TRP CD1 HD1  sing N N 301 
TRP CD2 CE2  doub Y N 302 
TRP CD2 CE3  sing Y N 303 
TRP NE1 CE2  sing Y N 304 
TRP NE1 HE1  sing N N 305 
TRP CE2 CZ2  sing Y N 306 
TRP CE3 CZ3  doub Y N 307 
TRP CE3 HE3  sing N N 308 
TRP CZ2 CH2  doub Y N 309 
TRP CZ2 HZ2  sing N N 310 
TRP CZ3 CH2  sing Y N 311 
TRP CZ3 HZ3  sing N N 312 
TRP CH2 HH2  sing N N 313 
TRP OXT HXT  sing N N 314 
TYR N   CA   sing N N 315 
TYR N   H    sing N N 316 
TYR N   H2   sing N N 317 
TYR CA  C    sing N N 318 
TYR CA  CB   sing N N 319 
TYR CA  HA   sing N N 320 
TYR C   O    doub N N 321 
TYR C   OXT  sing N N 322 
TYR CB  CG   sing N N 323 
TYR CB  HB2  sing N N 324 
TYR CB  HB3  sing N N 325 
TYR CG  CD1  doub Y N 326 
TYR CG  CD2  sing Y N 327 
TYR CD1 CE1  sing Y N 328 
TYR CD1 HD1  sing N N 329 
TYR CD2 CE2  doub Y N 330 
TYR CD2 HD2  sing N N 331 
TYR CE1 CZ   doub Y N 332 
TYR CE1 HE1  sing N N 333 
TYR CE2 CZ   sing Y N 334 
TYR CE2 HE2  sing N N 335 
TYR CZ  OH   sing N N 336 
TYR OH  HH   sing N N 337 
TYR OXT HXT  sing N N 338 
VAL N   CA   sing N N 339 
VAL N   H    sing N N 340 
VAL N   H2   sing N N 341 
VAL CA  C    sing N N 342 
VAL CA  CB   sing N N 343 
VAL CA  HA   sing N N 344 
VAL C   O    doub N N 345 
VAL C   OXT  sing N N 346 
VAL CB  CG1  sing N N 347 
VAL CB  CG2  sing N N 348 
VAL CB  HB   sing N N 349 
VAL CG1 HG11 sing N N 350 
VAL CG1 HG12 sing N N 351 
VAL CG1 HG13 sing N N 352 
VAL CG2 HG21 sing N N 353 
VAL CG2 HG22 sing N N 354 
VAL CG2 HG23 sing N N 355 
VAL OXT HXT  sing N N 356 
# 
_pdbx_entity_nonpoly.entity_id   2 
_pdbx_entity_nonpoly.name        water 
_pdbx_entity_nonpoly.comp_id     HOH 
# 
_pdbx_initial_refinement_model.id               1 
_pdbx_initial_refinement_model.entity_id_list   ? 
_pdbx_initial_refinement_model.type             'experimental model' 
_pdbx_initial_refinement_model.source_name      PDB 
_pdbx_initial_refinement_model.accession_code   2Z13 
_pdbx_initial_refinement_model.details          'PDB ENTRY 2Z13' 
# 
